data_2P76
#
_entry.id   2P76
#
_cell.length_a   115.164
_cell.length_b   115.164
_cell.length_c   451.335
_cell.angle_alpha   90.00
_cell.angle_beta   90.00
_cell.angle_gamma   120.00
#
_symmetry.space_group_name_H-M   'P 31 2 1'
#
loop_
_entity.id
_entity.type
_entity.pdbx_description
1 polymer 'Glycerophosphoryl diester phosphodiesterase'
2 non-polymer 'SODIUM ION'
3 non-polymer GLYCEROL
4 water water
#
_entity_poly.entity_id   1
_entity_poly.type   'polypeptide(L)'
_entity_poly.pdbx_seq_one_letter_code
;EQTNQIANKPQAIQWHTNLTNERFTTIAHRGASGYAPEHTFQAYDKSHNELKASYIEIDLQRTKDGHLVAMHDETVNRTT
NGHGKVEDYTLDELKQLDAGSWFNKKYPKYARASYKNAKVPTLDEILERYGPNANYYIETKSPDVYPGMEEQLLASLKKH
HLLNNNKLKNGHVMIQSFSDESLKKIHRQNKHVPLVKLVDKGELQQFNDQRLKEIRSYAIGLGPDYTDLTEQNTHHLKDL
GFIVHPYTVNEKADMLRLNKYGVDGVFTNFADKYKEVIKEGHHHHHH
;
_entity_poly.pdbx_strand_id   A,B,C,D,E,F,G,H
#
loop_
_chem_comp.id
_chem_comp.type
_chem_comp.name
_chem_comp.formula
GOL non-polymer GLYCEROL 'C3 H8 O3'
NA non-polymer 'SODIUM ION' 'Na 1'
#
# COMPACT_ATOMS: atom_id res chain seq x y z
N GLN A 14 61.00 30.73 -8.81
CA GLN A 14 61.26 30.11 -10.14
C GLN A 14 60.15 29.13 -10.57
N TRP A 15 58.97 29.26 -9.97
CA TRP A 15 57.82 28.42 -10.29
C TRP A 15 56.89 29.14 -11.25
N HIS A 16 55.84 28.46 -11.69
CA HIS A 16 54.89 29.06 -12.61
C HIS A 16 53.68 29.61 -11.85
N THR A 17 53.15 30.72 -12.32
CA THR A 17 51.98 31.31 -11.68
C THR A 17 50.84 31.44 -12.68
N ASN A 18 49.62 31.40 -12.18
CA ASN A 18 48.43 31.52 -13.01
C ASN A 18 48.62 32.55 -14.13
N LEU A 19 48.07 32.25 -15.30
CA LEU A 19 48.18 33.14 -16.43
C LEU A 19 47.36 34.39 -16.24
N THR A 20 46.41 34.34 -15.31
CA THR A 20 45.57 35.49 -15.01
C THR A 20 46.37 36.53 -14.23
N ASN A 21 47.57 36.13 -13.81
CA ASN A 21 48.48 36.97 -13.04
C ASN A 21 48.06 37.04 -11.56
N GLU A 22 47.19 36.11 -11.16
CA GLU A 22 46.74 36.03 -9.78
C GLU A 22 47.62 35.04 -9.05
N ARG A 23 47.97 35.34 -7.80
CA ARG A 23 48.79 34.39 -7.05
C ARG A 23 47.89 33.20 -6.74
N PHE A 24 46.65 33.48 -6.38
CA PHE A 24 45.66 32.45 -6.07
C PHE A 24 44.41 32.68 -6.90
N THR A 25 44.10 31.73 -7.76
CA THR A 25 42.94 31.87 -8.62
C THR A 25 41.77 31.10 -8.01
N THR A 26 40.58 31.66 -8.10
CA THR A 26 39.37 31.05 -7.53
C THR A 26 38.49 30.47 -8.63
N ILE A 27 38.52 29.16 -8.77
CA ILE A 27 37.73 28.49 -9.79
C ILE A 27 36.35 28.09 -9.26
N ALA A 28 35.32 28.76 -9.80
CA ALA A 28 33.94 28.51 -9.39
C ALA A 28 33.40 27.19 -9.95
N HIS A 29 33.62 26.11 -9.21
CA HIS A 29 33.18 24.78 -9.62
C HIS A 29 31.71 24.76 -10.04
N ARG A 30 31.46 24.67 -11.33
CA ARG A 30 30.10 24.65 -11.86
C ARG A 30 29.35 25.91 -11.52
N GLY A 31 30.08 26.99 -11.32
CA GLY A 31 29.46 28.26 -11.00
C GLY A 31 29.40 28.41 -9.49
N ALA A 32 28.42 29.16 -9.00
CA ALA A 32 28.27 29.33 -7.55
C ALA A 32 27.52 28.09 -7.09
N SER A 33 28.09 26.94 -7.47
CA SER A 33 27.57 25.62 -7.17
C SER A 33 26.93 25.41 -5.79
N GLY A 34 27.59 25.87 -4.74
CA GLY A 34 27.06 25.70 -3.40
C GLY A 34 25.84 26.54 -3.02
N TYR A 35 25.56 27.58 -3.78
CA TYR A 35 24.43 28.46 -3.48
C TYR A 35 23.33 28.42 -4.53
N ALA A 36 23.67 27.95 -5.72
CA ALA A 36 22.70 27.90 -6.81
C ALA A 36 22.84 26.61 -7.58
N PRO A 37 21.81 26.24 -8.34
CA PRO A 37 21.86 25.01 -9.13
C PRO A 37 23.01 25.02 -10.13
N GLU A 38 23.96 24.12 -9.93
CA GLU A 38 25.14 24.00 -10.79
C GLU A 38 24.83 24.16 -12.28
N HIS A 39 25.79 24.71 -13.01
CA HIS A 39 25.66 24.91 -14.46
C HIS A 39 24.35 25.55 -14.97
N THR A 40 24.04 26.72 -14.42
CA THR A 40 22.85 27.47 -14.84
C THR A 40 23.26 28.92 -14.81
N PHE A 41 22.57 29.75 -15.58
CA PHE A 41 22.90 31.17 -15.59
C PHE A 41 22.91 31.67 -14.16
N GLN A 42 21.98 31.18 -13.35
CA GLN A 42 21.91 31.58 -11.96
C GLN A 42 23.25 31.35 -11.28
N ALA A 43 23.70 30.10 -11.31
CA ALA A 43 24.96 29.74 -10.68
C ALA A 43 26.14 30.52 -11.25
N TYR A 44 26.14 30.74 -12.56
CA TYR A 44 27.23 31.48 -13.18
C TYR A 44 27.14 32.96 -12.85
N ASP A 45 25.94 33.52 -12.92
CA ASP A 45 25.77 34.93 -12.58
C ASP A 45 26.28 35.18 -11.17
N LYS A 46 25.90 34.30 -10.25
CA LYS A 46 26.31 34.46 -8.86
C LYS A 46 27.82 34.46 -8.67
N SER A 47 28.49 33.42 -9.15
CA SER A 47 29.94 33.34 -8.97
C SER A 47 30.72 34.40 -9.74
N HIS A 48 30.19 34.81 -10.88
CA HIS A 48 30.90 35.77 -11.71
C HIS A 48 30.66 37.24 -11.35
N ASN A 49 29.39 37.60 -11.25
CA ASN A 49 28.99 38.96 -10.95
C ASN A 49 29.06 39.31 -9.46
N GLU A 50 28.43 38.46 -8.66
CA GLU A 50 28.35 38.62 -7.22
C GLU A 50 29.64 38.30 -6.50
N LEU A 51 29.96 37.02 -6.36
CA LEU A 51 31.17 36.59 -5.64
C LEU A 51 32.48 36.96 -6.33
N LYS A 52 32.39 37.34 -7.60
CA LYS A 52 33.55 37.73 -8.39
C LYS A 52 34.72 36.72 -8.34
N ALA A 53 34.45 35.50 -8.79
CA ALA A 53 35.48 34.45 -8.81
C ALA A 53 36.29 34.54 -10.10
N SER A 54 37.49 33.98 -10.08
CA SER A 54 38.38 34.01 -11.23
C SER A 54 37.88 33.31 -12.50
N TYR A 55 37.33 32.11 -12.35
CA TYR A 55 36.85 31.35 -13.50
C TYR A 55 35.41 30.87 -13.42
N ILE A 56 34.83 30.66 -14.60
CA ILE A 56 33.49 30.12 -14.73
C ILE A 56 33.81 28.70 -15.18
N GLU A 57 33.63 27.72 -14.30
CA GLU A 57 33.95 26.33 -14.61
C GLU A 57 32.78 25.66 -15.30
N ILE A 58 33.04 25.12 -16.49
CA ILE A 58 31.99 24.47 -17.28
C ILE A 58 32.24 23.00 -17.64
N ASP A 59 31.21 22.17 -17.53
CA ASP A 59 31.30 20.75 -17.85
C ASP A 59 30.49 20.55 -19.12
N LEU A 60 31.12 19.97 -20.13
CA LEU A 60 30.46 19.79 -21.43
C LEU A 60 29.81 18.44 -21.70
N GLN A 61 28.61 18.50 -22.31
CA GLN A 61 27.86 17.33 -22.73
C GLN A 61 27.30 17.76 -24.08
N ARG A 62 26.79 16.84 -24.89
CA ARG A 62 26.25 17.25 -26.17
C ARG A 62 24.85 16.69 -26.41
N THR A 63 24.01 17.47 -27.07
CA THR A 63 22.64 17.04 -27.33
C THR A 63 22.58 16.14 -28.55
N LYS A 64 21.42 15.54 -28.76
CA LYS A 64 21.17 14.64 -29.88
C LYS A 64 21.51 15.34 -31.20
N ASP A 65 21.15 16.62 -31.30
CA ASP A 65 21.44 17.35 -32.51
C ASP A 65 22.76 18.10 -32.43
N GLY A 66 23.65 17.59 -31.59
CA GLY A 66 25.00 18.13 -31.47
C GLY A 66 25.33 19.45 -30.82
N HIS A 67 24.49 19.95 -29.92
CA HIS A 67 24.80 21.21 -29.27
C HIS A 67 25.59 20.99 -28.01
N LEU A 68 26.69 21.71 -27.86
CA LEU A 68 27.49 21.57 -26.64
C LEU A 68 26.71 22.32 -25.56
N VAL A 69 26.48 21.63 -24.44
CA VAL A 69 25.77 22.22 -23.32
C VAL A 69 26.51 21.97 -22.01
N ALA A 70 26.21 22.77 -21.01
CA ALA A 70 26.86 22.61 -19.74
C ALA A 70 26.05 21.69 -18.85
N MET A 71 26.67 20.60 -18.40
CA MET A 71 26.03 19.64 -17.48
C MET A 71 27.10 18.67 -17.03
N HIS A 72 27.11 18.35 -15.75
CA HIS A 72 28.12 17.45 -15.22
C HIS A 72 27.97 15.99 -15.62
N ASP A 73 26.78 15.41 -15.41
CA ASP A 73 26.52 14.01 -15.76
C ASP A 73 26.14 13.84 -17.23
N GLU A 74 26.21 12.59 -17.71
CA GLU A 74 25.86 12.30 -19.11
C GLU A 74 24.35 12.14 -19.21
N THR A 75 23.71 12.14 -18.06
CA THR A 75 22.26 12.02 -17.95
C THR A 75 21.66 13.20 -17.20
N VAL A 76 20.46 13.58 -17.60
CA VAL A 76 19.75 14.72 -17.02
C VAL A 76 19.04 14.41 -15.68
N ASN A 77 19.05 13.13 -15.32
CA ASN A 77 18.38 12.65 -14.11
C ASN A 77 18.61 13.45 -12.82
N ARG A 78 19.87 13.56 -12.42
CA ARG A 78 20.21 14.22 -11.18
C ARG A 78 19.84 15.71 -11.08
N THR A 79 20.04 16.45 -12.16
CA THR A 79 19.78 17.89 -12.11
C THR A 79 18.57 18.44 -12.86
N THR A 80 17.64 17.57 -13.26
CA THR A 80 16.44 18.05 -13.94
C THR A 80 15.24 17.18 -13.63
N ASN A 81 14.09 17.65 -14.12
CA ASN A 81 12.84 16.93 -13.94
C ASN A 81 12.69 15.95 -15.08
N GLY A 82 13.82 15.55 -15.66
CA GLY A 82 13.78 14.60 -16.76
C GLY A 82 14.72 13.44 -16.56
N HIS A 83 14.61 12.44 -17.43
CA HIS A 83 15.46 11.25 -17.37
C HIS A 83 16.02 10.94 -18.74
N GLY A 84 17.19 10.31 -18.77
CA GLY A 84 17.81 9.94 -20.03
C GLY A 84 19.19 10.54 -20.25
N LYS A 85 19.84 10.10 -21.32
CA LYS A 85 21.17 10.58 -21.66
C LYS A 85 21.00 11.92 -22.33
N VAL A 86 21.89 12.86 -22.02
CA VAL A 86 21.82 14.18 -22.62
C VAL A 86 21.68 14.07 -24.13
N GLU A 87 22.41 13.14 -24.72
CA GLU A 87 22.38 12.97 -26.16
C GLU A 87 21.08 12.38 -26.72
N ASP A 88 20.15 12.01 -25.85
CA ASP A 88 18.89 11.50 -26.35
C ASP A 88 17.91 12.66 -26.50
N TYR A 89 18.30 13.82 -25.98
CA TYR A 89 17.49 15.02 -26.04
C TYR A 89 18.01 15.95 -27.12
N THR A 90 17.10 16.65 -27.79
CA THR A 90 17.52 17.63 -28.78
C THR A 90 17.63 18.90 -27.94
N LEU A 91 18.43 19.87 -28.36
CA LEU A 91 18.59 21.09 -27.58
C LEU A 91 17.21 21.60 -27.20
N ASP A 92 16.31 21.59 -28.17
CA ASP A 92 14.97 22.08 -27.94
C ASP A 92 14.25 21.35 -26.81
N GLU A 93 14.37 20.03 -26.78
CA GLU A 93 13.73 19.25 -25.75
C GLU A 93 14.41 19.52 -24.41
N LEU A 94 15.73 19.52 -24.42
CA LEU A 94 16.48 19.75 -23.21
C LEU A 94 16.10 21.08 -22.58
N LYS A 95 15.75 22.04 -23.41
CA LYS A 95 15.35 23.37 -22.93
C LYS A 95 14.01 23.38 -22.21
N GLN A 96 13.27 22.29 -22.32
CA GLN A 96 11.98 22.19 -21.65
C GLN A 96 12.20 21.80 -20.19
N LEU A 97 13.30 21.11 -19.92
CA LEU A 97 13.60 20.66 -18.56
C LEU A 97 13.74 21.78 -17.55
N ASP A 98 13.59 21.40 -16.29
CA ASP A 98 13.71 22.30 -15.15
C ASP A 98 15.05 21.89 -14.54
N ALA A 99 16.05 22.75 -14.66
CA ALA A 99 17.38 22.45 -14.16
C ALA A 99 17.66 23.12 -12.82
N GLY A 100 16.60 23.63 -12.18
CA GLY A 100 16.78 24.30 -10.90
C GLY A 100 16.06 23.72 -9.68
N SER A 101 14.80 23.33 -9.85
CA SER A 101 14.03 22.79 -8.74
C SER A 101 14.79 21.76 -7.88
N TRP A 102 15.46 20.83 -8.54
CA TRP A 102 16.21 19.80 -7.83
C TRP A 102 17.14 20.37 -6.77
N PHE A 103 17.66 21.58 -7.01
CA PHE A 103 18.57 22.21 -6.06
C PHE A 103 17.83 22.64 -4.80
N ASN A 104 16.64 23.21 -4.96
CA ASN A 104 15.84 23.63 -3.81
C ASN A 104 15.55 22.42 -2.93
N LYS A 105 15.16 21.32 -3.54
CA LYS A 105 14.84 20.11 -2.79
C LYS A 105 16.04 19.49 -2.08
N LYS A 106 17.21 19.53 -2.70
CA LYS A 106 18.38 18.95 -2.07
C LYS A 106 19.05 19.83 -1.05
N TYR A 107 18.97 21.14 -1.24
CA TYR A 107 19.59 22.10 -0.34
C TYR A 107 18.58 23.13 0.11
N PRO A 108 17.57 22.71 0.90
CA PRO A 108 16.53 23.60 1.40
C PRO A 108 17.04 24.89 2.00
N LYS A 109 18.23 24.86 2.58
CA LYS A 109 18.75 26.05 3.20
C LYS A 109 19.23 27.11 2.23
N TYR A 110 19.36 26.75 0.96
CA TYR A 110 19.80 27.73 -0.05
C TYR A 110 18.73 27.91 -1.12
N ALA A 111 17.67 27.12 -0.99
CA ALA A 111 16.57 27.15 -1.93
C ALA A 111 16.18 28.57 -2.30
N ARG A 112 15.52 28.71 -3.44
CA ARG A 112 15.10 30.01 -3.91
C ARG A 112 14.05 29.82 -4.99
N ALA A 113 12.97 30.59 -4.89
CA ALA A 113 11.87 30.48 -5.85
C ALA A 113 12.32 30.71 -7.27
N SER A 114 13.23 31.65 -7.48
CA SER A 114 13.72 31.97 -8.80
C SER A 114 14.45 30.80 -9.45
N TYR A 115 14.93 29.87 -8.64
CA TYR A 115 15.65 28.73 -9.18
C TYR A 115 14.74 27.81 -9.96
N LYS A 116 13.45 27.87 -9.70
CA LYS A 116 12.55 26.99 -10.43
C LYS A 116 12.60 27.28 -11.91
N ASN A 117 12.56 26.21 -12.68
CA ASN A 117 12.61 26.30 -14.13
C ASN A 117 13.87 26.93 -14.72
N ALA A 118 14.98 26.82 -14.00
CA ALA A 118 16.25 27.33 -14.50
C ALA A 118 16.50 26.41 -15.71
N LYS A 119 17.16 26.94 -16.74
CA LYS A 119 17.41 26.15 -17.93
C LYS A 119 18.86 25.67 -18.06
N VAL A 120 19.04 24.60 -18.84
CA VAL A 120 20.37 24.08 -19.12
C VAL A 120 20.92 25.05 -20.16
N PRO A 121 22.16 25.54 -19.94
CA PRO A 121 22.74 26.49 -20.90
C PRO A 121 23.64 25.82 -21.93
N THR A 122 23.71 26.40 -23.12
CA THR A 122 24.59 25.86 -24.15
C THR A 122 25.91 26.58 -23.95
N LEU A 123 26.99 26.00 -24.46
CA LEU A 123 28.30 26.61 -24.32
C LEU A 123 28.26 27.96 -25.00
N ASP A 124 27.57 28.01 -26.13
CA ASP A 124 27.49 29.26 -26.87
C ASP A 124 26.85 30.34 -26.01
N GLU A 125 25.69 30.05 -25.42
CA GLU A 125 25.00 31.01 -24.57
C GLU A 125 25.91 31.50 -23.45
N ILE A 126 26.64 30.58 -22.83
CA ILE A 126 27.54 30.94 -21.76
C ILE A 126 28.58 31.96 -22.21
N LEU A 127 29.32 31.62 -23.28
CA LEU A 127 30.37 32.52 -23.81
C LEU A 127 29.72 33.84 -24.21
N GLU A 128 28.56 33.73 -24.84
CA GLU A 128 27.77 34.86 -25.28
C GLU A 128 27.50 35.81 -24.12
N ARG A 129 26.92 35.25 -23.08
CA ARG A 129 26.53 35.99 -21.87
C ARG A 129 27.62 36.68 -21.06
N TYR A 130 28.69 35.96 -20.75
CA TYR A 130 29.75 36.56 -19.94
C TYR A 130 30.86 37.26 -20.73
N GLY A 131 30.76 37.21 -22.05
CA GLY A 131 31.73 37.89 -22.89
C GLY A 131 33.18 37.45 -22.89
N PRO A 132 33.98 38.05 -23.78
CA PRO A 132 35.40 37.80 -23.97
C PRO A 132 36.32 38.27 -22.87
N ASN A 133 35.76 38.85 -21.83
CA ASN A 133 36.62 39.29 -20.74
C ASN A 133 36.58 38.38 -19.53
N ALA A 134 35.63 37.45 -19.54
CA ALA A 134 35.51 36.48 -18.46
C ALA A 134 36.62 35.45 -18.63
N ASN A 135 36.74 34.52 -17.68
CA ASN A 135 37.73 33.47 -17.80
C ASN A 135 36.99 32.16 -17.67
N TYR A 136 37.21 31.27 -18.62
CA TYR A 136 36.51 30.01 -18.62
C TYR A 136 37.42 28.82 -18.38
N TYR A 137 36.90 27.85 -17.65
CA TYR A 137 37.62 26.63 -17.34
C TYR A 137 36.69 25.54 -17.85
N ILE A 138 36.93 25.08 -19.06
CA ILE A 138 36.07 24.07 -19.70
C ILE A 138 36.62 22.63 -19.75
N GLU A 139 35.75 21.68 -19.39
CA GLU A 139 36.11 20.25 -19.33
C GLU A 139 35.53 19.40 -20.47
N THR A 140 36.38 18.57 -21.05
CA THR A 140 36.00 17.68 -22.15
C THR A 140 36.03 16.22 -21.72
N LYS A 141 35.27 15.37 -22.42
CA LYS A 141 35.25 13.91 -22.14
C LYS A 141 36.15 13.18 -23.17
N SER A 142 36.05 11.86 -23.25
CA SER A 142 36.89 11.11 -24.18
C SER A 142 36.48 11.32 -25.62
N PRO A 143 37.48 11.43 -26.53
CA PRO A 143 37.27 11.65 -27.98
C PRO A 143 36.37 10.58 -28.61
N ASP A 144 36.02 9.59 -27.79
CA ASP A 144 35.17 8.50 -28.22
C ASP A 144 33.73 8.70 -27.74
N VAL A 145 33.55 9.31 -26.58
CA VAL A 145 32.20 9.53 -26.07
C VAL A 145 31.42 10.54 -26.89
N TYR A 146 32.08 11.64 -27.25
CA TYR A 146 31.44 12.70 -28.05
C TYR A 146 32.38 13.14 -29.18
N PRO A 147 32.57 12.29 -30.20
CA PRO A 147 33.45 12.60 -31.33
C PRO A 147 33.16 13.98 -31.94
N GLY A 148 34.18 14.81 -31.97
CA GLY A 148 34.04 16.14 -32.52
C GLY A 148 33.93 17.22 -31.44
N MET A 149 33.79 16.79 -30.19
CA MET A 149 33.66 17.73 -29.09
C MET A 149 34.79 18.75 -29.11
N GLU A 150 36.04 18.28 -29.14
CA GLU A 150 37.19 19.18 -29.16
C GLU A 150 37.11 20.19 -30.31
N GLU A 151 36.95 19.69 -31.54
CA GLU A 151 36.87 20.58 -32.69
C GLU A 151 35.77 21.61 -32.48
N GLN A 152 34.65 21.19 -31.89
CA GLN A 152 33.53 22.09 -31.64
C GLN A 152 33.87 23.13 -30.58
N LEU A 153 34.48 22.69 -29.48
CA LEU A 153 34.84 23.61 -28.41
C LEU A 153 35.71 24.72 -28.97
N LEU A 154 36.79 24.35 -29.65
CA LEU A 154 37.69 25.33 -30.21
C LEU A 154 36.99 26.25 -31.19
N ALA A 155 36.12 25.70 -32.03
CA ALA A 155 35.42 26.53 -33.00
C ALA A 155 34.57 27.56 -32.26
N SER A 156 33.90 27.11 -31.20
CA SER A 156 33.05 27.98 -30.41
C SER A 156 33.88 29.07 -29.75
N LEU A 157 35.00 28.67 -29.15
CA LEU A 157 35.88 29.62 -28.50
C LEU A 157 36.31 30.68 -29.50
N LYS A 158 36.70 30.25 -30.69
CA LYS A 158 37.16 31.17 -31.71
C LYS A 158 36.04 32.12 -32.09
N LYS A 159 34.85 31.59 -32.26
CA LYS A 159 33.71 32.41 -32.62
C LYS A 159 33.58 33.58 -31.66
N HIS A 160 33.76 33.31 -30.37
CA HIS A 160 33.63 34.31 -29.32
C HIS A 160 34.91 35.06 -28.98
N HIS A 161 35.86 35.06 -29.92
CA HIS A 161 37.10 35.79 -29.77
C HIS A 161 37.97 35.42 -28.59
N LEU A 162 37.81 34.20 -28.08
CA LEU A 162 38.60 33.78 -26.95
C LEU A 162 39.85 33.03 -27.36
N LEU A 163 40.03 32.82 -28.66
CA LEU A 163 41.21 32.11 -29.13
C LEU A 163 42.34 33.03 -29.53
N ASN A 164 42.07 34.33 -29.53
CA ASN A 164 43.10 35.30 -29.84
C ASN A 164 44.28 35.08 -28.88
N ASN A 165 45.50 35.06 -29.41
CA ASN A 165 46.67 34.82 -28.57
C ASN A 165 46.73 35.66 -27.34
N ASN A 166 46.29 36.90 -27.45
CA ASN A 166 46.29 37.82 -26.32
C ASN A 166 45.46 37.20 -25.19
N LYS A 167 44.19 36.90 -25.48
CA LYS A 167 43.28 36.30 -24.51
C LYS A 167 43.85 35.01 -23.95
N LEU A 168 44.48 34.20 -24.80
CA LEU A 168 45.02 32.92 -24.36
C LEU A 168 46.14 32.99 -23.36
N LYS A 169 47.07 33.93 -23.51
CA LYS A 169 48.16 34.00 -22.54
C LYS A 169 47.85 34.80 -21.28
N ASN A 170 46.61 35.31 -21.21
CA ASN A 170 46.16 36.04 -20.04
C ASN A 170 45.25 35.15 -19.20
N GLY A 171 45.17 33.88 -19.59
CA GLY A 171 44.37 32.90 -18.88
C GLY A 171 42.88 32.92 -19.08
N HIS A 172 42.39 33.60 -20.11
CA HIS A 172 40.96 33.64 -20.36
C HIS A 172 40.39 32.28 -20.70
N VAL A 173 41.26 31.34 -21.05
CA VAL A 173 40.84 29.99 -21.39
C VAL A 173 41.75 28.91 -20.80
N MET A 174 41.14 27.95 -20.14
CA MET A 174 41.84 26.81 -19.56
C MET A 174 40.96 25.60 -19.88
N ILE A 175 41.43 24.73 -20.76
CA ILE A 175 40.69 23.52 -21.10
C ILE A 175 41.22 22.39 -20.24
N GLN A 176 40.32 21.72 -19.55
CA GLN A 176 40.69 20.65 -18.63
C GLN A 176 40.06 19.34 -19.03
N SER A 177 40.70 18.24 -18.66
CA SER A 177 40.15 16.92 -18.96
C SER A 177 40.90 15.81 -18.26
N PHE A 178 40.22 14.68 -18.06
CA PHE A 178 40.83 13.51 -17.45
C PHE A 178 41.44 12.70 -18.58
N SER A 179 40.98 12.95 -19.80
CA SER A 179 41.44 12.23 -20.99
C SER A 179 42.66 12.83 -21.64
N ASP A 180 43.79 12.13 -21.50
CA ASP A 180 45.04 12.60 -22.11
C ASP A 180 44.84 12.68 -23.61
N GLU A 181 44.04 11.76 -24.12
CA GLU A 181 43.76 11.69 -25.54
C GLU A 181 43.10 12.99 -26.01
N SER A 182 42.11 13.44 -25.26
CA SER A 182 41.38 14.65 -25.58
C SER A 182 42.30 15.85 -25.56
N LEU A 183 43.11 15.95 -24.51
CA LEU A 183 44.04 17.07 -24.38
C LEU A 183 45.08 17.07 -25.50
N LYS A 184 45.65 15.90 -25.77
CA LYS A 184 46.64 15.79 -26.84
C LYS A 184 46.07 16.16 -28.20
N LYS A 185 44.81 15.80 -28.43
CA LYS A 185 44.17 16.14 -29.68
C LYS A 185 44.11 17.67 -29.81
N ILE A 186 43.70 18.34 -28.73
CA ILE A 186 43.59 19.79 -28.72
C ILE A 186 44.96 20.44 -28.87
N HIS A 187 45.94 19.89 -28.18
CA HIS A 187 47.28 20.45 -28.24
C HIS A 187 47.83 20.42 -29.66
N ARG A 188 47.55 19.35 -30.39
CA ARG A 188 48.00 19.23 -31.76
C ARG A 188 47.31 20.26 -32.62
N GLN A 189 46.00 20.35 -32.47
CA GLN A 189 45.20 21.27 -33.25
C GLN A 189 45.49 22.75 -32.93
N ASN A 190 45.88 23.04 -31.68
CA ASN A 190 46.21 24.41 -31.28
C ASN A 190 47.10 24.39 -30.05
N LYS A 191 48.40 24.48 -30.29
CA LYS A 191 49.39 24.44 -29.22
C LYS A 191 49.31 25.58 -28.22
N HIS A 192 48.57 26.63 -28.56
CA HIS A 192 48.46 27.80 -27.71
C HIS A 192 47.38 27.83 -26.63
N VAL A 193 46.50 26.84 -26.63
CA VAL A 193 45.46 26.81 -25.63
C VAL A 193 45.99 26.12 -24.38
N PRO A 194 45.94 26.80 -23.22
CA PRO A 194 46.42 26.22 -21.96
C PRO A 194 45.61 24.97 -21.64
N LEU A 195 46.29 23.86 -21.33
CA LEU A 195 45.59 22.62 -21.02
C LEU A 195 45.87 22.17 -19.61
N VAL A 196 44.86 21.57 -18.99
CA VAL A 196 44.99 21.10 -17.63
C VAL A 196 44.58 19.65 -17.55
N LYS A 197 45.48 18.83 -17.02
CA LYS A 197 45.25 17.41 -16.86
C LYS A 197 44.59 17.14 -15.51
N LEU A 198 43.39 16.56 -15.55
CA LEU A 198 42.67 16.23 -14.32
C LEU A 198 43.10 14.86 -13.85
N VAL A 199 43.62 14.80 -12.64
CA VAL A 199 44.06 13.54 -12.06
C VAL A 199 42.95 12.99 -11.19
N ASP A 200 42.81 11.67 -11.18
CA ASP A 200 41.75 11.06 -10.38
C ASP A 200 42.17 10.84 -8.93
N LYS A 201 41.21 10.43 -8.11
CA LYS A 201 41.46 10.18 -6.70
C LYS A 201 42.38 8.98 -6.52
N GLY A 202 43.55 9.23 -5.94
CA GLY A 202 44.52 8.17 -5.73
C GLY A 202 45.45 8.01 -6.93
N GLU A 203 44.97 8.42 -8.10
CA GLU A 203 45.77 8.31 -9.32
C GLU A 203 47.03 9.17 -9.31
N LEU A 204 47.03 10.27 -8.56
CA LEU A 204 48.20 11.15 -8.52
C LEU A 204 49.49 10.42 -8.19
N GLN A 205 49.43 9.61 -7.14
CA GLN A 205 50.58 8.83 -6.68
C GLN A 205 51.03 7.88 -7.79
N GLN A 206 50.07 7.08 -8.26
CA GLN A 206 50.31 6.10 -9.30
C GLN A 206 51.29 6.47 -10.42
N PHE A 207 51.40 7.74 -10.79
CA PHE A 207 52.37 8.00 -11.85
C PHE A 207 53.61 8.82 -11.53
N ASN A 208 54.72 8.23 -11.94
CA ASN A 208 56.09 8.71 -11.79
C ASN A 208 56.45 10.00 -12.49
N ASP A 209 57.75 10.29 -12.50
CA ASP A 209 58.30 11.50 -13.10
C ASP A 209 58.26 11.48 -14.62
N GLN A 210 58.54 10.33 -15.22
CA GLN A 210 58.52 10.26 -16.68
C GLN A 210 57.10 10.59 -17.15
N ARG A 211 56.11 10.06 -16.42
CA ARG A 211 54.71 10.30 -16.72
C ARG A 211 54.43 11.80 -16.62
N LEU A 212 54.77 12.39 -15.48
CA LEU A 212 54.56 13.81 -15.28
C LEU A 212 55.28 14.61 -16.37
N LYS A 213 56.50 14.21 -16.68
CA LYS A 213 57.29 14.88 -17.70
C LYS A 213 56.54 14.98 -19.02
N GLU A 214 55.88 13.89 -19.40
CA GLU A 214 55.14 13.87 -20.64
C GLU A 214 53.84 14.64 -20.55
N ILE A 215 53.13 14.49 -19.43
CA ILE A 215 51.88 15.23 -19.24
C ILE A 215 52.21 16.72 -19.38
N ARG A 216 53.33 17.10 -18.78
CA ARG A 216 53.78 18.48 -18.80
C ARG A 216 54.14 18.94 -20.20
N SER A 217 54.27 18.01 -21.15
CA SER A 217 54.61 18.41 -22.51
C SER A 217 53.43 19.00 -23.29
N TYR A 218 52.21 18.72 -22.82
CA TYR A 218 51.03 19.26 -23.49
C TYR A 218 50.11 20.05 -22.55
N ALA A 219 50.29 19.87 -21.24
CA ALA A 219 49.47 20.58 -20.25
C ALA A 219 50.30 21.42 -19.29
N ILE A 220 49.98 22.70 -19.20
CA ILE A 220 50.69 23.59 -18.28
C ILE A 220 50.19 23.36 -16.85
N GLY A 221 48.96 22.88 -16.73
CA GLY A 221 48.41 22.65 -15.42
C GLY A 221 48.02 21.23 -15.10
N LEU A 222 47.92 20.96 -13.80
CA LEU A 222 47.54 19.65 -13.30
C LEU A 222 46.50 19.83 -12.20
N GLY A 223 45.36 19.16 -12.33
CA GLY A 223 44.31 19.29 -11.33
C GLY A 223 43.98 17.97 -10.66
N PRO A 224 44.66 17.66 -9.55
CA PRO A 224 44.47 16.43 -8.78
C PRO A 224 43.39 16.57 -7.72
N ASP A 225 42.88 15.43 -7.21
CA ASP A 225 41.89 15.47 -6.15
C ASP A 225 42.68 16.08 -5.01
N TYR A 226 42.14 17.11 -4.38
CA TYR A 226 42.87 17.79 -3.31
C TYR A 226 43.36 16.92 -2.16
N THR A 227 42.66 15.82 -1.89
CA THR A 227 43.06 14.93 -0.80
C THR A 227 44.37 14.19 -1.05
N ASP A 228 44.79 14.09 -2.31
CA ASP A 228 46.03 13.39 -2.62
C ASP A 228 47.23 14.32 -2.48
N LEU A 229 46.98 15.59 -2.25
CA LEU A 229 48.07 16.54 -2.12
C LEU A 229 48.66 16.59 -0.72
N THR A 230 49.97 16.86 -0.69
CA THR A 230 50.74 16.98 0.54
C THR A 230 51.79 18.02 0.21
N GLU A 231 52.30 18.72 1.20
CA GLU A 231 53.28 19.77 0.91
C GLU A 231 54.43 19.33 0.00
N GLN A 232 54.92 18.11 0.16
CA GLN A 232 56.02 17.65 -0.66
C GLN A 232 55.69 17.43 -2.14
N ASN A 233 54.72 16.56 -2.45
CA ASN A 233 54.37 16.33 -3.85
C ASN A 233 53.96 17.64 -4.52
N THR A 234 53.29 18.50 -3.78
CA THR A 234 52.86 19.78 -4.30
C THR A 234 54.08 20.56 -4.75
N HIS A 235 55.10 20.57 -3.91
CA HIS A 235 56.34 21.26 -4.24
C HIS A 235 56.95 20.62 -5.48
N HIS A 236 56.98 19.29 -5.47
CA HIS A 236 57.55 18.54 -6.58
C HIS A 236 56.88 18.91 -7.90
N LEU A 237 55.55 18.87 -7.92
CA LEU A 237 54.80 19.21 -9.11
C LEU A 237 55.14 20.64 -9.54
N LYS A 238 55.11 21.57 -8.59
CA LYS A 238 55.43 22.96 -8.87
C LYS A 238 56.82 23.06 -9.49
N ASP A 239 57.71 22.21 -9.02
CA ASP A 239 59.10 22.16 -9.52
C ASP A 239 59.14 21.69 -10.97
N LEU A 240 58.26 20.74 -11.29
CA LEU A 240 58.19 20.21 -12.64
C LEU A 240 57.56 21.20 -13.60
N GLY A 241 57.30 22.42 -13.12
CA GLY A 241 56.71 23.45 -13.96
C GLY A 241 55.20 23.51 -14.01
N PHE A 242 54.54 22.68 -13.23
CA PHE A 242 53.08 22.66 -13.20
C PHE A 242 52.44 23.81 -12.45
N ILE A 243 51.17 24.02 -12.77
CA ILE A 243 50.33 25.00 -12.11
C ILE A 243 49.39 24.02 -11.46
N VAL A 244 49.16 24.15 -10.17
CA VAL A 244 48.29 23.19 -9.48
C VAL A 244 46.97 23.76 -8.98
N HIS A 245 45.88 23.11 -9.38
CA HIS A 245 44.54 23.50 -8.98
C HIS A 245 43.81 22.25 -8.52
N PRO A 246 43.98 21.87 -7.25
CA PRO A 246 43.32 20.68 -6.69
C PRO A 246 41.80 20.84 -6.76
N TYR A 247 41.05 19.74 -6.82
CA TYR A 247 39.61 19.93 -6.93
C TYR A 247 38.64 19.58 -5.84
N THR A 248 37.71 20.53 -5.80
CA THR A 248 36.55 20.69 -4.92
C THR A 248 36.88 20.71 -3.46
N VAL A 249 37.44 21.86 -3.09
CA VAL A 249 37.84 22.19 -1.74
C VAL A 249 36.77 23.16 -1.25
N ASN A 250 35.96 22.74 -0.29
CA ASN A 250 34.93 23.63 0.20
C ASN A 250 35.10 24.02 1.67
N GLU A 251 36.15 23.49 2.30
CA GLU A 251 36.44 23.79 3.71
C GLU A 251 37.56 24.82 3.88
N LYS A 252 37.28 25.91 4.58
CA LYS A 252 38.27 26.96 4.80
C LYS A 252 39.60 26.39 5.29
N ALA A 253 39.51 25.43 6.20
CA ALA A 253 40.71 24.80 6.76
C ALA A 253 41.62 24.24 5.67
N ASP A 254 41.04 23.43 4.80
CA ASP A 254 41.76 22.82 3.69
C ASP A 254 42.29 23.90 2.74
N MET A 255 41.46 24.90 2.48
CA MET A 255 41.86 26.00 1.59
C MET A 255 43.17 26.59 2.12
N LEU A 256 43.21 26.90 3.41
CA LEU A 256 44.41 27.46 3.98
C LEU A 256 45.59 26.50 3.89
N ARG A 257 45.37 25.24 4.28
CA ARG A 257 46.43 24.24 4.23
C ARG A 257 47.06 24.17 2.86
N LEU A 258 46.21 23.91 1.87
CA LEU A 258 46.64 23.79 0.48
C LEU A 258 47.40 25.03 0.00
N ASN A 259 46.89 26.22 0.29
CA ASN A 259 47.58 27.43 -0.13
C ASN A 259 49.00 27.42 0.42
N LYS A 260 49.16 26.92 1.64
CA LYS A 260 50.47 26.84 2.27
C LYS A 260 51.35 25.86 1.51
N TYR A 261 50.77 24.76 1.04
CA TYR A 261 51.54 23.79 0.28
C TYR A 261 52.15 24.49 -0.94
N GLY A 262 51.41 25.44 -1.51
CA GLY A 262 51.90 26.17 -2.66
C GLY A 262 51.03 26.15 -3.91
N VAL A 263 49.83 25.56 -3.81
CA VAL A 263 48.92 25.48 -4.95
C VAL A 263 48.66 26.87 -5.51
N ASP A 264 48.08 26.91 -6.70
CA ASP A 264 47.83 28.18 -7.37
C ASP A 264 46.35 28.57 -7.34
N GLY A 265 45.54 27.74 -6.71
CA GLY A 265 44.13 28.02 -6.63
C GLY A 265 43.37 26.73 -6.40
N VAL A 266 42.05 26.80 -6.41
CA VAL A 266 41.25 25.59 -6.21
C VAL A 266 39.89 25.68 -6.90
N PHE A 267 39.30 24.52 -7.08
CA PHE A 267 37.96 24.44 -7.64
C PHE A 267 37.15 24.45 -6.36
N THR A 268 36.08 25.23 -6.30
CA THR A 268 35.28 25.24 -5.08
C THR A 268 33.84 25.61 -5.34
N ASN A 269 32.96 25.08 -4.51
CA ASN A 269 31.55 25.40 -4.64
C ASN A 269 31.19 26.64 -3.80
N PHE A 270 32.20 27.19 -3.14
CA PHE A 270 32.03 28.37 -2.29
C PHE A 270 33.13 29.38 -2.58
N ALA A 271 32.95 30.11 -3.68
CA ALA A 271 33.93 31.09 -4.11
C ALA A 271 34.34 32.05 -3.01
N ASP A 272 33.36 32.62 -2.32
CA ASP A 272 33.63 33.56 -1.24
C ASP A 272 34.53 32.99 -0.14
N LYS A 273 34.26 31.78 0.31
CA LYS A 273 35.08 31.20 1.36
C LYS A 273 36.53 31.20 0.94
N TYR A 274 36.80 30.83 -0.31
CA TYR A 274 38.18 30.79 -0.75
C TYR A 274 38.75 32.19 -0.92
N LYS A 275 37.96 33.11 -1.46
CA LYS A 275 38.47 34.46 -1.63
C LYS A 275 38.81 35.08 -0.27
N GLU A 276 38.06 34.71 0.76
CA GLU A 276 38.30 35.23 2.10
C GLU A 276 39.60 34.63 2.63
N VAL A 277 39.76 33.33 2.45
CA VAL A 277 40.97 32.67 2.90
C VAL A 277 42.19 33.32 2.25
N ILE A 278 42.01 33.86 1.04
CA ILE A 278 43.11 34.50 0.33
C ILE A 278 43.37 35.88 0.92
N LYS A 279 42.28 36.58 1.25
CA LYS A 279 42.33 37.91 1.85
C LYS A 279 43.15 37.92 3.13
N GLU A 280 43.09 36.83 3.88
CA GLU A 280 43.81 36.70 5.14
C GLU A 280 45.17 36.02 4.94
N GLN B 14 -16.51 37.51 20.35
CA GLN B 14 -15.63 37.28 21.55
C GLN B 14 -15.55 35.80 21.96
N TRP B 15 -15.92 34.90 21.04
CA TRP B 15 -15.88 33.46 21.30
C TRP B 15 -14.60 32.86 20.73
N HIS B 16 -14.41 31.57 20.95
CA HIS B 16 -13.22 30.89 20.44
C HIS B 16 -13.51 30.18 19.13
N THR B 17 -12.54 30.20 18.22
CA THR B 17 -12.72 29.53 16.95
C THR B 17 -11.65 28.46 16.74
N ASN B 18 -11.99 27.42 15.99
CA ASN B 18 -11.08 26.32 15.71
C ASN B 18 -9.65 26.81 15.52
N LEU B 19 -8.69 26.02 15.98
CA LEU B 19 -7.28 26.41 15.85
C LEU B 19 -6.82 26.32 14.41
N THR B 20 -7.57 25.57 13.61
CA THR B 20 -7.24 25.40 12.20
C THR B 20 -7.56 26.67 11.44
N ASN B 21 -8.23 27.61 12.13
CA ASN B 21 -8.65 28.90 11.59
C ASN B 21 -9.89 28.75 10.69
N GLU B 22 -10.57 27.60 10.80
CA GLU B 22 -11.77 27.34 10.03
C GLU B 22 -12.95 27.76 10.89
N ARG B 23 -13.97 28.36 10.29
CA ARG B 23 -15.14 28.74 11.07
C ARG B 23 -15.84 27.42 11.42
N PHE B 24 -15.91 26.52 10.46
CA PHE B 24 -16.54 25.21 10.64
C PHE B 24 -15.58 24.11 10.25
N THR B 25 -15.19 23.30 11.23
CA THR B 25 -14.26 22.22 10.94
C THR B 25 -15.03 20.92 10.70
N THR B 26 -14.55 20.12 9.76
CA THR B 26 -15.20 18.85 9.40
C THR B 26 -14.41 17.67 9.94
N ILE B 27 -14.89 17.07 11.02
CA ILE B 27 -14.18 15.94 11.61
C ILE B 27 -14.67 14.62 11.03
N ALA B 28 -13.80 13.96 10.28
CA ALA B 28 -14.12 12.68 9.64
C ALA B 28 -14.14 11.51 10.64
N HIS B 29 -15.29 11.32 11.27
CA HIS B 29 -15.47 10.26 12.26
C HIS B 29 -14.96 8.90 11.74
N ARG B 30 -13.82 8.47 12.27
CA ARG B 30 -13.21 7.19 11.88
C ARG B 30 -12.87 7.16 10.40
N GLY B 31 -12.64 8.34 9.83
CA GLY B 31 -12.30 8.44 8.42
C GLY B 31 -13.57 8.64 7.61
N ALA B 32 -13.57 8.17 6.37
CA ALA B 32 -14.76 8.30 5.53
C ALA B 32 -15.66 7.13 5.93
N SER B 33 -15.91 7.06 7.24
CA SER B 33 -16.70 6.02 7.89
C SER B 33 -17.95 5.53 7.15
N GLY B 34 -18.74 6.47 6.63
CA GLY B 34 -19.95 6.12 5.92
C GLY B 34 -19.79 5.49 4.54
N TYR B 35 -18.61 5.63 3.94
CA TYR B 35 -18.37 5.08 2.61
C TYR B 35 -17.35 3.94 2.58
N ALA B 36 -16.52 3.88 3.61
CA ALA B 36 -15.50 2.86 3.69
C ALA B 36 -15.40 2.29 5.10
N PRO B 37 -14.77 1.12 5.24
CA PRO B 37 -14.62 0.49 6.54
C PRO B 37 -13.84 1.38 7.52
N GLU B 38 -14.53 1.82 8.57
CA GLU B 38 -13.93 2.69 9.58
C GLU B 38 -12.51 2.30 9.96
N HIS B 39 -11.70 3.30 10.31
CA HIS B 39 -10.33 3.09 10.73
C HIS B 39 -9.45 2.19 9.86
N THR B 40 -9.40 2.49 8.57
CA THR B 40 -8.57 1.76 7.62
C THR B 40 -7.98 2.81 6.68
N PHE B 41 -6.84 2.48 6.07
CA PHE B 41 -6.22 3.43 5.15
C PHE B 41 -7.28 3.85 4.13
N GLN B 42 -8.13 2.91 3.72
CA GLN B 42 -9.18 3.22 2.76
C GLN B 42 -10.02 4.37 3.28
N ALA B 43 -10.61 4.19 4.46
CA ALA B 43 -11.45 5.21 5.06
C ALA B 43 -10.72 6.53 5.25
N TYR B 44 -9.46 6.46 5.67
CA TYR B 44 -8.70 7.69 5.89
C TYR B 44 -8.35 8.35 4.55
N ASP B 45 -7.90 7.55 3.59
CA ASP B 45 -7.55 8.09 2.29
C ASP B 45 -8.74 8.81 1.70
N LYS B 46 -9.91 8.20 1.79
CA LYS B 46 -11.11 8.80 1.26
C LYS B 46 -11.44 10.15 1.90
N SER B 47 -11.56 10.20 3.21
CA SER B 47 -11.91 11.45 3.86
C SER B 47 -10.82 12.54 3.78
N HIS B 48 -9.56 12.12 3.71
CA HIS B 48 -8.47 13.09 3.66
C HIS B 48 -8.11 13.60 2.27
N ASN B 49 -7.91 12.67 1.35
CA ASN B 49 -7.53 12.98 -0.02
C ASN B 49 -8.71 13.38 -0.89
N GLU B 50 -9.73 12.54 -0.90
CA GLU B 50 -10.93 12.73 -1.69
C GLU B 50 -11.87 13.82 -1.16
N LEU B 51 -12.59 13.52 -0.08
CA LEU B 51 -13.53 14.47 0.50
C LEU B 51 -12.89 15.70 1.13
N LYS B 52 -11.57 15.63 1.36
CA LYS B 52 -10.83 16.73 1.96
C LYS B 52 -11.45 17.29 3.25
N ALA B 53 -11.57 16.43 4.25
CA ALA B 53 -12.13 16.84 5.54
C ALA B 53 -11.03 17.43 6.42
N SER B 54 -11.42 18.24 7.39
CA SER B 54 -10.49 18.88 8.30
C SER B 54 -9.61 17.97 9.17
N TYR B 55 -10.22 16.94 9.76
CA TYR B 55 -9.49 16.03 10.63
C TYR B 55 -9.61 14.56 10.31
N ILE B 56 -8.59 13.81 10.69
CA ILE B 56 -8.59 12.38 10.53
C ILE B 56 -8.86 11.94 11.97
N GLU B 57 -10.07 11.44 12.24
CA GLU B 57 -10.44 11.02 13.60
C GLU B 57 -9.99 9.59 13.88
N ILE B 58 -9.21 9.42 14.94
CA ILE B 58 -8.68 8.10 15.29
C ILE B 58 -9.05 7.60 16.70
N ASP B 59 -9.42 6.31 16.78
CA ASP B 59 -9.75 5.66 18.04
C ASP B 59 -8.62 4.71 18.37
N LEU B 60 -8.02 4.90 19.55
CA LEU B 60 -6.91 4.06 19.98
C LEU B 60 -7.21 2.83 20.84
N GLN B 61 -6.51 1.74 20.54
CA GLN B 61 -6.58 0.48 21.27
C GLN B 61 -5.12 0.01 21.25
N ARG B 62 -4.76 -0.98 22.06
CA ARG B 62 -3.38 -1.43 22.03
C ARG B 62 -3.28 -2.93 21.89
N THR B 63 -2.24 -3.40 21.21
CA THR B 63 -2.04 -4.82 21.00
C THR B 63 -1.36 -5.45 22.21
N LYS B 64 -1.32 -6.78 22.21
CA LYS B 64 -0.71 -7.56 23.28
C LYS B 64 0.73 -7.11 23.48
N ASP B 65 1.43 -6.84 22.38
CA ASP B 65 2.81 -6.38 22.47
C ASP B 65 2.92 -4.87 22.50
N GLY B 66 1.86 -4.23 22.97
CA GLY B 66 1.83 -2.78 23.13
C GLY B 66 1.82 -1.79 21.97
N HIS B 67 1.36 -2.19 20.80
CA HIS B 67 1.30 -1.26 19.66
C HIS B 67 0.00 -0.50 19.66
N LEU B 68 0.06 0.82 19.59
CA LEU B 68 -1.16 1.61 19.52
C LEU B 68 -1.72 1.42 18.11
N VAL B 69 -3.00 1.06 18.03
CA VAL B 69 -3.63 0.84 16.74
C VAL B 69 -4.98 1.55 16.72
N ALA B 70 -5.50 1.76 15.52
CA ALA B 70 -6.78 2.42 15.39
C ALA B 70 -7.91 1.40 15.30
N MET B 71 -8.84 1.47 16.24
CA MET B 71 -10.02 0.59 16.27
C MET B 71 -10.96 1.13 17.33
N HIS B 72 -12.26 1.15 17.01
CA HIS B 72 -13.23 1.69 17.95
C HIS B 72 -13.50 0.84 19.18
N ASP B 73 -13.81 -0.44 18.96
CA ASP B 73 -14.10 -1.36 20.06
C ASP B 73 -12.83 -1.95 20.66
N GLU B 74 -12.96 -2.54 21.85
CA GLU B 74 -11.82 -3.16 22.54
C GLU B 74 -11.64 -4.56 22.00
N THR B 75 -12.60 -4.98 21.19
CA THR B 75 -12.61 -6.28 20.55
C THR B 75 -12.69 -6.15 19.03
N VAL B 76 -12.04 -7.10 18.35
CA VAL B 76 -11.96 -7.12 16.90
C VAL B 76 -13.20 -7.73 16.23
N ASN B 77 -14.10 -8.25 17.04
CA ASN B 77 -15.32 -8.90 16.57
C ASN B 77 -16.14 -8.19 15.50
N ARG B 78 -16.58 -6.98 15.83
CA ARG B 78 -17.42 -6.20 14.93
C ARG B 78 -16.81 -5.83 13.57
N THR B 79 -15.54 -5.44 13.58
CA THR B 79 -14.91 -5.00 12.34
C THR B 79 -13.89 -5.92 11.67
N THR B 80 -13.81 -7.18 12.08
CA THR B 80 -12.87 -8.10 11.43
C THR B 80 -13.41 -9.52 11.40
N ASN B 81 -12.64 -10.39 10.72
CA ASN B 81 -13.00 -11.78 10.60
C ASN B 81 -12.39 -12.52 11.80
N GLY B 82 -12.17 -11.79 12.89
CA GLY B 82 -11.60 -12.40 14.08
C GLY B 82 -12.41 -12.07 15.32
N HIS B 83 -12.07 -12.75 16.43
CA HIS B 83 -12.74 -12.54 17.72
C HIS B 83 -11.72 -12.39 18.82
N GLY B 84 -12.10 -11.65 19.86
CA GLY B 84 -11.22 -11.45 21.00
C GLY B 84 -10.90 -9.99 21.27
N LYS B 85 -10.21 -9.75 22.38
CA LYS B 85 -9.82 -8.39 22.78
C LYS B 85 -8.60 -8.01 21.95
N VAL B 86 -8.55 -6.76 21.53
CA VAL B 86 -7.42 -6.28 20.74
C VAL B 86 -6.11 -6.66 21.43
N GLU B 87 -6.08 -6.50 22.75
CA GLU B 87 -4.87 -6.81 23.50
C GLU B 87 -4.49 -8.28 23.57
N ASP B 88 -5.35 -9.16 23.05
CA ASP B 88 -5.00 -10.58 23.06
C ASP B 88 -4.26 -10.92 21.77
N TYR B 89 -4.24 -9.97 20.85
CA TYR B 89 -3.56 -10.14 19.58
C TYR B 89 -2.23 -9.39 19.57
N THR B 90 -1.24 -9.94 18.90
CA THR B 90 0.03 -9.24 18.78
C THR B 90 -0.16 -8.44 17.49
N LEU B 91 0.56 -7.33 17.34
CA LEU B 91 0.39 -6.54 16.13
C LEU B 91 0.42 -7.45 14.93
N ASP B 92 1.37 -8.37 14.93
CA ASP B 92 1.54 -9.30 13.83
C ASP B 92 0.31 -10.13 13.54
N GLU B 93 -0.34 -10.61 14.60
CA GLU B 93 -1.53 -11.44 14.45
C GLU B 93 -2.68 -10.56 14.00
N LEU B 94 -2.80 -9.38 14.61
CA LEU B 94 -3.87 -8.46 14.26
C LEU B 94 -3.80 -8.12 12.76
N LYS B 95 -2.58 -8.07 12.22
CA LYS B 95 -2.36 -7.75 10.80
C LYS B 95 -2.85 -8.84 9.86
N GLN B 96 -3.20 -9.99 10.41
CA GLN B 96 -3.70 -11.08 9.58
C GLN B 96 -5.19 -10.89 9.36
N LEU B 97 -5.85 -10.21 10.28
CA LEU B 97 -7.27 -9.99 10.16
C LEU B 97 -7.69 -9.20 8.90
N ASP B 98 -8.97 -9.33 8.57
CA ASP B 98 -9.59 -8.66 7.44
C ASP B 98 -10.48 -7.60 8.11
N ALA B 99 -10.07 -6.35 7.99
CA ALA B 99 -10.80 -5.27 8.62
C ALA B 99 -11.74 -4.56 7.64
N GLY B 100 -11.93 -5.14 6.46
CA GLY B 100 -12.78 -4.51 5.46
C GLY B 100 -14.04 -5.25 5.03
N SER B 101 -13.92 -6.55 4.79
CA SER B 101 -15.09 -7.34 4.37
C SER B 101 -16.38 -7.05 5.12
N TRP B 102 -16.29 -6.96 6.45
CA TRP B 102 -17.45 -6.70 7.29
C TRP B 102 -18.26 -5.50 6.80
N PHE B 103 -17.57 -4.51 6.24
CA PHE B 103 -18.23 -3.30 5.76
C PHE B 103 -19.09 -3.60 4.54
N ASN B 104 -18.56 -4.38 3.62
CA ASN B 104 -19.31 -4.73 2.42
C ASN B 104 -20.59 -5.44 2.81
N LYS B 105 -20.49 -6.38 3.75
CA LYS B 105 -21.65 -7.13 4.18
C LYS B 105 -22.69 -6.26 4.89
N LYS B 106 -22.25 -5.30 5.70
CA LYS B 106 -23.19 -4.48 6.44
C LYS B 106 -23.79 -3.34 5.61
N TYR B 107 -23.01 -2.84 4.66
CA TYR B 107 -23.45 -1.73 3.82
C TYR B 107 -23.27 -2.10 2.36
N PRO B 108 -24.06 -3.07 1.88
CA PRO B 108 -23.98 -3.52 0.48
C PRO B 108 -24.01 -2.39 -0.55
N LYS B 109 -24.70 -1.29 -0.23
CA LYS B 109 -24.77 -0.19 -1.19
C LYS B 109 -23.48 0.59 -1.35
N TYR B 110 -22.51 0.39 -0.45
CA TYR B 110 -21.25 1.11 -0.55
C TYR B 110 -20.11 0.14 -0.72
N ALA B 111 -20.46 -1.15 -0.68
CA ALA B 111 -19.49 -2.23 -0.81
C ALA B 111 -18.47 -1.95 -1.90
N ARG B 112 -17.34 -2.60 -1.80
CA ARG B 112 -16.27 -2.43 -2.79
C ARG B 112 -15.27 -3.56 -2.65
N ALA B 113 -14.90 -4.14 -3.79
CA ALA B 113 -13.97 -5.27 -3.83
C ALA B 113 -12.63 -4.97 -3.18
N SER B 114 -12.16 -3.74 -3.36
CA SER B 114 -10.89 -3.34 -2.76
C SER B 114 -10.92 -3.29 -1.24
N TYR B 115 -12.11 -3.24 -0.64
CA TYR B 115 -12.23 -3.20 0.81
C TYR B 115 -11.84 -4.53 1.44
N LYS B 116 -11.93 -5.62 0.67
CA LYS B 116 -11.56 -6.92 1.20
C LYS B 116 -10.12 -6.95 1.65
N ASN B 117 -9.91 -7.55 2.81
CA ASN B 117 -8.59 -7.67 3.41
C ASN B 117 -7.94 -6.35 3.79
N ALA B 118 -8.76 -5.36 4.09
CA ALA B 118 -8.23 -4.08 4.53
C ALA B 118 -7.57 -4.42 5.87
N LYS B 119 -6.50 -3.73 6.22
CA LYS B 119 -5.82 -4.02 7.47
C LYS B 119 -6.08 -2.98 8.56
N VAL B 120 -5.85 -3.40 9.79
CA VAL B 120 -5.99 -2.50 10.92
C VAL B 120 -4.70 -1.69 10.88
N PRO B 121 -4.80 -0.36 11.02
CA PRO B 121 -3.59 0.46 10.99
C PRO B 121 -3.07 0.82 12.38
N THR B 122 -1.75 0.97 12.49
CA THR B 122 -1.17 1.37 13.78
C THR B 122 -1.15 2.89 13.76
N LEU B 123 -1.13 3.51 14.94
CA LEU B 123 -1.10 4.96 15.01
C LEU B 123 0.11 5.47 14.27
N ASP B 124 1.22 4.73 14.37
CA ASP B 124 2.45 5.14 13.71
C ASP B 124 2.23 5.20 12.20
N GLU B 125 1.68 4.13 11.64
CA GLU B 125 1.43 4.07 10.20
C GLU B 125 0.58 5.22 9.75
N ILE B 126 -0.45 5.53 10.52
CA ILE B 126 -1.34 6.63 10.20
C ILE B 126 -0.58 7.96 10.13
N LEU B 127 0.12 8.31 11.20
CA LEU B 127 0.89 9.55 11.23
C LEU B 127 1.90 9.54 10.09
N GLU B 128 2.51 8.39 9.90
CA GLU B 128 3.50 8.18 8.85
C GLU B 128 2.92 8.54 7.50
N ARG B 129 1.81 7.89 7.18
CA ARG B 129 1.12 8.05 5.91
C ARG B 129 0.59 9.45 5.53
N TYR B 130 -0.14 10.10 6.44
CA TYR B 130 -0.69 11.40 6.13
C TYR B 130 0.19 12.59 6.47
N GLY B 131 1.36 12.32 7.03
CA GLY B 131 2.30 13.38 7.32
C GLY B 131 1.93 14.43 8.36
N PRO B 132 2.91 15.31 8.65
CA PRO B 132 2.83 16.41 9.62
C PRO B 132 1.95 17.56 9.20
N ASN B 133 1.34 17.48 8.05
CA ASN B 133 0.49 18.57 7.62
C ASN B 133 -0.98 18.28 7.77
N ALA B 134 -1.30 17.01 8.03
CA ALA B 134 -2.67 16.60 8.23
C ALA B 134 -3.09 17.07 9.61
N ASN B 135 -4.36 16.86 9.95
CA ASN B 135 -4.84 17.23 11.28
C ASN B 135 -5.46 15.98 11.89
N TYR B 136 -5.02 15.67 13.10
CA TYR B 136 -5.51 14.46 13.75
C TYR B 136 -6.33 14.73 14.99
N TYR B 137 -7.37 13.93 15.16
CA TYR B 137 -8.27 14.02 16.29
C TYR B 137 -8.20 12.61 16.91
N ILE B 138 -7.36 12.47 17.94
CA ILE B 138 -7.13 11.19 18.58
C ILE B 138 -7.80 11.00 19.95
N GLU B 139 -8.45 9.85 20.12
CA GLU B 139 -9.17 9.49 21.35
C GLU B 139 -8.48 8.43 22.21
N THR B 140 -8.42 8.71 23.51
CA THR B 140 -7.81 7.82 24.49
C THR B 140 -8.85 7.24 25.44
N LYS B 141 -8.54 6.09 26.04
CA LYS B 141 -9.42 5.44 27.03
C LYS B 141 -8.92 5.76 28.46
N SER B 142 -9.42 5.04 29.45
CA SER B 142 -9.00 5.30 30.83
C SER B 142 -7.57 4.86 31.12
N PRO B 143 -6.83 5.68 31.91
CA PRO B 143 -5.43 5.43 32.29
C PRO B 143 -5.25 4.06 32.96
N ASP B 144 -6.39 3.39 33.18
CA ASP B 144 -6.40 2.08 33.82
C ASP B 144 -6.57 0.97 32.77
N VAL B 145 -7.33 1.25 31.70
CA VAL B 145 -7.54 0.24 30.69
C VAL B 145 -6.28 -0.08 29.92
N TYR B 146 -5.53 0.95 29.54
CA TYR B 146 -4.28 0.79 28.79
C TYR B 146 -3.19 1.67 29.39
N PRO B 147 -2.69 1.32 30.58
CA PRO B 147 -1.63 2.10 31.25
C PRO B 147 -0.46 2.41 30.33
N GLY B 148 -0.14 3.70 30.20
CA GLY B 148 0.96 4.12 29.33
C GLY B 148 0.50 4.64 27.98
N MET B 149 -0.79 4.47 27.68
CA MET B 149 -1.35 4.93 26.42
C MET B 149 -0.99 6.38 26.17
N GLU B 150 -1.32 7.26 27.12
CA GLU B 150 -1.02 8.69 26.99
C GLU B 150 0.46 8.95 26.68
N GLU B 151 1.35 8.41 27.52
CA GLU B 151 2.78 8.61 27.31
C GLU B 151 3.17 8.14 25.91
N GLN B 152 2.58 7.05 25.46
CA GLN B 152 2.86 6.50 24.13
C GLN B 152 2.35 7.41 23.02
N LEU B 153 1.11 7.87 23.16
CA LEU B 153 0.53 8.77 22.16
C LEU B 153 1.44 9.97 21.98
N LEU B 154 1.72 10.68 23.06
CA LEU B 154 2.59 11.86 22.98
C LEU B 154 3.95 11.53 22.37
N ALA B 155 4.54 10.40 22.76
CA ALA B 155 5.84 10.04 22.22
C ALA B 155 5.73 9.87 20.70
N SER B 156 4.66 9.22 20.27
CA SER B 156 4.43 8.99 18.85
C SER B 156 4.24 10.31 18.11
N LEU B 157 3.42 11.18 18.68
CA LEU B 157 3.18 12.47 18.08
C LEU B 157 4.48 13.21 17.93
N LYS B 158 5.31 13.19 18.97
CA LYS B 158 6.58 13.89 18.91
C LYS B 158 7.46 13.32 17.81
N LYS B 159 7.48 11.99 17.72
CA LYS B 159 8.30 11.33 16.72
C LYS B 159 7.97 11.88 15.34
N HIS B 160 6.68 12.07 15.10
CA HIS B 160 6.21 12.56 13.82
C HIS B 160 6.12 14.09 13.69
N HIS B 161 6.86 14.79 14.55
CA HIS B 161 6.92 16.24 14.50
C HIS B 161 5.61 16.97 14.68
N LEU B 162 4.64 16.33 15.29
CA LEU B 162 3.36 16.97 15.49
C LEU B 162 3.26 17.66 16.83
N LEU B 163 4.30 17.57 17.65
CA LEU B 163 4.26 18.21 18.95
C LEU B 163 4.91 19.58 18.95
N ASN B 164 5.49 19.95 17.81
CA ASN B 164 6.11 21.26 17.67
C ASN B 164 5.05 22.31 17.99
N ASN B 165 5.37 23.30 18.81
CA ASN B 165 4.41 24.33 19.19
C ASN B 165 3.68 24.94 18.02
N ASN B 166 4.38 25.11 16.91
CA ASN B 166 3.78 25.68 15.73
C ASN B 166 2.58 24.79 15.30
N LYS B 167 2.86 23.52 15.06
CA LYS B 167 1.82 22.58 14.67
C LYS B 167 0.67 22.54 15.68
N LEU B 168 1.00 22.61 16.96
CA LEU B 168 0.00 22.55 18.02
C LEU B 168 -0.99 23.69 18.03
N LYS B 169 -0.53 24.93 17.83
CA LYS B 169 -1.46 26.04 17.86
C LYS B 169 -2.18 26.28 16.55
N ASN B 170 -1.91 25.44 15.55
CA ASN B 170 -2.58 25.53 14.26
C ASN B 170 -3.63 24.41 14.15
N GLY B 171 -3.85 23.72 15.27
CA GLY B 171 -4.84 22.67 15.31
C GLY B 171 -4.48 21.32 14.68
N HIS B 172 -3.21 21.09 14.40
CA HIS B 172 -2.81 19.83 13.80
C HIS B 172 -3.07 18.66 14.74
N VAL B 173 -3.24 18.96 16.02
CA VAL B 173 -3.51 17.92 17.01
C VAL B 173 -4.60 18.31 18.02
N MET B 174 -5.56 17.41 18.17
CA MET B 174 -6.65 17.56 19.12
C MET B 174 -6.83 16.18 19.77
N ILE B 175 -6.47 16.08 21.04
CA ILE B 175 -6.62 14.81 21.76
C ILE B 175 -7.95 14.86 22.51
N GLN B 176 -8.78 13.85 22.29
CA GLN B 176 -10.10 13.78 22.87
C GLN B 176 -10.26 12.55 23.76
N SER B 177 -11.15 12.64 24.74
CA SER B 177 -11.39 11.53 25.64
C SER B 177 -12.60 11.77 26.55
N PHE B 178 -13.21 10.68 26.99
CA PHE B 178 -14.34 10.76 27.90
C PHE B 178 -13.76 10.78 29.32
N SER B 179 -12.52 10.31 29.44
CA SER B 179 -11.83 10.23 30.71
C SER B 179 -11.12 11.50 31.12
N ASP B 180 -11.67 12.21 32.10
CA ASP B 180 -11.04 13.45 32.59
C ASP B 180 -9.65 13.10 33.10
N GLU B 181 -9.52 11.90 33.66
CA GLU B 181 -8.25 11.46 34.21
C GLU B 181 -7.18 11.41 33.14
N SER B 182 -7.54 10.83 32.00
CA SER B 182 -6.63 10.71 30.87
C SER B 182 -6.22 12.08 30.34
N LEU B 183 -7.19 12.99 30.21
CA LEU B 183 -6.91 14.32 29.71
C LEU B 183 -6.04 15.09 30.69
N LYS B 184 -6.38 15.04 31.97
CA LYS B 184 -5.60 15.74 32.99
C LYS B 184 -4.16 15.21 33.04
N LYS B 185 -3.99 13.91 32.83
CA LYS B 185 -2.64 13.34 32.82
C LYS B 185 -1.86 13.97 31.68
N ILE B 186 -2.47 14.06 30.50
CA ILE B 186 -1.82 14.64 29.33
C ILE B 186 -1.54 16.11 29.53
N HIS B 187 -2.50 16.81 30.12
CA HIS B 187 -2.34 18.24 30.35
C HIS B 187 -1.15 18.53 31.25
N ARG B 188 -0.95 17.69 32.24
CA ARG B 188 0.17 17.86 33.16
C ARG B 188 1.47 17.63 32.41
N GLN B 189 1.52 16.53 31.68
CA GLN B 189 2.70 16.17 30.93
C GLN B 189 3.06 17.15 29.81
N ASN B 190 2.04 17.77 29.21
CA ASN B 190 2.26 18.76 28.14
C ASN B 190 1.04 19.68 28.05
N LYS B 191 1.17 20.85 28.66
CA LYS B 191 0.08 21.83 28.69
C LYS B 191 -0.28 22.41 27.34
N HIS B 192 0.57 22.21 26.35
CA HIS B 192 0.34 22.76 25.02
C HIS B 192 -0.51 21.98 24.03
N VAL B 193 -0.85 20.74 24.35
CA VAL B 193 -1.64 19.94 23.45
C VAL B 193 -3.11 20.24 23.69
N PRO B 194 -3.83 20.66 22.64
CA PRO B 194 -5.27 20.97 22.76
C PRO B 194 -6.03 19.72 23.21
N LEU B 195 -6.86 19.86 24.24
CA LEU B 195 -7.61 18.72 24.72
C LEU B 195 -9.11 18.92 24.58
N VAL B 196 -9.80 17.83 24.28
CA VAL B 196 -11.24 17.89 24.11
C VAL B 196 -11.92 16.86 25.01
N LYS B 197 -12.83 17.35 25.84
CA LYS B 197 -13.58 16.51 26.74
C LYS B 197 -14.83 15.97 26.04
N LEU B 198 -14.93 14.65 25.94
CA LEU B 198 -16.09 14.02 25.31
C LEU B 198 -17.18 13.81 26.35
N VAL B 199 -18.34 14.39 26.10
CA VAL B 199 -19.46 14.26 27.02
C VAL B 199 -20.37 13.15 26.54
N ASP B 200 -20.95 12.42 27.48
CA ASP B 200 -21.83 11.33 27.11
C ASP B 200 -23.26 11.76 26.85
N LYS B 201 -24.06 10.83 26.33
CA LYS B 201 -25.46 11.10 26.02
C LYS B 201 -26.25 11.39 27.29
N GLY B 202 -26.77 12.60 27.38
CA GLY B 202 -27.52 12.99 28.56
C GLY B 202 -26.63 13.58 29.64
N GLU B 203 -25.35 13.21 29.62
CA GLU B 203 -24.40 13.70 30.61
C GLU B 203 -24.17 15.21 30.54
N LEU B 204 -24.35 15.81 29.38
CA LEU B 204 -24.11 17.24 29.23
C LEU B 204 -24.88 18.08 30.25
N GLN B 205 -26.17 17.79 30.38
CA GLN B 205 -27.05 18.49 31.31
C GLN B 205 -26.53 18.30 32.72
N GLN B 206 -26.35 17.04 33.09
CA GLN B 206 -25.89 16.66 34.42
C GLN B 206 -24.83 17.55 35.07
N PHE B 207 -23.94 18.19 34.33
CA PHE B 207 -22.99 19.03 35.05
C PHE B 207 -23.04 20.53 34.87
N ASN B 208 -23.07 21.17 36.03
CA ASN B 208 -23.13 22.62 36.24
C ASN B 208 -21.97 23.45 35.72
N ASP B 209 -21.98 24.73 36.11
CA ASP B 209 -20.95 25.69 35.71
C ASP B 209 -19.62 25.46 36.38
N GLN B 210 -19.62 25.11 37.66
CA GLN B 210 -18.35 24.87 38.33
C GLN B 210 -17.64 23.71 37.62
N ARG B 211 -18.42 22.69 37.24
CA ARG B 211 -17.89 21.53 36.54
C ARG B 211 -17.28 21.99 35.22
N LEU B 212 -18.07 22.70 34.42
CA LEU B 212 -17.59 23.21 33.14
C LEU B 212 -16.34 24.07 33.35
N LYS B 213 -16.36 24.92 34.37
CA LYS B 213 -15.24 25.79 34.67
C LYS B 213 -13.95 25.01 34.84
N GLU B 214 -14.04 23.88 35.51
CA GLU B 214 -12.84 23.07 35.73
C GLU B 214 -12.46 22.28 34.47
N ILE B 215 -13.44 21.73 33.77
CA ILE B 215 -13.16 20.99 32.55
C ILE B 215 -12.42 21.97 31.63
N ARG B 216 -12.90 23.20 31.61
CA ARG B 216 -12.31 24.24 30.78
C ARG B 216 -10.88 24.59 31.19
N SER B 217 -10.46 24.16 32.38
CA SER B 217 -9.12 24.48 32.83
C SER B 217 -8.05 23.61 32.17
N TYR B 218 -8.45 22.48 31.58
CA TYR B 218 -7.49 21.62 30.91
C TYR B 218 -7.87 21.30 29.47
N ALA B 219 -9.14 21.52 29.11
CA ALA B 219 -9.61 21.24 27.76
C ALA B 219 -10.19 22.48 27.10
N ILE B 220 -9.67 22.82 25.92
CA ILE B 220 -10.16 23.98 25.18
C ILE B 220 -11.48 23.61 24.52
N GLY B 221 -11.68 22.33 24.26
CA GLY B 221 -12.88 21.89 23.60
C GLY B 221 -13.76 20.90 24.34
N LEU B 222 -15.02 20.86 23.92
CA LEU B 222 -16.02 20.00 24.51
C LEU B 222 -16.80 19.31 23.41
N GLY B 223 -16.86 17.99 23.44
CA GLY B 223 -17.57 17.25 22.41
C GLY B 223 -18.72 16.43 22.94
N PRO B 224 -19.92 17.03 23.05
CA PRO B 224 -21.14 16.38 23.54
C PRO B 224 -21.91 15.63 22.46
N ASP B 225 -22.80 14.72 22.89
CA ASP B 225 -23.62 14.00 21.93
C ASP B 225 -24.44 15.13 21.33
N TYR B 226 -24.51 15.21 20.00
CA TYR B 226 -25.23 16.31 19.34
C TYR B 226 -26.69 16.50 19.75
N THR B 227 -27.35 15.41 20.14
CA THR B 227 -28.75 15.47 20.54
C THR B 227 -29.01 16.25 21.83
N ASP B 228 -27.98 16.40 22.66
CA ASP B 228 -28.14 17.13 23.92
C ASP B 228 -27.97 18.64 23.70
N LEU B 229 -27.59 19.03 22.49
CA LEU B 229 -27.39 20.43 22.21
C LEU B 229 -28.68 21.16 21.84
N THR B 230 -28.73 22.43 22.23
CA THR B 230 -29.85 23.33 21.97
C THR B 230 -29.20 24.69 21.81
N GLU B 231 -29.82 25.60 21.07
CA GLU B 231 -29.20 26.89 20.87
C GLU B 231 -28.71 27.58 22.13
N GLN B 232 -29.44 27.45 23.23
CA GLN B 232 -29.04 28.11 24.46
C GLN B 232 -27.80 27.53 25.14
N ASN B 233 -27.80 26.24 25.44
CA ASN B 233 -26.64 25.65 26.09
C ASN B 233 -25.40 25.82 25.22
N THR B 234 -25.61 25.72 23.91
CA THR B 234 -24.52 25.88 22.95
C THR B 234 -23.90 27.26 23.13
N HIS B 235 -24.76 28.27 23.23
CA HIS B 235 -24.27 29.63 23.42
C HIS B 235 -23.54 29.70 24.75
N HIS B 236 -24.13 29.10 25.77
CA HIS B 236 -23.54 29.11 27.09
C HIS B 236 -22.13 28.54 27.08
N LEU B 237 -21.99 27.35 26.50
CA LEU B 237 -20.69 26.70 26.41
C LEU B 237 -19.71 27.62 25.68
N LYS B 238 -20.13 28.14 24.53
CA LYS B 238 -19.30 29.03 23.73
C LYS B 238 -18.85 30.20 24.58
N ASP B 239 -19.74 30.66 25.45
CA ASP B 239 -19.48 31.78 26.34
C ASP B 239 -18.41 31.42 27.36
N LEU B 240 -18.46 30.17 27.81
CA LEU B 240 -17.49 29.69 28.77
C LEU B 240 -16.12 29.46 28.14
N GLY B 241 -15.97 29.86 26.88
CA GLY B 241 -14.70 29.73 26.18
C GLY B 241 -14.46 28.42 25.44
N PHE B 242 -15.47 27.56 25.43
CA PHE B 242 -15.33 26.27 24.75
C PHE B 242 -15.44 26.35 23.23
N ILE B 243 -14.93 25.29 22.62
CA ILE B 243 -14.99 25.08 21.20
C ILE B 243 -15.92 23.88 21.22
N VAL B 244 -16.99 23.91 20.44
CA VAL B 244 -17.92 22.80 20.49
C VAL B 244 -17.97 21.96 19.22
N HIS B 245 -17.77 20.65 19.39
CA HIS B 245 -17.82 19.72 18.27
C HIS B 245 -18.70 18.53 18.67
N PRO B 246 -20.03 18.68 18.50
CA PRO B 246 -20.98 17.61 18.85
C PRO B 246 -20.67 16.35 18.04
N TYR B 247 -21.02 15.18 18.56
CA TYR B 247 -20.69 13.99 17.79
C TYR B 247 -21.72 13.12 17.12
N THR B 248 -21.24 12.74 15.94
CA THR B 248 -21.81 11.92 14.89
C THR B 248 -23.15 12.39 14.37
N VAL B 249 -23.05 13.47 13.59
CA VAL B 249 -24.14 14.15 12.93
C VAL B 249 -24.01 13.72 11.48
N ASN B 250 -24.97 12.94 10.99
CA ASN B 250 -24.89 12.51 9.60
C ASN B 250 -26.05 13.03 8.73
N GLU B 251 -26.96 13.79 9.35
CA GLU B 251 -28.10 14.35 8.65
C GLU B 251 -27.92 15.83 8.32
N LYS B 252 -28.03 16.17 7.04
CA LYS B 252 -27.87 17.55 6.61
C LYS B 252 -28.70 18.52 7.45
N ALA B 253 -29.92 18.11 7.76
CA ALA B 253 -30.83 18.94 8.54
C ALA B 253 -30.22 19.35 9.86
N ASP B 254 -29.70 18.34 10.58
CA ASP B 254 -29.08 18.56 11.89
C ASP B 254 -27.82 19.40 11.73
N MET B 255 -27.05 19.12 10.68
CA MET B 255 -25.82 19.86 10.42
C MET B 255 -26.14 21.34 10.36
N LEU B 256 -27.17 21.68 9.59
CA LEU B 256 -27.57 23.07 9.47
C LEU B 256 -28.06 23.64 10.80
N ARG B 257 -28.94 22.92 11.47
CA ARG B 257 -29.46 23.38 12.75
C ARG B 257 -28.33 23.73 13.69
N LEU B 258 -27.47 22.74 13.95
CA LEU B 258 -26.34 22.89 14.85
C LEU B 258 -25.44 24.07 14.48
N ASN B 259 -25.12 24.22 13.21
CA ASN B 259 -24.27 25.32 12.78
C ASN B 259 -24.90 26.63 13.22
N LYS B 260 -26.23 26.69 13.15
CA LYS B 260 -26.97 27.87 13.53
C LYS B 260 -26.82 28.12 15.02
N TYR B 261 -26.83 27.04 15.80
CA TYR B 261 -26.67 27.15 17.24
C TYR B 261 -25.35 27.87 17.52
N GLY B 262 -24.33 27.57 16.72
CA GLY B 262 -23.03 28.19 16.90
C GLY B 262 -21.84 27.25 17.06
N VAL B 263 -22.06 25.95 16.89
CA VAL B 263 -20.98 24.98 17.02
C VAL B 263 -19.84 25.34 16.08
N ASP B 264 -18.69 24.69 16.30
CA ASP B 264 -17.52 24.96 15.50
C ASP B 264 -17.20 23.84 14.52
N GLY B 265 -18.08 22.83 14.49
CA GLY B 265 -17.86 21.72 13.58
C GLY B 265 -18.55 20.50 14.12
N VAL B 266 -18.37 19.35 13.46
CA VAL B 266 -19.00 18.14 13.91
C VAL B 266 -18.21 16.90 13.50
N PHE B 267 -18.51 15.80 14.18
CA PHE B 267 -17.89 14.52 13.87
C PHE B 267 -18.94 13.97 12.92
N THR B 268 -18.54 13.40 11.78
CA THR B 268 -19.55 12.87 10.88
C THR B 268 -18.99 11.77 10.02
N ASN B 269 -19.87 10.85 9.63
CA ASN B 269 -19.45 9.73 8.79
C ASN B 269 -19.60 10.08 7.32
N PHE B 270 -20.06 11.32 7.06
CA PHE B 270 -20.28 11.83 5.71
C PHE B 270 -19.70 13.23 5.60
N ALA B 271 -18.37 13.28 5.44
CA ALA B 271 -17.64 14.54 5.34
C ALA B 271 -18.22 15.49 4.30
N ASP B 272 -18.51 14.96 3.10
CA ASP B 272 -19.07 15.78 2.03
C ASP B 272 -20.39 16.45 2.41
N LYS B 273 -21.33 15.70 2.99
CA LYS B 273 -22.60 16.28 3.37
C LYS B 273 -22.36 17.51 4.24
N TYR B 274 -21.45 17.40 5.19
CA TYR B 274 -21.21 18.54 6.06
C TYR B 274 -20.52 19.67 5.34
N LYS B 275 -19.55 19.34 4.50
CA LYS B 275 -18.83 20.39 3.77
C LYS B 275 -19.79 21.14 2.86
N GLU B 276 -20.80 20.45 2.33
CA GLU B 276 -21.79 21.08 1.46
C GLU B 276 -22.68 22.00 2.29
N VAL B 277 -23.10 21.54 3.46
CA VAL B 277 -23.93 22.35 4.33
C VAL B 277 -23.19 23.62 4.69
N ILE B 278 -21.86 23.55 4.73
CA ILE B 278 -21.05 24.73 5.06
C ILE B 278 -20.99 25.68 3.86
N LYS B 279 -20.86 25.08 2.69
CA LYS B 279 -20.79 25.82 1.42
C LYS B 279 -22.02 26.71 1.24
N GLU B 280 -23.16 26.24 1.72
CA GLU B 280 -24.42 26.98 1.61
C GLU B 280 -24.70 27.84 2.85
N GLN C 14 -24.07 36.19 15.60
CA GLN C 14 -25.08 36.55 14.57
C GLN C 14 -24.52 37.48 13.48
N TRP C 15 -23.20 37.53 13.36
CA TRP C 15 -22.52 38.35 12.36
C TRP C 15 -22.16 37.52 11.15
N HIS C 16 -21.62 38.17 10.12
CA HIS C 16 -21.22 37.46 8.92
C HIS C 16 -19.74 37.12 8.94
N THR C 17 -19.38 35.96 8.41
CA THR C 17 -17.98 35.55 8.36
C THR C 17 -17.55 35.30 6.92
N ASN C 18 -16.26 35.50 6.66
CA ASN C 18 -15.70 35.30 5.33
C ASN C 18 -16.31 34.10 4.63
N LEU C 19 -16.52 34.22 3.33
CA LEU C 19 -17.11 33.12 2.56
C LEU C 19 -16.14 31.95 2.43
N THR C 20 -14.85 32.23 2.66
CA THR C 20 -13.83 31.20 2.58
C THR C 20 -13.94 30.28 3.78
N ASN C 21 -14.77 30.67 4.73
CA ASN C 21 -14.99 29.93 5.96
C ASN C 21 -13.84 30.13 6.95
N GLU C 22 -13.04 31.17 6.73
CA GLU C 22 -11.93 31.48 7.62
C GLU C 22 -12.42 32.55 8.59
N ARG C 23 -12.01 32.47 9.85
CA ARG C 23 -12.42 33.49 10.80
C ARG C 23 -11.67 34.76 10.41
N PHE C 24 -10.39 34.60 10.08
CA PHE C 24 -9.56 35.72 9.66
C PHE C 24 -8.94 35.41 8.31
N THR C 25 -9.28 36.22 7.31
CA THR C 25 -8.74 36.02 5.99
C THR C 25 -7.55 36.93 5.78
N THR C 26 -6.52 36.43 5.10
CA THR C 26 -5.30 37.20 4.84
C THR C 26 -5.24 37.61 3.38
N ILE C 27 -5.50 38.90 3.12
CA ILE C 27 -5.49 39.42 1.76
C ILE C 27 -4.11 39.97 1.39
N ALA C 28 -3.45 39.28 0.46
CA ALA C 28 -2.11 39.67 0.02
C ALA C 28 -2.16 40.88 -0.89
N HIS C 29 -2.09 42.07 -0.28
CA HIS C 29 -2.12 43.32 -1.02
C HIS C 29 -1.11 43.36 -2.17
N ARG C 30 -1.60 43.23 -3.40
CA ARG C 30 -0.74 43.23 -4.59
C ARG C 30 0.24 42.07 -4.57
N GLY C 31 -0.13 41.00 -3.88
CA GLY C 31 0.73 39.84 -3.78
C GLY C 31 1.62 39.96 -2.55
N ALA C 32 2.81 39.37 -2.61
CA ALA C 32 3.74 39.45 -1.49
C ALA C 32 4.43 40.80 -1.66
N SER C 33 3.60 41.82 -1.78
CA SER C 33 3.99 43.22 -1.99
C SER C 33 5.23 43.70 -1.24
N GLY C 34 5.32 43.39 0.06
CA GLY C 34 6.45 43.84 0.85
C GLY C 34 7.78 43.16 0.59
N TYR C 35 7.76 41.99 -0.05
CA TYR C 35 8.99 41.24 -0.31
C TYR C 35 9.35 41.15 -1.79
N ALA C 36 8.36 41.38 -2.64
CA ALA C 36 8.58 41.31 -4.09
C ALA C 36 7.86 42.44 -4.79
N PRO C 37 8.27 42.72 -6.03
CA PRO C 37 7.63 43.78 -6.80
C PRO C 37 6.14 43.51 -7.00
N GLU C 38 5.32 44.40 -6.44
CA GLU C 38 3.86 44.30 -6.52
C GLU C 38 3.36 43.90 -7.90
N HIS C 39 2.25 43.16 -7.91
CA HIS C 39 1.61 42.72 -9.15
C HIS C 39 2.50 42.08 -10.20
N THR C 40 3.26 41.06 -9.79
CA THR C 40 4.12 40.30 -10.69
C THR C 40 4.00 38.83 -10.26
N PHE C 41 4.24 37.91 -11.19
CA PHE C 41 4.14 36.51 -10.84
C PHE C 41 4.99 36.26 -9.59
N GLN C 42 6.12 36.93 -9.49
CA GLN C 42 6.99 36.78 -8.34
C GLN C 42 6.22 37.08 -7.08
N ALA C 43 5.66 38.28 -6.99
CA ALA C 43 4.88 38.68 -5.82
C ALA C 43 3.69 37.74 -5.56
N TYR C 44 3.01 37.32 -6.61
CA TYR C 44 1.88 36.42 -6.44
C TYR C 44 2.35 35.03 -6.03
N ASP C 45 3.39 34.53 -6.68
CA ASP C 45 3.90 33.22 -6.33
C ASP C 45 4.26 33.18 -4.85
N LYS C 46 4.95 34.23 -4.40
CA LYS C 46 5.37 34.31 -3.02
C LYS C 46 4.21 34.26 -2.03
N SER C 47 3.26 35.17 -2.18
CA SER C 47 2.14 35.20 -1.25
C SER C 47 1.22 33.98 -1.34
N HIS C 48 1.10 33.41 -2.53
CA HIS C 48 0.21 32.27 -2.70
C HIS C 48 0.81 30.90 -2.38
N ASN C 49 1.99 30.64 -2.93
CA ASN C 49 2.66 29.36 -2.74
C ASN C 49 3.45 29.28 -1.43
N GLU C 50 4.25 30.31 -1.20
CA GLU C 50 5.12 30.40 -0.04
C GLU C 50 4.38 30.77 1.22
N LEU C 51 4.02 32.03 1.36
CA LEU C 51 3.34 32.51 2.57
C LEU C 51 1.93 31.94 2.75
N LYS C 52 1.37 31.36 1.70
CA LYS C 52 0.03 30.78 1.73
C LYS C 52 -1.06 31.71 2.29
N ALA C 53 -1.24 32.86 1.64
CA ALA C 53 -2.25 33.83 2.06
C ALA C 53 -3.59 33.46 1.44
N SER C 54 -4.66 33.97 2.02
CA SER C 54 -6.02 33.68 1.57
C SER C 54 -6.37 34.16 0.15
N TYR C 55 -5.99 35.39 -0.19
CA TYR C 55 -6.33 35.96 -1.48
C TYR C 55 -5.17 36.54 -2.25
N ILE C 56 -5.33 36.56 -3.57
CA ILE C 56 -4.35 37.15 -4.45
C ILE C 56 -5.05 38.46 -4.82
N GLU C 57 -4.55 39.58 -4.32
CA GLU C 57 -5.18 40.88 -4.55
C GLU C 57 -4.66 41.49 -5.86
N ILE C 58 -5.58 41.80 -6.76
CA ILE C 58 -5.24 42.34 -8.06
C ILE C 58 -5.85 43.71 -8.41
N ASP C 59 -5.02 44.61 -8.96
CA ASP C 59 -5.48 45.93 -9.37
C ASP C 59 -5.52 45.95 -10.89
N LEU C 60 -6.67 46.30 -11.44
CA LEU C 60 -6.83 46.29 -12.91
C LEU C 60 -6.62 47.60 -13.63
N GLN C 61 -5.95 47.51 -14.78
CA GLN C 61 -5.71 48.64 -15.69
C GLN C 61 -5.88 47.99 -17.07
N ARG C 62 -6.00 48.78 -18.13
CA ARG C 62 -6.19 48.17 -19.43
C ARG C 62 -5.23 48.74 -20.44
N THR C 63 -4.77 47.90 -21.36
CA THR C 63 -3.83 48.34 -22.39
C THR C 63 -4.55 49.01 -23.57
N LYS C 64 -3.77 49.64 -24.44
CA LYS C 64 -4.27 50.33 -25.62
C LYS C 64 -5.16 49.41 -26.42
N ASP C 65 -4.76 48.14 -26.53
CA ASP C 65 -5.56 47.19 -27.28
C ASP C 65 -6.53 46.40 -26.40
N GLY C 66 -6.90 47.02 -25.29
CA GLY C 66 -7.87 46.45 -24.38
C GLY C 66 -7.61 45.24 -23.50
N HIS C 67 -6.36 44.94 -23.18
CA HIS C 67 -6.10 43.80 -22.33
C HIS C 67 -6.13 44.21 -20.89
N LEU C 68 -6.87 43.46 -20.06
CA LEU C 68 -6.90 43.76 -18.64
C LEU C 68 -5.57 43.28 -18.07
N VAL C 69 -4.88 44.15 -17.35
CA VAL C 69 -3.61 43.78 -16.77
C VAL C 69 -3.57 44.24 -15.30
N ALA C 70 -2.65 43.67 -14.53
CA ALA C 70 -2.53 44.02 -13.12
C ALA C 70 -1.50 45.12 -12.94
N MET C 71 -1.93 46.25 -12.40
CA MET C 71 -1.06 47.38 -12.11
C MET C 71 -1.84 48.36 -11.26
N HIS C 72 -1.19 48.90 -10.23
CA HIS C 72 -1.88 49.82 -9.34
C HIS C 72 -2.17 51.19 -9.93
N ASP C 73 -1.14 51.85 -10.46
CA ASP C 73 -1.33 53.18 -11.06
C ASP C 73 -1.83 53.10 -12.50
N GLU C 74 -2.31 54.23 -13.00
CA GLU C 74 -2.80 54.30 -14.37
C GLU C 74 -1.62 54.50 -15.31
N THR C 75 -0.46 54.77 -14.72
CA THR C 75 0.79 54.99 -15.43
C THR C 75 1.85 53.98 -15.00
N VAL C 76 2.69 53.60 -15.96
CA VAL C 76 3.76 52.62 -15.73
C VAL C 76 5.01 53.19 -15.05
N ASN C 77 5.04 54.51 -14.89
CA ASN C 77 6.16 55.22 -14.31
C ASN C 77 6.76 54.67 -13.03
N ARG C 78 5.95 54.58 -11.99
CA ARG C 78 6.42 54.11 -10.70
C ARG C 78 6.99 52.69 -10.66
N THR C 79 6.33 51.75 -11.34
CA THR C 79 6.76 50.37 -11.28
C THR C 79 7.48 49.76 -12.49
N THR C 80 7.89 50.58 -13.45
CA THR C 80 8.61 50.06 -14.60
C THR C 80 9.66 51.02 -15.12
N ASN C 81 10.42 50.54 -16.08
CA ASN C 81 11.48 51.34 -16.69
C ASN C 81 10.86 52.10 -17.85
N GLY C 82 9.55 52.33 -17.78
CA GLY C 82 8.86 53.07 -18.82
C GLY C 82 8.03 54.22 -18.28
N HIS C 83 7.54 55.06 -19.19
CA HIS C 83 6.69 56.21 -18.83
C HIS C 83 5.43 56.25 -19.68
N GLY C 84 4.36 56.82 -19.12
CA GLY C 84 3.11 56.90 -19.87
C GLY C 84 1.92 56.21 -19.22
N LYS C 85 0.74 56.40 -19.81
CA LYS C 85 -0.48 55.79 -19.31
C LYS C 85 -0.50 54.34 -19.78
N VAL C 86 -0.98 53.44 -18.93
CA VAL C 86 -1.03 52.04 -19.30
C VAL C 86 -1.72 51.89 -20.64
N GLU C 87 -2.79 52.66 -20.84
CA GLU C 87 -3.55 52.57 -22.08
C GLU C 87 -2.83 53.10 -23.32
N ASP C 88 -1.64 53.68 -23.16
CA ASP C 88 -0.90 54.17 -24.31
C ASP C 88 -0.01 53.06 -24.82
N TYR C 89 0.07 51.99 -24.06
CA TYR C 89 0.89 50.84 -24.43
C TYR C 89 0.00 49.70 -24.91
N THR C 90 0.49 48.93 -25.88
CA THR C 90 -0.26 47.78 -26.34
C THR C 90 0.28 46.68 -25.43
N LEU C 91 -0.48 45.62 -25.24
CA LEU C 91 -0.02 44.55 -24.35
C LEU C 91 1.41 44.16 -24.72
N ASP C 92 1.64 44.01 -26.00
CA ASP C 92 2.94 43.65 -26.49
C ASP C 92 4.06 44.62 -26.07
N GLU C 93 3.76 45.91 -26.12
CA GLU C 93 4.76 46.90 -25.74
C GLU C 93 4.93 46.85 -24.23
N LEU C 94 3.80 46.78 -23.51
CA LEU C 94 3.87 46.74 -22.06
C LEU C 94 4.72 45.56 -21.56
N LYS C 95 4.71 44.47 -22.34
CA LYS C 95 5.48 43.28 -22.00
C LYS C 95 6.98 43.46 -22.14
N GLN C 96 7.40 44.57 -22.76
CA GLN C 96 8.81 44.84 -22.92
C GLN C 96 9.35 45.45 -21.65
N LEU C 97 8.50 46.15 -20.92
CA LEU C 97 8.89 46.81 -19.69
C LEU C 97 9.47 45.88 -18.63
N ASP C 98 10.22 46.48 -17.72
CA ASP C 98 10.85 45.79 -16.59
C ASP C 98 10.00 46.23 -15.40
N ALA C 99 9.20 45.31 -14.87
CA ALA C 99 8.33 45.62 -13.75
C ALA C 99 8.91 45.20 -12.41
N GLY C 100 10.20 44.86 -12.39
CA GLY C 100 10.82 44.43 -11.16
C GLY C 100 11.98 45.25 -10.61
N SER C 101 12.91 45.65 -11.49
CA SER C 101 14.07 46.41 -11.06
C SER C 101 13.76 47.53 -10.06
N TRP C 102 12.71 48.30 -10.34
CA TRP C 102 12.33 49.41 -9.46
C TRP C 102 12.21 48.98 -8.00
N PHE C 103 11.79 47.74 -7.76
CA PHE C 103 11.62 47.23 -6.41
C PHE C 103 12.97 47.09 -5.72
N ASN C 104 13.95 46.54 -6.44
CA ASN C 104 15.28 46.36 -5.87
C ASN C 104 15.84 47.71 -5.46
N LYS C 105 15.65 48.71 -6.31
CA LYS C 105 16.15 50.05 -6.01
C LYS C 105 15.46 50.72 -4.83
N LYS C 106 14.16 50.52 -4.71
CA LYS C 106 13.44 51.16 -3.62
C LYS C 106 13.55 50.42 -2.29
N TYR C 107 13.71 49.10 -2.33
CA TYR C 107 13.81 48.28 -1.13
C TYR C 107 15.03 47.41 -1.21
N PRO C 108 16.23 48.01 -1.14
CA PRO C 108 17.50 47.28 -1.20
C PRO C 108 17.58 46.09 -0.27
N LYS C 109 16.88 46.17 0.87
CA LYS C 109 16.95 45.08 1.81
C LYS C 109 16.16 43.83 1.41
N TYR C 110 15.33 43.94 0.36
CA TYR C 110 14.58 42.79 -0.10
C TYR C 110 14.93 42.48 -1.54
N ALA C 111 15.77 43.32 -2.12
CA ALA C 111 16.20 43.18 -3.51
C ALA C 111 16.53 41.75 -3.86
N ARG C 112 16.49 41.45 -5.15
CA ARG C 112 16.77 40.11 -5.62
C ARG C 112 17.04 40.17 -7.12
N ALA C 113 18.10 39.49 -7.54
CA ALA C 113 18.48 39.47 -8.93
C ALA C 113 17.38 38.95 -9.84
N SER C 114 16.65 37.96 -9.38
CA SER C 114 15.58 37.39 -10.17
C SER C 114 14.44 38.37 -10.44
N TYR C 115 14.36 39.43 -9.64
CA TYR C 115 13.31 40.43 -9.82
C TYR C 115 13.52 41.26 -11.07
N LYS C 116 14.74 41.30 -11.56
CA LYS C 116 14.99 42.08 -12.77
C LYS C 116 14.20 41.52 -13.93
N ASN C 117 13.66 42.45 -14.72
CA ASN C 117 12.85 42.10 -15.88
C ASN C 117 11.56 41.31 -15.60
N ALA C 118 11.01 41.49 -14.41
CA ALA C 118 9.77 40.86 -14.07
C ALA C 118 8.79 41.52 -15.04
N LYS C 119 7.75 40.80 -15.45
CA LYS C 119 6.81 41.35 -16.40
C LYS C 119 5.47 41.69 -15.78
N VAL C 120 4.76 42.59 -16.45
CA VAL C 120 3.42 42.98 -16.01
C VAL C 120 2.55 41.80 -16.44
N PRO C 121 1.70 41.32 -15.54
CA PRO C 121 0.84 40.20 -15.90
C PRO C 121 -0.57 40.62 -16.35
N THR C 122 -1.18 39.81 -17.20
CA THR C 122 -2.54 40.13 -17.63
C THR C 122 -3.44 39.40 -16.67
N LEU C 123 -4.68 39.85 -16.53
CA LEU C 123 -5.62 39.19 -15.64
C LEU C 123 -5.77 37.76 -16.07
N ASP C 124 -5.78 37.54 -17.39
CA ASP C 124 -5.95 36.20 -17.90
C ASP C 124 -4.81 35.32 -17.40
N GLU C 125 -3.57 35.77 -17.57
CA GLU C 125 -2.40 35.03 -17.14
C GLU C 125 -2.48 34.66 -15.67
N ILE C 126 -2.90 35.63 -14.85
CA ILE C 126 -3.03 35.41 -13.42
C ILE C 126 -4.01 34.30 -13.13
N LEU C 127 -5.25 34.42 -13.63
CA LEU C 127 -6.26 33.37 -13.39
C LEU C 127 -5.75 32.03 -13.94
N GLU C 128 -5.14 32.08 -15.11
CA GLU C 128 -4.57 30.92 -15.76
C GLU C 128 -3.60 30.22 -14.83
N ARG C 129 -2.61 30.97 -14.36
CA ARG C 129 -1.55 30.50 -13.48
C ARG C 129 -1.94 29.89 -12.14
N TYR C 130 -2.75 30.61 -11.37
CA TYR C 130 -3.14 30.11 -10.05
C TYR C 130 -4.38 29.23 -10.02
N GLY C 131 -5.02 29.08 -11.16
CA GLY C 131 -6.18 28.20 -11.24
C GLY C 131 -7.45 28.57 -10.51
N PRO C 132 -8.50 27.79 -10.74
CA PRO C 132 -9.84 27.92 -10.16
C PRO C 132 -9.95 27.59 -8.68
N ASN C 133 -8.84 27.25 -8.05
CA ASN C 133 -8.92 26.93 -6.63
C ASN C 133 -8.34 28.02 -5.75
N ALA C 134 -7.70 29.00 -6.39
CA ALA C 134 -7.14 30.12 -5.66
C ALA C 134 -8.31 31.06 -5.31
N ASN C 135 -8.01 32.13 -4.59
CA ASN C 135 -9.04 33.11 -4.26
C ASN C 135 -8.54 34.47 -4.73
N TYR C 136 -9.36 35.15 -5.50
CA TYR C 136 -8.95 36.43 -6.04
C TYR C 136 -9.77 37.59 -5.52
N TYR C 137 -9.08 38.70 -5.28
CA TYR C 137 -9.68 39.93 -4.78
C TYR C 137 -9.32 40.96 -5.83
N ILE C 138 -10.24 41.18 -6.76
CA ILE C 138 -10.00 42.10 -7.88
C ILE C 138 -10.66 43.47 -7.78
N GLU C 139 -9.88 44.53 -8.05
CA GLU C 139 -10.34 45.92 -8.00
C GLU C 139 -10.57 46.59 -9.37
N THR C 140 -11.72 47.25 -9.50
CA THR C 140 -12.11 47.96 -10.72
C THR C 140 -12.12 49.47 -10.51
N LYS C 141 -11.98 50.23 -11.59
CA LYS C 141 -12.02 51.70 -11.56
C LYS C 141 -13.42 52.19 -12.00
N SER C 142 -13.55 53.47 -12.28
CA SER C 142 -14.86 54.01 -12.67
C SER C 142 -15.26 53.54 -14.07
N PRO C 143 -16.57 53.23 -14.26
CA PRO C 143 -17.15 52.77 -15.53
C PRO C 143 -16.89 53.76 -16.68
N ASP C 144 -16.29 54.91 -16.31
CA ASP C 144 -15.96 55.96 -17.26
C ASP C 144 -14.47 55.91 -17.64
N VAL C 145 -13.61 55.52 -16.69
CA VAL C 145 -12.18 55.47 -16.98
C VAL C 145 -11.83 54.37 -17.99
N TYR C 146 -12.42 53.20 -17.82
CA TYR C 146 -12.16 52.05 -18.71
C TYR C 146 -13.49 51.37 -19.07
N PRO C 147 -14.31 52.02 -19.90
CA PRO C 147 -15.60 51.46 -20.32
C PRO C 147 -15.49 50.03 -20.81
N GLY C 148 -16.26 49.15 -20.18
CA GLY C 148 -16.24 47.76 -20.55
C GLY C 148 -15.43 46.90 -19.58
N MET C 149 -14.68 47.55 -18.68
CA MET C 149 -13.88 46.82 -17.73
C MET C 149 -14.70 45.74 -17.02
N GLU C 150 -15.81 46.14 -16.40
CA GLU C 150 -16.65 45.19 -15.69
C GLU C 150 -17.07 44.01 -16.56
N GLU C 151 -17.64 44.29 -17.71
CA GLU C 151 -18.07 43.23 -18.63
C GLU C 151 -16.91 42.28 -18.92
N GLN C 152 -15.71 42.85 -19.08
CA GLN C 152 -14.51 42.09 -19.37
C GLN C 152 -14.10 41.24 -18.19
N LEU C 153 -14.07 41.85 -17.01
CA LEU C 153 -13.68 41.12 -15.82
C LEU C 153 -14.55 39.88 -15.67
N LEU C 154 -15.86 40.07 -15.69
CA LEU C 154 -16.78 38.96 -15.56
C LEU C 154 -16.59 37.91 -16.65
N ALA C 155 -16.36 38.36 -17.87
CA ALA C 155 -16.18 37.41 -18.95
C ALA C 155 -14.95 36.57 -18.69
N SER C 156 -13.90 37.23 -18.22
CA SER C 156 -12.65 36.55 -17.92
C SER C 156 -12.84 35.54 -16.79
N LEU C 157 -13.50 35.99 -15.73
CA LEU C 157 -13.78 35.12 -14.60
C LEU C 157 -14.53 33.89 -15.07
N LYS C 158 -15.53 34.09 -15.91
CA LYS C 158 -16.33 32.98 -16.40
C LYS C 158 -15.47 32.02 -17.20
N LYS C 159 -14.61 32.58 -18.04
CA LYS C 159 -13.75 31.75 -18.88
C LYS C 159 -12.96 30.79 -18.02
N HIS C 160 -12.47 31.28 -16.88
CA HIS C 160 -11.69 30.50 -15.95
C HIS C 160 -12.46 29.76 -14.87
N HIS C 161 -13.74 29.52 -15.15
CA HIS C 161 -14.59 28.76 -14.25
C HIS C 161 -14.74 29.29 -12.85
N LEU C 162 -14.52 30.58 -12.66
CA LEU C 162 -14.64 31.17 -11.34
C LEU C 162 -16.00 31.76 -11.08
N LEU C 163 -16.88 31.73 -12.08
CA LEU C 163 -18.21 32.29 -11.90
C LEU C 163 -19.23 31.25 -11.50
N ASN C 164 -18.83 29.98 -11.49
CA ASN C 164 -19.71 28.90 -11.08
C ASN C 164 -20.21 29.24 -9.67
N ASN C 165 -21.52 29.11 -9.43
CA ASN C 165 -22.08 29.43 -8.13
C ASN C 165 -21.35 28.81 -6.95
N ASN C 166 -20.87 27.60 -7.15
CA ASN C 166 -20.14 26.90 -6.10
C ASN C 166 -18.93 27.74 -5.71
N LYS C 167 -18.07 28.05 -6.68
CA LYS C 167 -16.88 28.86 -6.44
C LYS C 167 -17.23 30.22 -5.82
N LEU C 168 -18.31 30.82 -6.27
CA LEU C 168 -18.72 32.13 -5.77
C LEU C 168 -19.10 32.18 -4.30
N LYS C 169 -19.83 31.19 -3.81
CA LYS C 169 -20.23 31.21 -2.42
C LYS C 169 -19.18 30.66 -1.47
N ASN C 170 -18.05 30.23 -2.02
CA ASN C 170 -16.94 29.75 -1.21
C ASN C 170 -15.86 30.82 -1.11
N GLY C 171 -16.17 32.01 -1.63
CA GLY C 171 -15.25 33.13 -1.57
C GLY C 171 -14.10 33.17 -2.57
N HIS C 172 -14.15 32.34 -3.60
CA HIS C 172 -13.09 32.32 -4.59
C HIS C 172 -12.98 33.64 -5.34
N VAL C 173 -14.04 34.44 -5.27
CA VAL C 173 -14.06 35.74 -5.94
C VAL C 173 -14.67 36.85 -5.08
N MET C 174 -13.93 37.94 -4.99
CA MET C 174 -14.36 39.12 -4.27
C MET C 174 -13.97 40.31 -5.14
N ILE C 175 -14.95 40.98 -5.72
CA ILE C 175 -14.65 42.13 -6.55
C ILE C 175 -14.82 43.37 -5.67
N GLN C 176 -13.80 44.21 -5.68
CA GLN C 176 -13.76 45.40 -4.85
C GLN C 176 -13.63 46.65 -5.70
N SER C 177 -14.11 47.77 -5.18
CA SER C 177 -14.00 49.03 -5.89
C SER C 177 -14.42 50.21 -5.02
N PHE C 178 -13.89 51.40 -5.36
CA PHE C 178 -14.25 52.62 -4.67
C PHE C 178 -15.49 53.19 -5.35
N SER C 179 -15.69 52.77 -6.60
CA SER C 179 -16.81 53.23 -7.42
C SER C 179 -18.11 52.45 -7.20
N ASP C 180 -19.07 53.09 -6.54
CA ASP C 180 -20.36 52.45 -6.30
C ASP C 180 -20.99 52.14 -7.66
N GLU C 181 -20.71 53.00 -8.62
CA GLU C 181 -21.24 52.84 -9.96
C GLU C 181 -20.78 51.53 -10.56
N SER C 182 -19.48 51.26 -10.43
CA SER C 182 -18.86 50.06 -10.96
C SER C 182 -19.45 48.82 -10.28
N LEU C 183 -19.57 48.86 -8.95
CA LEU C 183 -20.12 47.74 -8.22
C LEU C 183 -21.59 47.49 -8.58
N LYS C 184 -22.37 48.56 -8.63
CA LYS C 184 -23.78 48.43 -8.96
C LYS C 184 -23.98 47.85 -10.35
N LYS C 185 -23.09 48.22 -11.28
CA LYS C 185 -23.17 47.71 -12.64
C LYS C 185 -22.97 46.19 -12.59
N ILE C 186 -21.97 45.76 -11.85
CA ILE C 186 -21.68 44.33 -11.73
C ILE C 186 -22.79 43.61 -11.03
N HIS C 187 -23.33 44.22 -9.98
CA HIS C 187 -24.40 43.59 -9.24
C HIS C 187 -25.62 43.32 -10.10
N ARG C 188 -25.92 44.27 -10.99
CA ARG C 188 -27.05 44.12 -11.90
C ARG C 188 -26.80 42.99 -12.88
N GLN C 189 -25.60 42.99 -13.43
CA GLN C 189 -25.21 41.99 -14.41
C GLN C 189 -25.08 40.58 -13.81
N ASN C 190 -24.69 40.49 -12.55
CA ASN C 190 -24.55 39.20 -11.87
C ASN C 190 -24.66 39.39 -10.37
N LYS C 191 -25.86 39.17 -9.84
CA LYS C 191 -26.12 39.35 -8.41
C LYS C 191 -25.36 38.42 -7.48
N HIS C 192 -24.80 37.36 -8.05
CA HIS C 192 -24.08 36.37 -7.27
C HIS C 192 -22.60 36.60 -6.96
N VAL C 193 -21.99 37.61 -7.56
CA VAL C 193 -20.60 37.88 -7.31
C VAL C 193 -20.48 38.75 -6.06
N PRO C 194 -19.74 38.28 -5.05
CA PRO C 194 -19.54 39.05 -3.80
C PRO C 194 -18.88 40.38 -4.14
N LEU C 195 -19.45 41.47 -3.65
CA LEU C 195 -18.87 42.79 -3.93
C LEU C 195 -18.39 43.47 -2.67
N VAL C 196 -17.30 44.22 -2.78
CA VAL C 196 -16.75 44.92 -1.64
C VAL C 196 -16.57 46.38 -1.97
N LYS C 197 -17.17 47.23 -1.14
CA LYS C 197 -17.08 48.67 -1.30
C LYS C 197 -15.85 49.21 -0.56
N LEU C 198 -14.95 49.84 -1.32
CA LEU C 198 -13.74 50.41 -0.73
C LEU C 198 -14.02 51.83 -0.27
N VAL C 199 -13.83 52.07 1.02
CA VAL C 199 -14.05 53.38 1.58
C VAL C 199 -12.74 54.13 1.63
N ASP C 200 -12.79 55.44 1.40
CA ASP C 200 -11.59 56.24 1.41
C ASP C 200 -11.19 56.69 2.81
N LYS C 201 -10.01 57.28 2.91
CA LYS C 201 -9.48 57.77 4.18
C LYS C 201 -10.34 58.92 4.70
N GLY C 202 -10.97 58.70 5.84
CA GLY C 202 -11.81 59.72 6.42
C GLY C 202 -13.24 59.63 5.92
N GLU C 203 -13.41 59.04 4.74
CA GLU C 203 -14.75 58.90 4.16
C GLU C 203 -15.67 57.99 4.97
N LEU C 204 -15.12 57.06 5.73
CA LEU C 204 -15.95 56.14 6.50
C LEU C 204 -16.96 56.85 7.40
N GLN C 205 -16.46 57.83 8.15
CA GLN C 205 -17.28 58.62 9.06
C GLN C 205 -18.37 59.32 8.26
N GLN C 206 -17.93 60.07 7.25
CA GLN C 206 -18.82 60.85 6.41
C GLN C 206 -20.18 60.24 6.07
N PHE C 207 -20.30 58.91 5.96
CA PHE C 207 -21.63 58.42 5.66
C PHE C 207 -22.39 57.61 6.69
N ASN C 208 -23.63 58.07 6.89
CA ASN C 208 -24.63 57.55 7.83
C ASN C 208 -25.13 56.13 7.60
N ASP C 209 -26.17 55.79 8.35
CA ASP C 209 -26.78 54.46 8.28
C ASP C 209 -27.57 54.22 7.01
N GLN C 210 -28.28 55.23 6.53
CA GLN C 210 -29.04 55.03 5.30
C GLN C 210 -28.06 54.70 4.19
N ARG C 211 -26.92 55.39 4.20
CA ARG C 211 -25.87 55.17 3.20
C ARG C 211 -25.38 53.74 3.29
N LEU C 212 -24.98 53.34 4.49
CA LEU C 212 -24.49 51.99 4.70
C LEU C 212 -25.56 50.97 4.29
N LYS C 213 -26.80 51.25 4.65
CA LYS C 213 -27.91 50.36 4.33
C LYS C 213 -27.99 50.09 2.84
N GLU C 214 -27.77 51.12 2.04
CA GLU C 214 -27.84 50.97 0.59
C GLU C 214 -26.58 50.29 0.04
N ILE C 215 -25.42 50.66 0.58
CA ILE C 215 -24.18 50.05 0.13
C ILE C 215 -24.32 48.55 0.38
N ARG C 216 -24.89 48.23 1.54
CA ARG C 216 -25.08 46.85 1.92
C ARG C 216 -26.06 46.12 1.01
N SER C 217 -26.80 46.87 0.18
CA SER C 217 -27.76 46.21 -0.70
C SER C 217 -27.12 45.55 -1.91
N TYR C 218 -25.89 45.95 -2.21
CA TYR C 218 -25.18 45.38 -3.35
C TYR C 218 -23.80 44.81 -2.99
N ALA C 219 -23.27 45.22 -1.84
CA ALA C 219 -21.96 44.75 -1.40
C ALA C 219 -22.02 44.06 -0.04
N ILE C 220 -21.53 42.82 0.03
CA ILE C 220 -21.52 42.07 1.28
C ILE C 220 -20.38 42.57 2.15
N GLY C 221 -19.37 43.14 1.52
CA GLY C 221 -18.24 43.61 2.29
C GLY C 221 -17.91 45.08 2.15
N LEU C 222 -17.17 45.57 3.14
CA LEU C 222 -16.77 46.97 3.18
C LEU C 222 -15.29 47.03 3.54
N GLY C 223 -14.50 47.73 2.73
CA GLY C 223 -13.08 47.82 3.00
C GLY C 223 -12.62 49.25 3.22
N PRO C 224 -12.65 49.72 4.47
CA PRO C 224 -12.23 51.08 4.86
C PRO C 224 -10.75 51.20 5.17
N ASP C 225 -10.23 52.43 5.15
CA ASP C 225 -8.83 52.63 5.49
C ASP C 225 -8.80 52.17 6.95
N TYR C 226 -7.85 51.30 7.31
CA TYR C 226 -7.80 50.79 8.67
C TYR C 226 -7.73 51.83 9.81
N THR C 227 -7.16 53.00 9.51
CA THR C 227 -7.02 54.04 10.52
C THR C 227 -8.34 54.65 10.94
N ASP C 228 -9.38 54.52 10.11
CA ASP C 228 -10.69 55.08 10.45
C ASP C 228 -11.50 54.13 11.33
N LEU C 229 -10.97 52.93 11.56
CA LEU C 229 -11.68 51.96 12.37
C LEU C 229 -11.43 52.12 13.86
N THR C 230 -12.45 51.80 14.64
CA THR C 230 -12.42 51.86 16.09
C THR C 230 -13.33 50.73 16.51
N GLU C 231 -13.14 50.19 17.69
CA GLU C 231 -13.97 49.06 18.11
C GLU C 231 -15.48 49.25 17.93
N GLN C 232 -15.96 50.47 18.18
CA GLN C 232 -17.39 50.72 18.05
C GLN C 232 -17.93 50.68 16.62
N ASN C 233 -17.39 51.52 15.74
CA ASN C 233 -17.89 51.54 14.37
C ASN C 233 -17.73 50.15 13.74
N THR C 234 -16.65 49.48 14.09
CA THR C 234 -16.39 48.14 13.58
C THR C 234 -17.55 47.25 13.96
N HIS C 235 -17.94 47.32 15.23
CA HIS C 235 -19.05 46.52 15.70
C HIS C 235 -20.32 46.90 14.95
N HIS C 236 -20.52 48.21 14.80
CA HIS C 236 -21.69 48.73 14.11
C HIS C 236 -21.79 48.16 12.71
N LEU C 237 -20.70 48.26 11.95
CA LEU C 237 -20.65 47.75 10.58
C LEU C 237 -20.97 46.26 10.58
N LYS C 238 -20.31 45.51 11.47
CA LYS C 238 -20.54 44.08 11.57
C LYS C 238 -22.01 43.79 11.82
N ASP C 239 -22.64 44.68 12.61
CA ASP C 239 -24.06 44.56 12.95
C ASP C 239 -24.93 44.77 11.73
N LEU C 240 -24.51 45.69 10.88
CA LEU C 240 -25.23 45.98 9.65
C LEU C 240 -25.07 44.86 8.61
N GLY C 241 -24.44 43.76 9.02
CA GLY C 241 -24.25 42.63 8.13
C GLY C 241 -23.00 42.64 7.27
N PHE C 242 -22.14 43.64 7.46
CA PHE C 242 -20.92 43.74 6.68
C PHE C 242 -19.83 42.77 7.09
N ILE C 243 -18.92 42.58 6.14
CA ILE C 243 -17.73 41.77 6.34
C ILE C 243 -16.73 42.91 6.26
N VAL C 244 -15.82 43.01 7.21
CA VAL C 244 -14.89 44.12 7.17
C VAL C 244 -13.44 43.72 6.95
N HIS C 245 -12.83 44.34 5.95
CA HIS C 245 -11.44 44.10 5.59
C HIS C 245 -10.75 45.44 5.40
N PRO C 246 -10.29 46.05 6.51
CA PRO C 246 -9.60 47.35 6.47
C PRO C 246 -8.35 47.25 5.59
N TYR C 247 -7.91 48.35 4.98
CA TYR C 247 -6.73 48.21 4.14
C TYR C 247 -5.39 48.80 4.48
N THR C 248 -4.44 47.92 4.12
CA THR C 248 -3.00 47.96 4.22
C THR C 248 -2.47 48.19 5.61
N VAL C 249 -2.60 47.10 6.36
CA VAL C 249 -2.16 46.99 7.74
C VAL C 249 -0.88 46.18 7.68
N ASN C 250 0.25 46.80 7.96
CA ASN C 250 1.50 46.07 7.92
C ASN C 250 2.19 45.92 9.28
N GLU C 251 1.59 46.50 10.31
CA GLU C 251 2.14 46.45 11.66
C GLU C 251 1.44 45.41 12.52
N LYS C 252 2.20 44.48 13.08
CA LYS C 252 1.64 43.44 13.94
C LYS C 252 0.71 44.01 15.02
N ALA C 253 1.14 45.12 15.62
CA ALA C 253 0.36 45.78 16.66
C ALA C 253 -1.06 46.09 16.20
N ASP C 254 -1.16 46.76 15.05
CA ASP C 254 -2.45 47.13 14.46
C ASP C 254 -3.24 45.89 14.10
N MET C 255 -2.56 44.88 13.55
CA MET C 255 -3.20 43.64 13.15
C MET C 255 -3.95 43.07 14.35
N LEU C 256 -3.26 43.00 15.49
CA LEU C 256 -3.87 42.48 16.70
C LEU C 256 -5.04 43.35 17.15
N ARG C 257 -4.81 44.65 17.21
CA ARG C 257 -5.85 45.58 17.64
C ARG C 257 -7.12 45.37 16.83
N LEU C 258 -6.98 45.51 15.51
CA LEU C 258 -8.10 45.35 14.59
C LEU C 258 -8.82 44.01 14.75
N ASN C 259 -8.06 42.93 14.86
CA ASN C 259 -8.70 41.63 15.03
C ASN C 259 -9.60 41.66 16.25
N LYS C 260 -9.15 42.36 17.28
CA LYS C 260 -9.91 42.49 18.52
C LYS C 260 -11.18 43.26 18.28
N TYR C 261 -11.11 44.29 17.43
CA TYR C 261 -12.29 45.08 17.10
C TYR C 261 -13.35 44.14 16.53
N GLY C 262 -12.90 43.15 15.76
CA GLY C 262 -13.83 42.19 15.16
C GLY C 262 -13.77 42.05 13.65
N VAL C 263 -12.80 42.70 13.01
CA VAL C 263 -12.66 42.63 11.56
C VAL C 263 -12.56 41.18 11.13
N ASP C 264 -12.71 40.95 9.82
CA ASP C 264 -12.66 39.62 9.26
C ASP C 264 -11.37 39.33 8.51
N GLY C 265 -10.44 40.28 8.54
CA GLY C 265 -9.19 40.09 7.84
C GLY C 265 -8.62 41.42 7.45
N VAL C 266 -7.51 41.42 6.73
CA VAL C 266 -6.90 42.68 6.31
C VAL C 266 -6.11 42.56 5.02
N PHE C 267 -5.87 43.70 4.40
CA PHE C 267 -5.08 43.76 3.18
C PHE C 267 -3.73 44.02 3.80
N THR C 268 -2.70 43.31 3.35
CA THR C 268 -1.38 43.56 3.92
C THR C 268 -0.27 43.21 2.96
N ASN C 269 0.85 43.90 3.11
CA ASN C 269 2.00 43.65 2.27
C ASN C 269 2.92 42.61 2.92
N PHE C 270 2.52 42.14 4.08
CA PHE C 270 3.26 41.14 4.84
C PHE C 270 2.33 40.05 5.32
N ALA C 271 1.98 39.15 4.41
CA ALA C 271 1.08 38.04 4.69
C ALA C 271 1.46 37.25 5.93
N ASP C 272 2.73 36.91 6.05
CA ASP C 272 3.21 36.14 7.19
C ASP C 272 2.97 36.83 8.53
N LYS C 273 3.28 38.13 8.62
CA LYS C 273 3.06 38.85 9.87
C LYS C 273 1.62 38.69 10.30
N TYR C 274 0.68 38.84 9.38
CA TYR C 274 -0.72 38.71 9.75
C TYR C 274 -1.08 37.28 10.11
N LYS C 275 -0.59 36.32 9.34
CA LYS C 275 -0.92 34.93 9.63
C LYS C 275 -0.39 34.52 11.01
N GLU C 276 0.74 35.11 11.41
CA GLU C 276 1.33 34.82 12.72
C GLU C 276 0.45 35.44 13.80
N VAL C 277 0.03 36.68 13.58
CA VAL C 277 -0.84 37.34 14.54
C VAL C 277 -2.10 36.53 14.75
N ILE C 278 -2.54 35.81 13.71
CA ILE C 278 -3.74 34.99 13.80
C ILE C 278 -3.43 33.73 14.59
N LYS C 279 -2.26 33.17 14.35
CA LYS C 279 -1.79 31.95 15.02
C LYS C 279 -1.79 32.12 16.53
N GLU C 280 -1.50 33.34 16.99
CA GLU C 280 -1.45 33.65 18.41
C GLU C 280 -2.79 34.21 18.93
N GLN D 14 -28.34 -13.18 -36.06
CA GLN D 14 -27.22 -14.11 -36.37
C GLN D 14 -25.82 -13.46 -36.25
N TRP D 15 -25.76 -12.33 -35.55
CA TRP D 15 -24.50 -11.61 -35.33
C TRP D 15 -23.92 -11.97 -33.97
N HIS D 16 -22.73 -11.44 -33.69
CA HIS D 16 -22.08 -11.72 -32.41
C HIS D 16 -22.34 -10.60 -31.41
N THR D 17 -22.49 -10.95 -30.15
CA THR D 17 -22.74 -9.95 -29.12
C THR D 17 -21.67 -10.04 -28.04
N ASN D 18 -21.40 -8.90 -27.42
CA ASN D 18 -20.39 -8.80 -26.36
C ASN D 18 -20.39 -10.04 -25.48
N LEU D 19 -19.21 -10.46 -25.05
CA LEU D 19 -19.08 -11.64 -24.21
C LEU D 19 -19.62 -11.38 -22.82
N THR D 20 -19.74 -10.10 -22.48
CA THR D 20 -20.25 -9.73 -21.17
C THR D 20 -21.76 -9.95 -21.13
N ASN D 21 -22.32 -10.28 -22.28
CA ASN D 21 -23.75 -10.52 -22.45
C ASN D 21 -24.55 -9.20 -22.48
N GLU D 22 -23.85 -8.09 -22.68
CA GLU D 22 -24.49 -6.79 -22.76
C GLU D 22 -24.74 -6.48 -24.24
N ARG D 23 -25.88 -5.88 -24.55
CA ARG D 23 -26.16 -5.55 -25.93
C ARG D 23 -25.20 -4.40 -26.29
N PHE D 24 -25.06 -3.46 -25.36
CA PHE D 24 -24.16 -2.32 -25.54
C PHE D 24 -23.18 -2.24 -24.36
N THR D 25 -21.90 -2.40 -24.66
CA THR D 25 -20.90 -2.34 -23.61
C THR D 25 -20.29 -0.95 -23.56
N THR D 26 -20.05 -0.46 -22.35
CA THR D 26 -19.47 0.87 -22.15
C THR D 26 -18.01 0.79 -21.75
N ILE D 27 -17.11 1.08 -22.69
CA ILE D 27 -15.69 1.02 -22.41
C ILE D 27 -15.15 2.36 -21.93
N ALA D 28 -14.76 2.42 -20.66
CA ALA D 28 -14.22 3.62 -20.04
C ALA D 28 -12.79 3.96 -20.51
N HIS D 29 -12.68 4.64 -21.63
CA HIS D 29 -11.41 5.02 -22.21
C HIS D 29 -10.47 5.64 -21.18
N ARG D 30 -9.46 4.88 -20.79
CA ARG D 30 -8.49 5.34 -19.78
C ARG D 30 -9.15 5.66 -18.46
N GLY D 31 -10.28 5.02 -18.19
CA GLY D 31 -11.00 5.25 -16.96
C GLY D 31 -12.03 6.34 -17.18
N ALA D 32 -12.36 7.08 -16.13
CA ALA D 32 -13.32 8.19 -16.25
C ALA D 32 -12.50 9.37 -16.76
N SER D 33 -11.82 9.09 -17.87
CA SER D 33 -10.94 10.03 -18.57
C SER D 33 -11.38 11.47 -18.65
N GLY D 34 -12.65 11.71 -18.97
CA GLY D 34 -13.17 13.06 -19.08
C GLY D 34 -13.37 13.82 -17.78
N TYR D 35 -13.43 13.13 -16.64
CA TYR D 35 -13.63 13.76 -15.35
C TYR D 35 -12.43 13.67 -14.41
N ALA D 36 -11.53 12.72 -14.68
CA ALA D 36 -10.36 12.55 -13.85
C ALA D 36 -9.15 12.29 -14.69
N PRO D 37 -7.94 12.48 -14.12
CA PRO D 37 -6.69 12.26 -14.86
C PRO D 37 -6.58 10.82 -15.34
N GLU D 38 -6.60 10.65 -16.66
CA GLU D 38 -6.51 9.34 -17.30
C GLU D 38 -5.51 8.39 -16.62
N HIS D 39 -5.83 7.09 -16.65
CA HIS D 39 -4.98 6.04 -16.08
C HIS D 39 -4.46 6.29 -14.67
N THR D 40 -5.38 6.55 -13.74
CA THR D 40 -5.03 6.74 -12.34
C THR D 40 -6.15 6.07 -11.56
N PHE D 41 -5.86 5.68 -10.32
CA PHE D 41 -6.88 5.02 -9.51
C PHE D 41 -8.11 5.90 -9.50
N GLN D 42 -7.89 7.22 -9.44
CA GLN D 42 -9.00 8.16 -9.43
C GLN D 42 -9.88 7.90 -10.64
N ALA D 43 -9.29 8.01 -11.83
CA ALA D 43 -10.05 7.78 -13.06
C ALA D 43 -10.69 6.41 -13.11
N TYR D 44 -10.00 5.38 -12.65
CA TYR D 44 -10.57 4.04 -12.68
C TYR D 44 -11.67 3.90 -11.63
N ASP D 45 -11.42 4.42 -10.43
CA ASP D 45 -12.43 4.34 -9.37
C ASP D 45 -13.72 4.98 -9.82
N LYS D 46 -13.60 6.14 -10.45
CA LYS D 46 -14.76 6.85 -10.94
C LYS D 46 -15.56 6.08 -11.96
N SER D 47 -14.93 5.63 -13.02
CA SER D 47 -15.66 4.92 -14.05
C SER D 47 -16.18 3.55 -13.62
N HIS D 48 -15.47 2.92 -12.70
CA HIS D 48 -15.86 1.58 -12.28
C HIS D 48 -16.87 1.54 -11.15
N ASN D 49 -16.57 2.30 -10.09
CA ASN D 49 -17.43 2.34 -8.91
C ASN D 49 -18.61 3.28 -9.07
N GLU D 50 -18.31 4.50 -9.48
CA GLU D 50 -19.30 5.55 -9.65
C GLU D 50 -20.14 5.39 -10.89
N LEU D 51 -19.60 5.68 -12.06
CA LEU D 51 -20.35 5.58 -13.30
C LEU D 51 -20.74 4.17 -13.72
N LYS D 52 -20.13 3.18 -13.08
CA LYS D 52 -20.39 1.78 -13.37
C LYS D 52 -20.33 1.40 -14.84
N ALA D 53 -19.18 1.65 -15.47
CA ALA D 53 -18.97 1.31 -16.88
C ALA D 53 -18.59 -0.17 -17.01
N SER D 54 -18.78 -0.73 -18.20
CA SER D 54 -18.48 -2.14 -18.48
C SER D 54 -17.00 -2.54 -18.37
N TYR D 55 -16.09 -1.73 -18.89
CA TYR D 55 -14.68 -2.04 -18.86
C TYR D 55 -13.80 -0.96 -18.31
N ILE D 56 -12.64 -1.40 -17.82
CA ILE D 56 -11.59 -0.52 -17.31
C ILE D 56 -10.57 -0.61 -18.46
N GLU D 57 -10.45 0.44 -19.26
CA GLU D 57 -9.54 0.45 -20.40
C GLU D 57 -8.15 0.87 -19.97
N ILE D 58 -7.17 0.00 -20.23
CA ILE D 58 -5.79 0.25 -19.83
C ILE D 58 -4.77 0.29 -20.97
N ASP D 59 -3.86 1.27 -20.94
CA ASP D 59 -2.81 1.40 -21.93
C ASP D 59 -1.51 1.03 -21.23
N LEU D 60 -0.79 0.07 -21.82
CA LEU D 60 0.45 -0.40 -21.22
C LEU D 60 1.75 0.21 -21.73
N GLN D 61 2.65 0.45 -20.80
CA GLN D 61 3.99 0.97 -21.06
C GLN D 61 4.85 0.19 -20.04
N ARG D 62 6.18 0.23 -20.17
CA ARG D 62 6.99 -0.51 -19.22
C ARG D 62 8.12 0.34 -18.67
N THR D 63 8.44 0.13 -17.40
CA THR D 63 9.50 0.90 -16.76
C THR D 63 10.88 0.31 -17.08
N LYS D 64 11.91 1.07 -16.69
CA LYS D 64 13.30 0.68 -16.92
C LYS D 64 13.55 -0.70 -16.33
N ASP D 65 12.99 -0.96 -15.16
CA ASP D 65 13.16 -2.25 -14.53
C ASP D 65 12.04 -3.23 -14.87
N GLY D 66 11.43 -3.04 -16.04
CA GLY D 66 10.40 -3.93 -16.53
C GLY D 66 9.01 -4.06 -15.94
N HIS D 67 8.52 -3.05 -15.24
CA HIS D 67 7.18 -3.14 -14.67
C HIS D 67 6.14 -2.64 -15.65
N LEU D 68 5.11 -3.44 -15.87
CA LEU D 68 4.04 -2.98 -16.76
C LEU D 68 3.23 -1.93 -15.99
N VAL D 69 3.04 -0.76 -16.59
CA VAL D 69 2.29 0.33 -15.97
C VAL D 69 1.29 0.89 -16.95
N ALA D 70 0.30 1.59 -16.43
CA ALA D 70 -0.72 2.17 -17.30
C ALA D 70 -0.36 3.59 -17.64
N MET D 71 -0.22 3.86 -18.93
CA MET D 71 0.08 5.21 -19.44
C MET D 71 -0.13 5.18 -20.93
N HIS D 72 -0.75 6.23 -21.48
CA HIS D 72 -1.00 6.27 -22.91
C HIS D 72 0.24 6.49 -23.78
N ASP D 73 1.00 7.55 -23.49
CA ASP D 73 2.21 7.87 -24.26
C ASP D 73 3.42 7.08 -23.79
N GLU D 74 4.48 7.07 -24.59
CA GLU D 74 5.71 6.36 -24.26
C GLU D 74 6.56 7.26 -23.37
N THR D 75 6.12 8.50 -23.24
CA THR D 75 6.79 9.50 -22.41
C THR D 75 5.85 10.05 -21.35
N VAL D 76 6.43 10.38 -20.21
CA VAL D 76 5.69 10.89 -19.06
C VAL D 76 5.34 12.39 -19.13
N ASN D 77 5.89 13.05 -20.15
CA ASN D 77 5.71 14.48 -20.38
C ASN D 77 4.31 15.05 -20.27
N ARG D 78 3.40 14.52 -21.08
CA ARG D 78 2.04 15.00 -21.11
C ARG D 78 1.23 14.86 -19.83
N THR D 79 1.38 13.72 -19.16
CA THR D 79 0.59 13.48 -17.97
C THR D 79 1.29 13.52 -16.60
N THR D 80 2.50 14.06 -16.54
CA THR D 80 3.19 14.15 -15.26
C THR D 80 4.08 15.37 -15.18
N ASN D 81 4.63 15.59 -13.99
CA ASN D 81 5.51 16.71 -13.74
C ASN D 81 6.93 16.27 -14.08
N GLY D 82 7.03 15.26 -14.95
CA GLY D 82 8.34 14.76 -15.35
C GLY D 82 8.50 14.69 -16.85
N HIS D 83 9.73 14.44 -17.29
CA HIS D 83 10.05 14.33 -18.73
C HIS D 83 10.86 13.07 -19.00
N GLY D 84 10.72 12.53 -20.20
CA GLY D 84 11.48 11.34 -20.55
C GLY D 84 10.62 10.17 -20.97
N LYS D 85 11.26 9.10 -21.43
CA LYS D 85 10.57 7.89 -21.86
C LYS D 85 10.23 7.09 -20.63
N VAL D 86 9.05 6.47 -20.60
CA VAL D 86 8.65 5.68 -19.45
C VAL D 86 9.75 4.71 -19.07
N GLU D 87 10.35 4.11 -20.08
CA GLU D 87 11.40 3.14 -19.84
C GLU D 87 12.71 3.71 -19.29
N ASP D 88 12.82 5.03 -19.16
CA ASP D 88 14.03 5.61 -18.59
C ASP D 88 13.83 5.76 -17.08
N TYR D 89 12.62 5.50 -16.62
CA TYR D 89 12.28 5.59 -15.21
C TYR D 89 12.15 4.20 -14.62
N THR D 90 12.56 4.04 -13.37
CA THR D 90 12.40 2.76 -12.69
C THR D 90 11.03 2.94 -12.04
N LEU D 91 10.33 1.84 -11.78
CA LEU D 91 9.02 1.95 -11.18
C LEU D 91 9.08 2.91 -10.00
N ASP D 92 10.10 2.75 -9.19
CA ASP D 92 10.26 3.59 -8.02
C ASP D 92 10.34 5.07 -8.35
N GLU D 93 11.07 5.41 -9.39
CA GLU D 93 11.20 6.80 -9.79
C GLU D 93 9.88 7.28 -10.36
N LEU D 94 9.28 6.45 -11.20
CA LEU D 94 8.02 6.83 -11.82
C LEU D 94 6.97 7.13 -10.76
N LYS D 95 7.06 6.44 -9.62
CA LYS D 95 6.12 6.63 -8.53
C LYS D 95 6.27 7.98 -7.83
N GLN D 96 7.34 8.69 -8.13
CA GLN D 96 7.55 9.99 -7.51
C GLN D 96 6.78 11.06 -8.28
N LEU D 97 6.54 10.80 -9.56
CA LEU D 97 5.84 11.75 -10.40
C LEU D 97 4.41 12.05 -9.92
N ASP D 98 3.90 13.18 -10.40
CA ASP D 98 2.56 13.65 -10.11
C ASP D 98 1.82 13.40 -11.41
N ALA D 99 0.92 12.42 -11.41
CA ALA D 99 0.18 12.08 -12.60
C ALA D 99 -1.21 12.70 -12.62
N GLY D 100 -1.48 13.64 -11.73
CA GLY D 100 -2.79 14.27 -11.68
C GLY D 100 -2.88 15.77 -11.92
N SER D 101 -1.96 16.53 -11.34
CA SER D 101 -1.99 17.97 -11.48
C SER D 101 -2.24 18.45 -12.90
N TRP D 102 -1.56 17.84 -13.86
CA TRP D 102 -1.71 18.22 -15.26
C TRP D 102 -3.18 18.26 -15.70
N PHE D 103 -4.01 17.40 -15.12
CA PHE D 103 -5.42 17.35 -15.49
C PHE D 103 -6.14 18.61 -15.03
N ASN D 104 -5.87 19.04 -13.80
CA ASN D 104 -6.49 20.23 -13.26
C ASN D 104 -6.17 21.42 -14.15
N LYS D 105 -4.91 21.51 -14.55
CA LYS D 105 -4.49 22.61 -15.40
C LYS D 105 -5.09 22.61 -16.79
N LYS D 106 -5.27 21.44 -17.37
CA LYS D 106 -5.85 21.36 -18.70
C LYS D 106 -7.37 21.42 -18.73
N TYR D 107 -8.02 20.93 -17.68
CA TYR D 107 -9.47 20.93 -17.60
C TYR D 107 -9.91 21.58 -16.28
N PRO D 108 -9.71 22.89 -16.15
CA PRO D 108 -10.09 23.61 -14.93
C PRO D 108 -11.52 23.35 -14.49
N LYS D 109 -12.40 23.07 -15.44
CA LYS D 109 -13.79 22.85 -15.06
C LYS D 109 -14.05 21.53 -14.37
N TYR D 110 -13.07 20.63 -14.38
CA TYR D 110 -13.23 19.35 -13.72
C TYR D 110 -12.20 19.17 -12.64
N ALA D 111 -11.30 20.14 -12.55
CA ALA D 111 -10.22 20.13 -11.57
C ALA D 111 -10.68 19.66 -10.20
N ARG D 112 -9.73 19.18 -9.40
CA ARG D 112 -10.04 18.69 -8.08
C ARG D 112 -8.73 18.60 -7.31
N ALA D 113 -8.76 19.12 -6.08
CA ALA D 113 -7.58 19.11 -5.23
C ALA D 113 -7.03 17.71 -4.99
N SER D 114 -7.93 16.72 -4.84
CA SER D 114 -7.52 15.34 -4.61
C SER D 114 -6.71 14.77 -5.78
N TYR D 115 -6.85 15.36 -6.96
CA TYR D 115 -6.12 14.87 -8.12
C TYR D 115 -4.63 15.14 -8.03
N LYS D 116 -4.24 16.12 -7.22
CA LYS D 116 -2.82 16.39 -7.09
C LYS D 116 -2.07 15.20 -6.55
N ASN D 117 -0.90 14.99 -7.12
CA ASN D 117 -0.06 13.87 -6.75
C ASN D 117 -0.65 12.48 -6.97
N ALA D 118 -1.55 12.36 -7.94
CA ALA D 118 -2.11 11.07 -8.27
C ALA D 118 -0.89 10.30 -8.80
N LYS D 119 -0.87 8.98 -8.61
CA LYS D 119 0.27 8.19 -9.05
C LYS D 119 -0.02 7.35 -10.29
N VAL D 120 1.05 6.99 -10.98
CA VAL D 120 0.93 6.13 -12.15
C VAL D 120 0.73 4.74 -11.56
N PRO D 121 -0.26 4.00 -12.05
CA PRO D 121 -0.50 2.67 -11.51
C PRO D 121 0.14 1.55 -12.35
N THR D 122 0.52 0.46 -11.70
CA THR D 122 1.12 -0.67 -12.41
C THR D 122 -0.04 -1.55 -12.79
N LEU D 123 0.14 -2.40 -13.80
CA LEU D 123 -0.92 -3.28 -14.23
C LEU D 123 -1.32 -4.17 -13.07
N ASP D 124 -0.32 -4.57 -12.27
CA ASP D 124 -0.58 -5.44 -11.15
C ASP D 124 -1.49 -4.77 -10.16
N GLU D 125 -1.16 -3.53 -9.78
CA GLU D 125 -1.98 -2.77 -8.83
C GLU D 125 -3.41 -2.66 -9.31
N ILE D 126 -3.58 -2.39 -10.60
CA ILE D 126 -4.91 -2.26 -11.19
C ILE D 126 -5.71 -3.55 -11.03
N LEU D 127 -5.15 -4.67 -11.48
CA LEU D 127 -5.85 -5.96 -11.38
C LEU D 127 -6.11 -6.26 -9.92
N GLU D 128 -5.11 -5.96 -9.10
CA GLU D 128 -5.18 -6.16 -7.65
C GLU D 128 -6.39 -5.44 -7.07
N ARG D 129 -6.45 -4.15 -7.34
CA ARG D 129 -7.50 -3.25 -6.85
C ARG D 129 -8.93 -3.56 -7.25
N TYR D 130 -9.19 -3.75 -8.52
CA TYR D 130 -10.55 -3.99 -8.97
C TYR D 130 -10.98 -5.46 -8.98
N GLY D 131 -10.04 -6.34 -8.68
CA GLY D 131 -10.37 -7.75 -8.61
C GLY D 131 -10.76 -8.50 -9.86
N PRO D 132 -10.92 -9.82 -9.75
CA PRO D 132 -11.28 -10.76 -10.80
C PRO D 132 -12.70 -10.66 -11.31
N ASN D 133 -13.47 -9.73 -10.78
CA ASN D 133 -14.83 -9.59 -11.25
C ASN D 133 -15.04 -8.41 -12.18
N ALA D 134 -14.03 -7.57 -12.24
CA ALA D 134 -14.08 -6.40 -13.11
C ALA D 134 -13.84 -6.90 -14.53
N ASN D 135 -13.91 -5.99 -15.51
CA ASN D 135 -13.66 -6.35 -16.89
C ASN D 135 -12.59 -5.40 -17.40
N TYR D 136 -11.53 -5.99 -17.96
CA TYR D 136 -10.43 -5.18 -18.43
C TYR D 136 -10.24 -5.20 -19.93
N TYR D 137 -9.90 -4.03 -20.48
CA TYR D 137 -9.66 -3.87 -21.90
C TYR D 137 -8.24 -3.34 -21.96
N ILE D 138 -7.28 -4.23 -22.18
CA ILE D 138 -5.86 -3.88 -22.20
C ILE D 138 -5.21 -3.80 -23.57
N GLU D 139 -4.47 -2.71 -23.80
CA GLU D 139 -3.77 -2.46 -25.07
C GLU D 139 -2.25 -2.67 -25.03
N THR D 140 -1.74 -3.37 -26.04
CA THR D 140 -0.31 -3.67 -26.17
C THR D 140 0.28 -2.93 -27.36
N LYS D 141 1.60 -2.72 -27.33
CA LYS D 141 2.35 -2.07 -28.43
C LYS D 141 3.04 -3.15 -29.30
N SER D 142 3.96 -2.74 -30.18
CA SER D 142 4.65 -3.70 -31.04
C SER D 142 5.63 -4.59 -30.27
N PRO D 143 5.68 -5.89 -30.63
CA PRO D 143 6.55 -6.90 -29.99
C PRO D 143 8.02 -6.48 -30.04
N ASP D 144 8.27 -5.35 -30.72
CA ASP D 144 9.62 -4.81 -30.86
C ASP D 144 9.86 -3.65 -29.89
N VAL D 145 8.81 -2.85 -29.63
CA VAL D 145 8.96 -1.72 -28.71
C VAL D 145 9.20 -2.16 -27.26
N TYR D 146 8.47 -3.18 -26.81
CA TYR D 146 8.63 -3.70 -25.45
C TYR D 146 8.65 -5.22 -25.47
N PRO D 147 9.73 -5.84 -25.98
CA PRO D 147 9.85 -7.30 -26.06
C PRO D 147 9.52 -7.98 -24.73
N GLY D 148 8.57 -8.91 -24.77
CA GLY D 148 8.16 -9.60 -23.56
C GLY D 148 6.86 -9.07 -22.97
N MET D 149 6.40 -7.93 -23.47
CA MET D 149 5.17 -7.34 -22.98
C MET D 149 4.03 -8.36 -22.95
N GLU D 150 3.77 -9.00 -24.10
CA GLU D 150 2.70 -10.00 -24.18
C GLU D 150 2.86 -11.09 -23.14
N GLU D 151 4.02 -11.72 -23.08
CA GLU D 151 4.27 -12.78 -22.11
C GLU D 151 3.99 -12.29 -20.70
N GLN D 152 4.38 -11.07 -20.42
CA GLN D 152 4.17 -10.45 -19.11
C GLN D 152 2.69 -10.21 -18.84
N LEU D 153 1.99 -9.62 -19.81
CA LEU D 153 0.58 -9.35 -19.64
C LEU D 153 -0.13 -10.64 -19.25
N LEU D 154 0.02 -11.67 -20.08
CA LEU D 154 -0.63 -12.94 -19.82
C LEU D 154 -0.25 -13.49 -18.46
N ALA D 155 1.03 -13.41 -18.10
CA ALA D 155 1.45 -13.92 -16.80
C ALA D 155 0.73 -13.19 -15.69
N SER D 156 0.63 -11.88 -15.83
CA SER D 156 -0.04 -11.05 -14.84
C SER D 156 -1.52 -11.41 -14.75
N LEU D 157 -2.16 -11.54 -15.90
CA LEU D 157 -3.56 -11.89 -15.93
C LEU D 157 -3.77 -13.21 -15.22
N LYS D 158 -2.90 -14.17 -15.48
CA LYS D 158 -3.02 -15.48 -14.87
C LYS D 158 -2.87 -15.39 -13.37
N LYS D 159 -1.89 -14.61 -12.93
CA LYS D 159 -1.66 -14.44 -11.51
C LYS D 159 -2.95 -14.00 -10.80
N HIS D 160 -3.68 -13.08 -11.43
CA HIS D 160 -4.91 -12.54 -10.88
C HIS D 160 -6.19 -13.32 -11.26
N HIS D 161 -6.01 -14.57 -11.64
CA HIS D 161 -7.11 -15.46 -11.97
C HIS D 161 -8.02 -15.02 -13.09
N LEU D 162 -7.53 -14.16 -13.96
CA LEU D 162 -8.36 -13.68 -15.05
C LEU D 162 -8.21 -14.50 -16.30
N LEU D 163 -7.34 -15.51 -16.26
CA LEU D 163 -7.15 -16.35 -17.43
C LEU D 163 -7.99 -17.62 -17.39
N ASN D 164 -8.68 -17.84 -16.28
CA ASN D 164 -9.55 -18.99 -16.15
C ASN D 164 -10.56 -18.94 -17.31
N ASN D 165 -10.77 -20.06 -17.99
CA ASN D 165 -11.69 -20.11 -19.13
C ASN D 165 -13.04 -19.50 -18.85
N ASN D 166 -13.52 -19.68 -17.63
CA ASN D 166 -14.81 -19.13 -17.25
C ASN D 166 -14.76 -17.61 -17.41
N LYS D 167 -13.80 -16.97 -16.75
CA LYS D 167 -13.65 -15.53 -16.83
C LYS D 167 -13.46 -15.07 -18.27
N LEU D 168 -12.70 -15.82 -19.05
CA LEU D 168 -12.44 -15.45 -20.42
C LEU D 168 -13.66 -15.41 -21.34
N LYS D 169 -14.55 -16.39 -21.24
CA LYS D 169 -15.71 -16.37 -22.11
C LYS D 169 -16.85 -15.49 -21.63
N ASN D 170 -16.65 -14.84 -20.49
CA ASN D 170 -17.65 -13.93 -19.94
C ASN D 170 -17.22 -12.49 -20.22
N GLY D 171 -16.16 -12.34 -21.00
CA GLY D 171 -15.67 -11.03 -21.35
C GLY D 171 -14.85 -10.26 -20.30
N HIS D 172 -14.38 -10.94 -19.26
CA HIS D 172 -13.58 -10.26 -18.24
C HIS D 172 -12.27 -9.73 -18.80
N VAL D 173 -11.87 -10.25 -19.95
CA VAL D 173 -10.63 -9.82 -20.57
C VAL D 173 -10.76 -9.64 -22.08
N MET D 174 -10.30 -8.48 -22.54
CA MET D 174 -10.29 -8.15 -23.96
C MET D 174 -8.94 -7.48 -24.20
N ILE D 175 -8.05 -8.14 -24.93
CA ILE D 175 -6.75 -7.55 -25.23
C ILE D 175 -6.85 -6.91 -26.61
N GLN D 176 -6.45 -5.65 -26.67
CA GLN D 176 -6.54 -4.88 -27.88
C GLN D 176 -5.18 -4.38 -28.33
N SER D 177 -5.03 -4.15 -29.63
CA SER D 177 -3.76 -3.65 -30.17
C SER D 177 -3.87 -3.27 -31.63
N PHE D 178 -3.00 -2.37 -32.06
CA PHE D 178 -2.96 -1.94 -33.45
C PHE D 178 -2.02 -2.90 -34.17
N SER D 179 -1.15 -3.56 -33.40
CA SER D 179 -0.16 -4.50 -33.91
C SER D 179 -0.69 -5.91 -34.12
N ASP D 180 -0.87 -6.30 -35.38
CA ASP D 180 -1.35 -7.64 -35.69
C ASP D 180 -0.33 -8.64 -35.15
N GLU D 181 0.94 -8.24 -35.19
CA GLU D 181 2.01 -9.09 -34.72
C GLU D 181 1.83 -9.43 -33.26
N SER D 182 1.54 -8.40 -32.46
CA SER D 182 1.32 -8.56 -31.03
C SER D 182 0.12 -9.48 -30.75
N LEU D 183 -0.98 -9.25 -31.47
CA LEU D 183 -2.19 -10.05 -31.27
C LEU D 183 -1.94 -11.51 -31.68
N LYS D 184 -1.32 -11.70 -32.83
CA LYS D 184 -1.04 -13.04 -33.31
C LYS D 184 -0.12 -13.78 -32.35
N LYS D 185 0.83 -13.07 -31.74
CA LYS D 185 1.71 -13.71 -30.77
C LYS D 185 0.88 -14.23 -29.59
N ILE D 186 -0.03 -13.39 -29.09
CA ILE D 186 -0.88 -13.76 -27.97
C ILE D 186 -1.79 -14.91 -28.35
N HIS D 187 -2.36 -14.83 -29.56
CA HIS D 187 -3.28 -15.87 -30.01
C HIS D 187 -2.62 -17.24 -30.03
N ARG D 188 -1.36 -17.28 -30.45
CA ARG D 188 -0.60 -18.53 -30.50
C ARG D 188 -0.37 -19.04 -29.09
N GLN D 189 0.08 -18.16 -28.22
CA GLN D 189 0.36 -18.50 -26.85
C GLN D 189 -0.88 -18.88 -26.04
N ASN D 190 -2.04 -18.32 -26.38
CA ASN D 190 -3.29 -18.65 -25.69
C ASN D 190 -4.47 -18.29 -26.59
N LYS D 191 -4.99 -19.29 -27.30
CA LYS D 191 -6.09 -19.09 -28.24
C LYS D 191 -7.41 -18.66 -27.59
N HIS D 192 -7.48 -18.76 -26.28
CA HIS D 192 -8.70 -18.43 -25.54
C HIS D 192 -8.91 -16.99 -25.09
N VAL D 193 -7.90 -16.15 -25.24
CA VAL D 193 -8.05 -14.76 -24.83
C VAL D 193 -8.65 -13.96 -25.97
N PRO D 194 -9.81 -13.31 -25.72
CA PRO D 194 -10.47 -12.51 -26.76
C PRO D 194 -9.52 -11.40 -27.23
N LEU D 195 -9.36 -11.27 -28.54
CA LEU D 195 -8.47 -10.24 -29.06
C LEU D 195 -9.21 -9.23 -29.91
N VAL D 196 -8.78 -7.98 -29.82
CA VAL D 196 -9.42 -6.91 -30.58
C VAL D 196 -8.39 -6.15 -31.40
N LYS D 197 -8.62 -6.10 -32.71
CA LYS D 197 -7.74 -5.39 -33.61
C LYS D 197 -8.13 -3.92 -33.70
N LEU D 198 -7.20 -3.04 -33.37
CA LEU D 198 -7.46 -1.60 -33.42
C LEU D 198 -7.11 -1.09 -34.80
N VAL D 199 -8.09 -0.50 -35.46
CA VAL D 199 -7.90 0.04 -36.79
C VAL D 199 -7.60 1.52 -36.68
N ASP D 200 -6.72 2.01 -37.55
CA ASP D 200 -6.38 3.42 -37.52
C ASP D 200 -7.35 4.29 -38.30
N LYS D 201 -7.19 5.61 -38.16
CA LYS D 201 -8.05 6.56 -38.83
C LYS D 201 -7.85 6.48 -40.34
N GLY D 202 -8.91 6.11 -41.05
CA GLY D 202 -8.83 5.99 -42.50
C GLY D 202 -8.38 4.60 -42.92
N GLU D 203 -7.67 3.91 -42.04
CA GLU D 203 -7.18 2.57 -42.35
C GLU D 203 -8.31 1.53 -42.55
N LEU D 204 -9.47 1.76 -41.95
CA LEU D 204 -10.56 0.81 -42.05
C LEU D 204 -10.92 0.49 -43.50
N GLN D 205 -11.06 1.54 -44.29
CA GLN D 205 -11.40 1.41 -45.70
C GLN D 205 -10.32 0.61 -46.42
N GLN D 206 -9.08 1.09 -46.27
CA GLN D 206 -7.91 0.48 -46.88
C GLN D 206 -7.87 -1.03 -46.97
N PHE D 207 -8.46 -1.77 -46.04
CA PHE D 207 -8.41 -3.22 -46.23
C PHE D 207 -9.68 -4.00 -46.52
N ASN D 208 -9.55 -4.80 -47.57
CA ASN D 208 -10.57 -5.67 -48.15
C ASN D 208 -11.10 -6.80 -47.28
N ASP D 209 -11.87 -7.67 -47.90
CA ASP D 209 -12.47 -8.82 -47.23
C ASP D 209 -11.47 -9.90 -46.85
N GLN D 210 -10.52 -10.17 -47.74
CA GLN D 210 -9.53 -11.20 -47.42
C GLN D 210 -8.79 -10.77 -46.16
N ARG D 211 -8.49 -9.48 -46.08
CA ARG D 211 -7.80 -8.91 -44.91
C ARG D 211 -8.65 -9.13 -43.66
N LEU D 212 -9.90 -8.68 -43.72
CA LEU D 212 -10.81 -8.83 -42.60
C LEU D 212 -10.92 -10.31 -42.24
N LYS D 213 -11.04 -11.16 -43.25
CA LYS D 213 -11.16 -12.60 -43.02
C LYS D 213 -10.03 -13.14 -42.16
N GLU D 214 -8.82 -12.66 -42.43
CA GLU D 214 -7.67 -13.13 -41.67
C GLU D 214 -7.61 -12.48 -40.29
N ILE D 215 -7.91 -11.19 -40.21
CA ILE D 215 -7.90 -10.52 -38.91
C ILE D 215 -8.90 -11.28 -38.01
N ARG D 216 -10.03 -11.64 -38.60
CA ARG D 216 -11.07 -12.35 -37.90
C ARG D 216 -10.63 -13.74 -37.44
N SER D 217 -9.52 -14.22 -37.98
CA SER D 217 -9.05 -15.56 -37.59
C SER D 217 -8.38 -15.57 -36.22
N TYR D 218 -7.96 -14.40 -35.73
CA TYR D 218 -7.32 -14.33 -34.42
C TYR D 218 -7.98 -13.34 -33.47
N ALA D 219 -8.79 -12.43 -34.02
CA ALA D 219 -9.46 -11.42 -33.21
C ALA D 219 -10.98 -11.47 -33.39
N ILE D 220 -11.70 -11.60 -32.28
CA ILE D 220 -13.16 -11.64 -32.32
C ILE D 220 -13.71 -10.22 -32.50
N GLY D 221 -12.91 -9.24 -32.10
CA GLY D 221 -13.35 -7.87 -32.22
C GLY D 221 -12.50 -6.94 -33.05
N LEU D 222 -13.12 -5.86 -33.49
CA LEU D 222 -12.45 -4.87 -34.32
C LEU D 222 -12.79 -3.48 -33.78
N GLY D 223 -11.78 -2.68 -33.49
CA GLY D 223 -12.02 -1.35 -32.96
C GLY D 223 -11.50 -0.25 -33.85
N PRO D 224 -12.32 0.24 -34.80
CA PRO D 224 -11.96 1.30 -35.74
C PRO D 224 -12.22 2.69 -35.22
N ASP D 225 -11.60 3.70 -35.83
CA ASP D 225 -11.85 5.08 -35.42
C ASP D 225 -13.33 5.25 -35.75
N TYR D 226 -14.12 5.74 -34.80
CA TYR D 226 -15.57 5.86 -35.04
C TYR D 226 -16.00 6.65 -36.28
N THR D 227 -15.17 7.62 -36.67
CA THR D 227 -15.49 8.44 -37.84
C THR D 227 -15.49 7.68 -39.15
N ASP D 228 -14.79 6.54 -39.21
CA ASP D 228 -14.72 5.75 -40.44
C ASP D 228 -15.94 4.84 -40.57
N LEU D 229 -16.75 4.78 -39.53
CA LEU D 229 -17.92 3.92 -39.58
C LEU D 229 -19.12 4.56 -40.26
N THR D 230 -19.91 3.72 -40.92
CA THR D 230 -21.12 4.10 -41.63
C THR D 230 -22.02 2.90 -41.48
N GLU D 231 -23.33 3.10 -41.53
CA GLU D 231 -24.25 1.98 -41.35
C GLU D 231 -23.92 0.74 -42.18
N GLN D 232 -23.48 0.94 -43.41
CA GLN D 232 -23.17 -0.21 -44.27
C GLN D 232 -21.94 -1.02 -43.86
N ASN D 233 -20.78 -0.37 -43.77
CA ASN D 233 -19.58 -1.12 -43.41
C ASN D 233 -19.76 -1.76 -42.04
N THR D 234 -20.48 -1.07 -41.16
CA THR D 234 -20.74 -1.58 -39.82
C THR D 234 -21.47 -2.90 -39.94
N HIS D 235 -22.49 -2.92 -40.79
CA HIS D 235 -23.27 -4.12 -41.01
C HIS D 235 -22.37 -5.19 -41.58
N HIS D 236 -21.57 -4.81 -42.55
CA HIS D 236 -20.65 -5.74 -43.20
C HIS D 236 -19.74 -6.41 -42.19
N LEU D 237 -19.09 -5.59 -41.35
CA LEU D 237 -18.20 -6.10 -40.32
C LEU D 237 -18.96 -7.07 -39.41
N LYS D 238 -20.12 -6.63 -38.93
CA LYS D 238 -20.94 -7.45 -38.07
C LYS D 238 -21.25 -8.79 -38.75
N ASP D 239 -21.42 -8.75 -40.07
CA ASP D 239 -21.72 -9.94 -40.87
C ASP D 239 -20.52 -10.87 -40.90
N LEU D 240 -19.34 -10.28 -40.93
CA LEU D 240 -18.10 -11.06 -40.95
C LEU D 240 -17.80 -11.67 -39.59
N GLY D 241 -18.75 -11.53 -38.66
CA GLY D 241 -18.59 -12.11 -37.32
C GLY D 241 -17.89 -11.24 -36.28
N PHE D 242 -17.59 -10.01 -36.65
CA PHE D 242 -16.92 -9.10 -35.74
C PHE D 242 -17.82 -8.52 -34.67
N ILE D 243 -17.16 -8.03 -33.63
CA ILE D 243 -17.80 -7.33 -32.54
C ILE D 243 -17.19 -5.97 -32.81
N VAL D 244 -17.99 -4.92 -32.85
CA VAL D 244 -17.43 -3.61 -33.16
C VAL D 244 -17.50 -2.61 -32.03
N HIS D 245 -16.34 -2.04 -31.70
CA HIS D 245 -16.23 -1.05 -30.63
C HIS D 245 -15.43 0.12 -31.16
N PRO D 246 -16.08 1.05 -31.87
CA PRO D 246 -15.40 2.23 -32.43
C PRO D 246 -14.76 3.06 -31.30
N TYR D 247 -13.69 3.80 -31.61
CA TYR D 247 -13.09 4.54 -30.53
C TYR D 247 -13.12 6.04 -30.41
N THR D 248 -13.30 6.35 -29.13
CA THR D 248 -13.43 7.63 -28.47
C THR D 248 -14.54 8.50 -29.01
N VAL D 249 -15.74 8.09 -28.62
CA VAL D 249 -17.00 8.72 -28.96
C VAL D 249 -17.43 9.43 -27.69
N ASN D 250 -17.42 10.76 -27.70
CA ASN D 250 -17.80 11.49 -26.50
C ASN D 250 -19.06 12.34 -26.69
N GLU D 251 -19.61 12.32 -27.89
CA GLU D 251 -20.83 13.09 -28.21
C GLU D 251 -22.08 12.21 -28.23
N LYS D 252 -23.06 12.56 -27.40
CA LYS D 252 -24.31 11.80 -27.35
C LYS D 252 -24.89 11.51 -28.73
N ALA D 253 -24.83 12.52 -29.60
CA ALA D 253 -25.35 12.41 -30.96
C ALA D 253 -24.73 11.22 -31.70
N ASP D 254 -23.39 11.17 -31.69
CA ASP D 254 -22.64 10.10 -32.34
C ASP D 254 -22.93 8.76 -31.69
N MET D 255 -23.03 8.77 -30.35
CA MET D 255 -23.32 7.56 -29.60
C MET D 255 -24.60 6.94 -30.13
N LEU D 256 -25.65 7.76 -30.26
CA LEU D 256 -26.91 7.29 -30.77
C LEU D 256 -26.80 6.79 -32.20
N ARG D 257 -26.18 7.61 -33.07
CA ARG D 257 -26.01 7.23 -34.46
C ARG D 257 -25.38 5.86 -34.59
N LEU D 258 -24.19 5.72 -34.00
CA LEU D 258 -23.41 4.49 -34.04
C LEU D 258 -24.21 3.30 -33.52
N ASN D 259 -24.91 3.46 -32.40
CA ASN D 259 -25.70 2.37 -31.86
C ASN D 259 -26.70 1.91 -32.91
N LYS D 260 -27.24 2.86 -33.67
CA LYS D 260 -28.19 2.55 -34.73
C LYS D 260 -27.52 1.75 -35.83
N TYR D 261 -26.27 2.09 -36.14
CA TYR D 261 -25.53 1.36 -37.15
C TYR D 261 -25.47 -0.11 -36.76
N GLY D 262 -25.32 -0.37 -35.45
CA GLY D 262 -25.27 -1.74 -34.96
C GLY D 262 -24.06 -2.11 -34.12
N VAL D 263 -23.21 -1.13 -33.80
CA VAL D 263 -22.03 -1.39 -32.99
C VAL D 263 -22.42 -2.07 -31.69
N ASP D 264 -21.43 -2.59 -30.98
CA ASP D 264 -21.66 -3.31 -29.74
C ASP D 264 -21.23 -2.51 -28.52
N GLY D 265 -20.80 -1.28 -28.75
CA GLY D 265 -20.36 -0.43 -27.65
C GLY D 265 -19.34 0.57 -28.15
N VAL D 266 -18.78 1.35 -27.24
CA VAL D 266 -17.80 2.35 -27.62
C VAL D 266 -16.79 2.68 -26.52
N PHE D 267 -15.66 3.23 -26.95
CA PHE D 267 -14.64 3.67 -26.02
C PHE D 267 -15.10 5.11 -25.79
N THR D 268 -15.15 5.57 -24.55
CA THR D 268 -15.56 6.94 -24.32
C THR D 268 -14.98 7.51 -23.05
N ASN D 269 -14.80 8.82 -23.06
CA ASN D 269 -14.24 9.49 -21.90
C ASN D 269 -15.36 9.93 -20.96
N PHE D 270 -16.60 9.63 -21.37
CA PHE D 270 -17.79 10.01 -20.60
C PHE D 270 -18.73 8.83 -20.53
N ALA D 271 -18.41 7.91 -19.62
CA ALA D 271 -19.18 6.70 -19.44
C ALA D 271 -20.67 6.95 -19.24
N ASP D 272 -21.01 7.90 -18.39
CA ASP D 272 -22.41 8.23 -18.13
C ASP D 272 -23.18 8.64 -19.39
N LYS D 273 -22.62 9.54 -20.19
CA LYS D 273 -23.29 9.98 -21.40
C LYS D 273 -23.68 8.77 -22.23
N TYR D 274 -22.78 7.81 -22.39
CA TYR D 274 -23.09 6.64 -23.18
C TYR D 274 -24.11 5.74 -22.51
N LYS D 275 -23.98 5.56 -21.20
CA LYS D 275 -24.93 4.71 -20.50
C LYS D 275 -26.34 5.30 -20.60
N GLU D 276 -26.44 6.63 -20.61
CA GLU D 276 -27.73 7.31 -20.72
C GLU D 276 -28.30 7.09 -22.12
N VAL D 277 -27.46 7.23 -23.14
CA VAL D 277 -27.88 7.02 -24.51
C VAL D 277 -28.40 5.60 -24.68
N ILE D 278 -27.88 4.67 -23.89
CA ILE D 278 -28.34 3.28 -23.97
C ILE D 278 -29.69 3.15 -23.27
N LYS D 279 -29.82 3.84 -22.13
CA LYS D 279 -31.03 3.83 -21.33
C LYS D 279 -32.24 4.26 -22.16
N GLU D 280 -32.01 5.18 -23.10
CA GLU D 280 -33.07 5.69 -23.96
C GLU D 280 -33.15 4.92 -25.29
N GLN E 14 42.97 3.86 26.35
CA GLN E 14 42.06 4.09 25.19
C GLN E 14 40.69 3.43 25.38
N TRP E 15 40.35 3.09 26.62
CA TRP E 15 39.06 2.46 26.95
C TRP E 15 38.07 3.51 27.44
N HIS E 16 36.84 3.08 27.69
CA HIS E 16 35.82 4.00 28.16
C HIS E 16 35.69 3.94 29.68
N THR E 17 35.44 5.09 30.31
CA THR E 17 35.29 5.14 31.76
C THR E 17 33.93 5.69 32.14
N ASN E 18 33.43 5.27 33.29
CA ASN E 18 32.13 5.73 33.77
C ASN E 18 31.90 7.20 33.48
N LEU E 19 30.67 7.55 33.15
CA LEU E 19 30.32 8.92 32.84
C LEU E 19 30.35 9.77 34.09
N THR E 20 30.30 9.13 35.25
CA THR E 20 30.33 9.86 36.51
C THR E 20 31.76 10.36 36.76
N ASN E 21 32.67 9.91 35.92
CA ASN E 21 34.08 10.26 36.00
C ASN E 21 34.79 9.49 37.11
N GLU E 22 34.16 8.42 37.58
CA GLU E 22 34.72 7.58 38.62
C GLU E 22 35.46 6.44 37.94
N ARG E 23 36.60 6.02 38.47
CA ARG E 23 37.30 4.91 37.86
C ARG E 23 36.47 3.66 38.17
N PHE E 24 35.97 3.60 39.40
CA PHE E 24 35.15 2.47 39.85
C PHE E 24 33.85 2.99 40.43
N THR E 25 32.75 2.66 39.79
CA THR E 25 31.47 3.10 40.28
C THR E 25 30.82 2.02 41.15
N THR E 26 30.16 2.46 42.23
CA THR E 26 29.50 1.55 43.16
C THR E 26 27.98 1.58 42.98
N ILE E 27 27.44 0.56 42.32
CA ILE E 27 26.00 0.50 42.09
C ILE E 27 25.28 -0.24 43.21
N ALA E 28 24.49 0.51 43.98
CA ALA E 28 23.75 -0.04 45.10
C ALA E 28 22.56 -0.88 44.66
N HIS E 29 22.80 -2.16 44.41
CA HIS E 29 21.76 -3.09 43.98
C HIS E 29 20.52 -3.01 44.87
N ARG E 30 19.45 -2.41 44.34
CA ARG E 30 18.19 -2.26 45.06
C ARG E 30 18.36 -1.45 46.33
N GLY E 31 19.37 -0.60 46.33
CA GLY E 31 19.64 0.24 47.49
C GLY E 31 20.64 -0.46 48.38
N ALA E 32 20.58 -0.20 49.68
CA ALA E 32 21.47 -0.86 50.64
C ALA E 32 20.81 -2.22 50.90
N SER E 33 20.56 -2.93 49.81
CA SER E 33 19.92 -4.23 49.79
C SER E 33 20.31 -5.20 50.91
N GLY E 34 21.61 -5.33 51.16
CA GLY E 34 22.08 -6.26 52.18
C GLY E 34 21.80 -5.87 53.62
N TYR E 35 21.48 -4.60 53.89
CA TYR E 35 21.24 -4.14 55.24
C TYR E 35 19.82 -3.69 55.49
N ALA E 36 19.11 -3.38 54.42
CA ALA E 36 17.73 -2.93 54.54
C ALA E 36 16.86 -3.57 53.48
N PRO E 37 15.54 -3.56 53.69
CA PRO E 37 14.61 -4.16 52.73
C PRO E 37 14.73 -3.49 51.36
N GLU E 38 15.17 -4.27 50.38
CA GLU E 38 15.34 -3.80 49.00
C GLU E 38 14.23 -2.89 48.51
N HIS E 39 14.58 -1.93 47.67
CA HIS E 39 13.62 -1.00 47.08
C HIS E 39 12.64 -0.30 48.04
N THR E 40 13.20 0.34 49.06
CA THR E 40 12.41 1.10 50.04
C THR E 40 13.23 2.33 50.34
N PHE E 41 12.57 3.39 50.79
CA PHE E 41 13.30 4.62 51.15
C PHE E 41 14.43 4.26 52.12
N GLN E 42 14.17 3.32 53.02
CA GLN E 42 15.17 2.90 53.98
C GLN E 42 16.42 2.43 53.24
N ALA E 43 16.25 1.44 52.37
CA ALA E 43 17.38 0.91 51.61
C ALA E 43 18.07 1.97 50.77
N TYR E 44 17.29 2.87 50.17
CA TYR E 44 17.88 3.92 49.35
C TYR E 44 18.57 4.97 50.20
N ASP E 45 17.93 5.35 51.30
CA ASP E 45 18.52 6.33 52.20
C ASP E 45 19.87 5.84 52.68
N LYS E 46 19.92 4.56 53.07
CA LYS E 46 21.15 3.97 53.57
C LYS E 46 22.27 3.98 52.54
N SER E 47 22.02 3.45 51.36
CA SER E 47 23.07 3.41 50.33
C SER E 47 23.47 4.78 49.79
N HIS E 48 22.53 5.70 49.76
CA HIS E 48 22.81 7.01 49.21
C HIS E 48 23.41 8.03 50.19
N ASN E 49 22.76 8.16 51.33
CA ASN E 49 23.18 9.10 52.38
C ASN E 49 24.32 8.57 53.24
N GLU E 50 24.11 7.37 53.77
CA GLU E 50 25.05 6.72 54.65
C GLU E 50 26.28 6.16 53.93
N LEU E 51 26.12 5.04 53.23
CA LEU E 51 27.24 4.41 52.53
C LEU E 51 27.80 5.21 51.37
N LYS E 52 27.04 6.21 50.91
CA LYS E 52 27.44 7.07 49.79
C LYS E 52 27.90 6.32 48.53
N ALA E 53 27.00 5.50 47.99
CA ALA E 53 27.30 4.73 46.79
C ALA E 53 27.02 5.58 45.56
N SER E 54 27.63 5.21 44.45
CA SER E 54 27.48 5.95 43.19
C SER E 54 26.04 6.02 42.60
N TYR E 55 25.35 4.89 42.58
CA TYR E 55 24.01 4.84 42.00
C TYR E 55 22.94 4.25 42.90
N ILE E 56 21.70 4.67 42.64
CA ILE E 56 20.53 4.17 43.34
C ILE E 56 19.94 3.25 42.26
N GLU E 57 20.04 1.94 42.45
CA GLU E 57 19.56 0.98 41.47
C GLU E 57 18.09 0.69 41.69
N ILE E 58 17.29 0.91 40.65
CA ILE E 58 15.84 0.72 40.73
C ILE E 58 15.25 -0.29 39.73
N ASP E 59 14.35 -1.14 40.22
CA ASP E 59 13.67 -2.12 39.38
C ASP E 59 12.23 -1.66 39.22
N LEU E 60 11.78 -1.54 37.98
CA LEU E 60 10.44 -1.05 37.69
C LEU E 60 9.34 -2.08 37.46
N GLN E 61 8.18 -1.81 38.04
CA GLN E 61 6.97 -2.62 37.90
C GLN E 61 5.87 -1.57 37.80
N ARG E 62 4.67 -1.94 37.35
CA ARG E 62 3.62 -0.96 37.27
C ARG E 62 2.34 -1.41 37.95
N THR E 63 1.63 -0.47 38.56
CA THR E 63 0.39 -0.78 39.26
C THR E 63 -0.77 -0.88 38.28
N LYS E 64 -1.91 -1.37 38.79
CA LYS E 64 -3.13 -1.54 38.02
C LYS E 64 -3.52 -0.23 37.35
N ASP E 65 -3.34 0.87 38.09
CA ASP E 65 -3.66 2.18 37.55
C ASP E 65 -2.46 2.88 36.94
N GLY E 66 -1.51 2.08 36.46
CA GLY E 66 -0.34 2.57 35.75
C GLY E 66 0.77 3.36 36.42
N HIS E 67 0.96 3.22 37.72
CA HIS E 67 2.05 3.94 38.38
C HIS E 67 3.32 3.12 38.36
N LEU E 68 4.41 3.74 37.93
CA LEU E 68 5.69 3.05 37.92
C LEU E 68 6.16 3.00 39.37
N VAL E 69 6.48 1.81 39.84
CA VAL E 69 6.96 1.63 41.20
C VAL E 69 8.22 0.77 41.22
N ALA E 70 8.95 0.83 42.31
CA ALA E 70 10.17 0.05 42.44
C ALA E 70 9.87 -1.26 43.14
N MET E 71 10.17 -2.37 42.45
CA MET E 71 9.99 -3.72 42.98
C MET E 71 10.65 -4.68 42.03
N HIS E 72 11.37 -5.66 42.57
CA HIS E 72 12.08 -6.60 41.72
C HIS E 72 11.22 -7.62 41.00
N ASP E 73 10.35 -8.31 41.75
CA ASP E 73 9.45 -9.31 41.15
C ASP E 73 8.19 -8.68 40.59
N GLU E 74 7.46 -9.44 39.77
CA GLU E 74 6.21 -8.96 39.18
C GLU E 74 5.08 -9.16 40.17
N THR E 75 5.42 -9.87 41.26
CA THR E 75 4.48 -10.15 42.33
C THR E 75 4.99 -9.61 43.66
N VAL E 76 4.05 -9.19 44.51
CA VAL E 76 4.34 -8.62 45.82
C VAL E 76 4.63 -9.67 46.91
N ASN E 77 4.42 -10.94 46.57
CA ASN E 77 4.62 -12.05 47.48
C ASN E 77 5.88 -12.08 48.31
N ARG E 78 7.02 -12.12 47.64
CA ARG E 78 8.31 -12.19 48.32
C ARG E 78 8.66 -11.04 49.28
N THR E 79 8.36 -9.80 48.88
CA THR E 79 8.72 -8.65 49.69
C THR E 79 7.63 -7.91 50.43
N THR E 80 6.42 -8.49 50.54
CA THR E 80 5.37 -7.83 51.28
C THR E 80 4.45 -8.83 51.96
N ASN E 81 3.54 -8.28 52.77
CA ASN E 81 2.57 -9.08 53.49
C ASN E 81 1.36 -9.30 52.57
N GLY E 82 1.57 -9.21 51.27
CA GLY E 82 0.50 -9.40 50.32
C GLY E 82 0.85 -10.40 49.23
N HIS E 83 -0.16 -10.76 48.45
CA HIS E 83 0.01 -11.71 47.35
C HIS E 83 -0.62 -11.16 46.07
N GLY E 84 -0.08 -11.59 44.93
CA GLY E 84 -0.63 -11.13 43.66
C GLY E 84 0.37 -10.41 42.78
N LYS E 85 -0.04 -10.10 41.54
CA LYS E 85 0.80 -9.41 40.59
C LYS E 85 0.73 -7.93 40.94
N VAL E 86 1.86 -7.24 40.82
CA VAL E 86 1.89 -5.82 41.13
C VAL E 86 0.75 -5.11 40.40
N GLU E 87 0.54 -5.48 39.14
CA GLU E 87 -0.48 -4.84 38.34
C GLU E 87 -1.93 -5.14 38.78
N ASP E 88 -2.13 -6.02 39.76
CA ASP E 88 -3.48 -6.30 40.23
C ASP E 88 -3.80 -5.34 41.38
N TYR E 89 -2.79 -4.61 41.82
CA TYR E 89 -2.95 -3.65 42.90
C TYR E 89 -2.97 -2.24 42.33
N THR E 90 -3.75 -1.35 42.94
CA THR E 90 -3.77 0.04 42.52
C THR E 90 -2.69 0.65 43.41
N LEU E 91 -2.08 1.74 42.99
CA LEU E 91 -1.03 2.35 43.81
C LEU E 91 -1.52 2.46 45.25
N ASP E 92 -2.75 2.91 45.41
CA ASP E 92 -3.32 3.08 46.72
C ASP E 92 -3.34 1.79 47.54
N GLU E 93 -3.71 0.69 46.91
CA GLU E 93 -3.75 -0.59 47.60
C GLU E 93 -2.34 -1.05 47.91
N LEU E 94 -1.45 -0.92 46.92
CA LEU E 94 -0.06 -1.33 47.11
C LEU E 94 0.57 -0.60 48.28
N LYS E 95 0.14 0.64 48.52
CA LYS E 95 0.66 1.45 49.62
C LYS E 95 0.24 0.95 50.99
N GLN E 96 -0.71 0.02 51.02
CA GLN E 96 -1.16 -0.53 52.28
C GLN E 96 -0.21 -1.64 52.72
N LEU E 97 0.44 -2.27 51.75
CA LEU E 97 1.35 -3.36 52.06
C LEU E 97 2.52 -2.97 52.96
N ASP E 98 3.12 -3.99 53.57
CA ASP E 98 4.28 -3.86 54.45
C ASP E 98 5.42 -4.42 53.62
N ALA E 99 6.31 -3.55 53.17
CA ALA E 99 7.42 -3.96 52.32
C ALA E 99 8.71 -4.12 53.11
N GLY E 100 8.61 -4.09 54.43
CA GLY E 100 9.81 -4.21 55.26
C GLY E 100 9.92 -5.42 56.16
N SER E 101 8.84 -5.76 56.87
CA SER E 101 8.84 -6.89 57.79
C SER E 101 9.53 -8.14 57.26
N TRP E 102 9.22 -8.50 56.01
CA TRP E 102 9.82 -9.69 55.40
C TRP E 102 11.34 -9.72 55.51
N PHE E 103 11.97 -8.54 55.48
CA PHE E 103 13.43 -8.45 55.58
C PHE E 103 13.91 -8.86 56.98
N ASN E 104 13.23 -8.38 58.02
CA ASN E 104 13.60 -8.72 59.38
C ASN E 104 13.55 -10.23 59.55
N LYS E 105 12.49 -10.84 59.05
CA LYS E 105 12.33 -12.29 59.17
C LYS E 105 13.38 -13.08 58.39
N LYS E 106 13.75 -12.61 57.21
CA LYS E 106 14.72 -13.35 56.43
C LYS E 106 16.17 -13.12 56.86
N TYR E 107 16.45 -11.92 57.37
CA TYR E 107 17.80 -11.57 57.79
C TYR E 107 17.77 -11.04 59.22
N PRO E 108 17.50 -11.92 60.20
CA PRO E 108 17.43 -11.53 61.61
C PRO E 108 18.62 -10.73 62.10
N LYS E 109 19.79 -10.99 61.51
CA LYS E 109 20.98 -10.28 61.95
C LYS E 109 21.05 -8.81 61.53
N TYR E 110 20.17 -8.39 60.63
CA TYR E 110 20.17 -6.99 60.20
C TYR E 110 18.81 -6.37 60.48
N ALA E 111 17.90 -7.19 61.01
CA ALA E 111 16.55 -6.75 61.33
C ALA E 111 16.56 -5.40 62.02
N ARG E 112 15.42 -4.72 61.97
CA ARG E 112 15.31 -3.41 62.59
C ARG E 112 13.84 -3.08 62.70
N ALA E 113 13.44 -2.57 63.88
CA ALA E 113 12.05 -2.23 64.15
C ALA E 113 11.49 -1.20 63.18
N SER E 114 12.33 -0.25 62.78
CA SER E 114 11.90 0.79 61.86
C SER E 114 11.54 0.24 60.46
N TYR E 115 12.05 -0.95 60.14
CA TYR E 115 11.77 -1.56 58.85
C TYR E 115 10.33 -2.00 58.71
N LYS E 116 9.65 -2.20 59.84
CA LYS E 116 8.26 -2.61 59.77
C LYS E 116 7.42 -1.55 59.08
N ASN E 117 6.51 -2.03 58.24
CA ASN E 117 5.62 -1.17 57.48
C ASN E 117 6.29 -0.22 56.50
N ALA E 118 7.47 -0.61 56.02
CA ALA E 118 8.18 0.19 55.02
C ALA E 118 7.23 0.12 53.82
N LYS E 119 7.19 1.18 53.01
CA LYS E 119 6.30 1.21 51.87
C LYS E 119 7.01 1.01 50.53
N VAL E 120 6.24 0.59 49.54
CA VAL E 120 6.76 0.41 48.19
C VAL E 120 6.82 1.83 47.66
N PRO E 121 7.94 2.22 47.07
CA PRO E 121 8.05 3.58 46.53
C PRO E 121 7.74 3.66 45.04
N THR E 122 7.21 4.80 44.60
CA THR E 122 6.92 4.98 43.19
C THR E 122 8.18 5.60 42.61
N LEU E 123 8.38 5.46 41.30
CA LEU E 123 9.56 6.02 40.65
C LEU E 123 9.57 7.52 40.88
N ASP E 124 8.38 8.12 40.87
CA ASP E 124 8.30 9.54 41.05
C ASP E 124 8.83 9.92 42.42
N GLU E 125 8.33 9.25 43.45
CA GLU E 125 8.76 9.53 44.82
C GLU E 125 10.27 9.41 44.95
N ILE E 126 10.84 8.40 44.32
CA ILE E 126 12.28 8.19 44.39
C ILE E 126 13.02 9.37 43.79
N LEU E 127 12.71 9.72 42.55
CA LEU E 127 13.37 10.85 41.88
C LEU E 127 13.15 12.12 42.70
N GLU E 128 11.92 12.27 43.20
CA GLU E 128 11.52 13.40 44.02
C GLU E 128 12.45 13.53 45.23
N ARG E 129 12.54 12.45 45.98
CA ARG E 129 13.33 12.36 47.20
C ARG E 129 14.83 12.61 47.09
N TYR E 130 15.49 11.92 46.18
CA TYR E 130 16.94 12.07 46.07
C TYR E 130 17.41 13.18 45.14
N GLY E 131 16.47 13.84 44.49
CA GLY E 131 16.81 14.94 43.62
C GLY E 131 17.62 14.69 42.36
N PRO E 132 17.78 15.74 41.55
CA PRO E 132 18.51 15.77 40.27
C PRO E 132 20.01 15.64 40.38
N ASN E 133 20.53 15.50 41.60
CA ASN E 133 21.97 15.36 41.71
C ASN E 133 22.41 13.94 42.00
N ALA E 134 21.45 13.09 42.30
CA ALA E 134 21.73 11.69 42.56
C ALA E 134 22.00 11.02 41.20
N ASN E 135 22.34 9.74 41.22
CA ASN E 135 22.57 9.02 39.99
C ASN E 135 21.68 7.80 40.05
N TYR E 136 20.89 7.60 39.01
CA TYR E 136 19.98 6.47 39.00
C TYR E 136 20.29 5.42 37.95
N TYR E 137 20.10 4.17 38.32
CA TYR E 137 20.33 3.04 37.44
C TYR E 137 18.99 2.33 37.40
N ILE E 138 18.19 2.64 36.37
CA ILE E 138 16.84 2.08 36.25
C ILE E 138 16.66 0.95 35.22
N GLU E 139 16.00 -0.12 35.65
CA GLU E 139 15.75 -1.31 34.82
C GLU E 139 14.31 -1.45 34.30
N THR E 140 14.20 -1.75 33.02
CA THR E 140 12.92 -1.93 32.35
C THR E 140 12.70 -3.39 31.93
N LYS E 141 11.44 -3.79 31.78
CA LYS E 141 11.08 -5.15 31.32
C LYS E 141 10.75 -5.11 29.81
N SER E 142 10.15 -6.18 29.29
CA SER E 142 9.83 -6.23 27.86
C SER E 142 8.69 -5.27 27.50
N PRO E 143 8.80 -4.60 26.31
CA PRO E 143 7.80 -3.65 25.80
C PRO E 143 6.41 -4.29 25.69
N ASP E 144 6.36 -5.59 25.96
CA ASP E 144 5.12 -6.35 25.91
C ASP E 144 4.53 -6.55 27.30
N VAL E 145 5.40 -6.71 28.31
CA VAL E 145 4.90 -6.92 29.66
C VAL E 145 4.22 -5.69 30.24
N TYR E 146 4.80 -4.51 30.01
CA TYR E 146 4.23 -3.25 30.52
C TYR E 146 4.29 -2.20 29.42
N PRO E 147 3.45 -2.33 28.38
CA PRO E 147 3.40 -1.39 27.25
C PRO E 147 3.31 0.05 27.73
N GLY E 148 4.28 0.86 27.29
CA GLY E 148 4.30 2.26 27.68
C GLY E 148 5.28 2.56 28.79
N MET E 149 5.86 1.52 29.38
CA MET E 149 6.83 1.69 30.46
C MET E 149 7.93 2.67 30.04
N GLU E 150 8.58 2.39 28.90
CA GLU E 150 9.66 3.25 28.43
C GLU E 150 9.21 4.70 28.31
N GLU E 151 8.14 4.95 27.57
CA GLU E 151 7.63 6.31 27.40
C GLU E 151 7.42 6.97 28.77
N GLN E 152 6.91 6.20 29.72
CA GLN E 152 6.64 6.71 31.06
C GLN E 152 7.93 7.02 31.81
N LEU E 153 8.88 6.09 31.78
CA LEU E 153 10.15 6.31 32.45
C LEU E 153 10.76 7.63 31.97
N LEU E 154 10.94 7.77 30.65
CA LEU E 154 11.50 8.98 30.08
C LEU E 154 10.71 10.22 30.48
N ALA E 155 9.39 10.14 30.44
CA ALA E 155 8.58 11.30 30.80
C ALA E 155 8.88 11.68 32.25
N SER E 156 8.97 10.68 33.11
CA SER E 156 9.23 10.90 34.52
C SER E 156 10.60 11.51 34.71
N LEU E 157 11.60 10.95 34.04
CA LEU E 157 12.95 11.47 34.13
C LEU E 157 12.96 12.93 33.73
N LYS E 158 12.29 13.25 32.62
CA LYS E 158 12.25 14.63 32.14
C LYS E 158 11.61 15.54 33.17
N LYS E 159 10.51 15.08 33.76
CA LYS E 159 9.80 15.87 34.76
C LYS E 159 10.77 16.31 35.85
N HIS E 160 11.63 15.38 36.26
CA HIS E 160 12.60 15.62 37.32
C HIS E 160 13.95 16.17 36.86
N HIS E 161 13.95 16.77 35.67
CA HIS E 161 15.13 17.42 35.13
C HIS E 161 16.36 16.53 34.94
N LEU E 162 16.15 15.23 34.83
CA LEU E 162 17.27 14.33 34.67
C LEU E 162 17.58 14.05 33.22
N LEU E 163 16.76 14.60 32.32
CA LEU E 163 16.99 14.36 30.89
C LEU E 163 17.81 15.46 30.24
N ASN E 164 18.11 16.51 30.99
CA ASN E 164 18.93 17.60 30.48
C ASN E 164 20.26 16.99 30.02
N ASN E 165 20.72 17.36 28.83
CA ASN E 165 21.96 16.80 28.29
C ASN E 165 23.12 16.84 29.26
N ASN E 166 23.18 17.89 30.04
CA ASN E 166 24.24 18.03 31.02
C ASN E 166 24.20 16.83 31.98
N LYS E 167 23.07 16.64 32.63
CA LYS E 167 22.89 15.53 33.56
C LYS E 167 23.17 14.18 32.89
N LEU E 168 22.76 14.03 31.65
CA LEU E 168 22.94 12.78 30.93
C LEU E 168 24.38 12.37 30.66
N LYS E 169 25.23 13.33 30.28
CA LYS E 169 26.62 12.97 30.00
C LYS E 169 27.50 12.93 31.23
N ASN E 170 26.91 13.18 32.40
CA ASN E 170 27.63 13.12 33.67
C ASN E 170 27.25 11.84 34.40
N GLY E 171 26.48 10.98 33.71
CA GLY E 171 26.07 9.71 34.27
C GLY E 171 24.94 9.71 35.28
N HIS E 172 24.20 10.81 35.38
CA HIS E 172 23.11 10.85 36.33
C HIS E 172 22.03 9.83 36.00
N VAL E 173 22.05 9.34 34.77
CA VAL E 173 21.07 8.36 34.33
C VAL E 173 21.68 7.22 33.50
N MET E 174 21.35 6.00 33.92
CA MET E 174 21.78 4.80 33.23
C MET E 174 20.56 3.87 33.19
N ILE E 175 19.99 3.68 32.01
CA ILE E 175 18.84 2.79 31.88
C ILE E 175 19.35 1.42 31.45
N GLN E 176 18.97 0.41 32.21
CA GLN E 176 19.42 -0.95 31.98
C GLN E 176 18.24 -1.90 31.69
N SER E 177 18.51 -2.96 30.93
CA SER E 177 17.47 -3.93 30.62
C SER E 177 18.04 -5.16 29.96
N PHE E 178 17.31 -6.27 30.09
CA PHE E 178 17.71 -7.53 29.47
C PHE E 178 17.12 -7.54 28.07
N SER E 179 16.08 -6.73 27.90
CA SER E 179 15.34 -6.62 26.64
C SER E 179 15.96 -5.65 25.63
N ASP E 180 16.57 -6.20 24.59
CA ASP E 180 17.17 -5.37 23.56
C ASP E 180 16.06 -4.51 22.94
N GLU E 181 14.87 -5.07 22.88
CA GLU E 181 13.73 -4.38 22.30
C GLU E 181 13.45 -3.11 23.07
N SER E 182 13.43 -3.23 24.40
CA SER E 182 13.17 -2.10 25.28
C SER E 182 14.24 -1.03 25.13
N LEU E 183 15.50 -1.44 25.12
CA LEU E 183 16.59 -0.48 24.99
C LEU E 183 16.55 0.20 23.63
N LYS E 184 16.34 -0.57 22.58
CA LYS E 184 16.28 -0.01 21.23
C LYS E 184 15.13 0.99 21.10
N LYS E 185 14.02 0.70 21.77
CA LYS E 185 12.90 1.61 21.72
C LYS E 185 13.31 2.94 22.33
N ILE E 186 13.99 2.87 23.47
CA ILE E 186 14.43 4.07 24.17
C ILE E 186 15.47 4.81 23.37
N HIS E 187 16.39 4.07 22.77
CA HIS E 187 17.43 4.69 21.98
C HIS E 187 16.87 5.49 20.82
N ARG E 188 15.82 4.98 20.20
CA ARG E 188 15.18 5.67 19.08
C ARG E 188 14.53 6.94 19.58
N GLN E 189 13.80 6.80 20.67
CA GLN E 189 13.09 7.93 21.25
C GLN E 189 14.00 9.01 21.82
N ASN E 190 15.17 8.61 22.32
CA ASN E 190 16.14 9.56 22.87
C ASN E 190 17.54 8.95 22.83
N LYS E 191 18.30 9.27 21.79
CA LYS E 191 19.64 8.74 21.59
C LYS E 191 20.65 9.15 22.65
N HIS E 192 20.29 10.14 23.45
CA HIS E 192 21.20 10.64 24.48
C HIS E 192 21.20 9.98 25.85
N VAL E 193 20.26 9.08 26.09
CA VAL E 193 20.21 8.41 27.39
C VAL E 193 21.13 7.20 27.35
N PRO E 194 22.11 7.14 28.27
CA PRO E 194 23.04 6.00 28.33
C PRO E 194 22.27 4.70 28.57
N LEU E 195 22.53 3.69 27.74
CA LEU E 195 21.83 2.43 27.90
C LEU E 195 22.78 1.29 28.25
N VAL E 196 22.29 0.38 29.09
CA VAL E 196 23.09 -0.76 29.51
C VAL E 196 22.36 -2.05 29.24
N LYS E 197 23.01 -2.93 28.49
CA LYS E 197 22.44 -4.22 28.15
C LYS E 197 22.78 -5.26 29.23
N LEU E 198 21.76 -5.81 29.86
CA LEU E 198 21.95 -6.82 30.89
C LEU E 198 22.05 -8.19 30.24
N VAL E 199 23.17 -8.86 30.47
CA VAL E 199 23.40 -10.19 29.92
C VAL E 199 23.03 -11.22 30.97
N ASP E 200 22.48 -12.33 30.53
CA ASP E 200 22.08 -13.37 31.46
C ASP E 200 23.23 -14.32 31.82
N LYS E 201 22.97 -15.18 32.80
CA LYS E 201 23.96 -16.14 33.26
C LYS E 201 24.27 -17.14 32.15
N GLY E 202 25.51 -17.14 31.70
CA GLY E 202 25.93 -18.05 30.65
C GLY E 202 25.70 -17.45 29.27
N GLU E 203 24.78 -16.50 29.18
CA GLU E 203 24.47 -15.86 27.91
C GLU E 203 25.63 -15.04 27.33
N LEU E 204 26.51 -14.55 28.20
CA LEU E 204 27.62 -13.73 27.73
C LEU E 204 28.43 -14.42 26.64
N GLN E 205 28.80 -15.67 26.89
CA GLN E 205 29.59 -16.46 25.96
C GLN E 205 28.83 -16.61 24.64
N GLN E 206 27.60 -17.09 24.76
CA GLN E 206 26.72 -17.33 23.63
C GLN E 206 26.78 -16.33 22.49
N PHE E 207 27.05 -15.05 22.74
CA PHE E 207 27.11 -14.18 21.58
C PHE E 207 28.43 -13.57 21.17
N ASN E 208 28.69 -13.73 19.88
CA ASN E 208 29.87 -13.30 19.13
C ASN E 208 30.12 -11.80 19.05
N ASP E 209 31.10 -11.44 18.20
CA ASP E 209 31.49 -10.04 17.99
C ASP E 209 30.48 -9.23 17.21
N GLN E 210 29.87 -9.84 16.20
CA GLN E 210 28.87 -9.12 15.42
C GLN E 210 27.74 -8.71 16.38
N ARG E 211 27.38 -9.64 17.26
CA ARG E 211 26.33 -9.40 18.25
C ARG E 211 26.72 -8.22 19.14
N LEU E 212 27.90 -8.32 19.74
CA LEU E 212 28.40 -7.25 20.61
C LEU E 212 28.44 -5.94 19.82
N LYS E 213 28.91 -6.00 18.59
CA LYS E 213 29.02 -4.81 17.75
C LYS E 213 27.70 -4.09 17.65
N GLU E 214 26.62 -4.84 17.48
CA GLU E 214 25.30 -4.24 17.36
C GLU E 214 24.77 -3.78 18.71
N ILE E 215 24.99 -4.56 19.75
CA ILE E 215 24.54 -4.17 21.09
C ILE E 215 25.20 -2.83 21.40
N ARG E 216 26.47 -2.73 21.03
CA ARG E 216 27.25 -1.54 21.26
C ARG E 216 26.73 -0.34 20.48
N SER E 217 25.87 -0.58 19.48
CA SER E 217 25.36 0.52 18.69
C SER E 217 24.27 1.32 19.40
N TYR E 218 23.68 0.74 20.43
CA TYR E 218 22.65 1.45 21.18
C TYR E 218 22.93 1.52 22.68
N ALA E 219 23.83 0.67 23.17
CA ALA E 219 24.17 0.65 24.59
C ALA E 219 25.66 0.88 24.83
N ILE E 220 25.98 1.86 25.66
CA ILE E 220 27.36 2.16 25.98
C ILE E 220 27.87 1.16 27.00
N GLY E 221 26.95 0.59 27.76
CA GLY E 221 27.35 -0.36 28.77
C GLY E 221 26.78 -1.76 28.65
N LEU E 222 27.47 -2.70 29.29
CA LEU E 222 27.09 -4.10 29.28
C LEU E 222 27.18 -4.63 30.71
N GLY E 223 26.09 -5.22 31.20
CA GLY E 223 26.09 -5.74 32.55
C GLY E 223 25.85 -7.23 32.62
N PRO E 224 26.92 -8.05 32.55
CA PRO E 224 26.85 -9.51 32.59
C PRO E 224 26.88 -10.08 33.99
N ASP E 225 26.45 -11.32 34.15
CA ASP E 225 26.50 -11.97 35.45
C ASP E 225 28.01 -12.00 35.71
N TYR E 226 28.42 -11.56 36.89
CA TYR E 226 29.85 -11.51 37.20
C TYR E 226 30.63 -12.82 37.05
N THR E 227 29.95 -13.94 37.25
CA THR E 227 30.60 -15.24 37.16
C THR E 227 31.03 -15.61 35.75
N ASP E 228 30.44 -14.98 34.74
CA ASP E 228 30.82 -15.28 33.36
C ASP E 228 32.06 -14.47 32.93
N LEU E 229 32.50 -13.56 33.79
CA LEU E 229 33.66 -12.75 33.45
C LEU E 229 34.97 -13.41 33.77
N THR E 230 35.97 -13.10 32.95
CA THR E 230 37.33 -13.60 33.06
C THR E 230 38.18 -12.46 32.55
N GLU E 231 39.42 -12.35 32.99
CA GLU E 231 40.25 -11.25 32.55
C GLU E 231 40.26 -11.00 31.03
N GLN E 232 40.25 -12.07 30.24
CA GLN E 232 40.29 -11.91 28.79
C GLN E 232 39.03 -11.33 28.16
N ASN E 233 37.88 -11.96 28.38
CA ASN E 233 36.65 -11.43 27.79
C ASN E 233 36.40 -10.01 28.27
N THR E 234 36.75 -9.76 29.53
CA THR E 234 36.58 -8.43 30.12
C THR E 234 37.38 -7.44 29.31
N HIS E 235 38.61 -7.80 28.99
CA HIS E 235 39.46 -6.94 28.18
C HIS E 235 38.85 -6.75 26.81
N HIS E 236 38.39 -7.86 26.24
CA HIS E 236 37.77 -7.83 24.94
C HIS E 236 36.60 -6.85 24.90
N LEU E 237 35.69 -6.99 25.85
CA LEU E 237 34.52 -6.11 25.95
C LEU E 237 34.98 -4.65 26.05
N LYS E 238 35.91 -4.40 26.97
CA LYS E 238 36.44 -3.05 27.16
C LYS E 238 36.99 -2.51 25.85
N ASP E 239 37.60 -3.40 25.06
CA ASP E 239 38.18 -3.04 23.76
C ASP E 239 37.10 -2.64 22.78
N LEU E 240 35.96 -3.34 22.86
CA LEU E 240 34.85 -3.06 21.98
C LEU E 240 34.15 -1.75 22.38
N GLY E 241 34.73 -1.03 23.34
CA GLY E 241 34.17 0.24 23.76
C GLY E 241 33.13 0.19 24.88
N PHE E 242 32.92 -0.99 25.42
CA PHE E 242 31.95 -1.16 26.49
C PHE E 242 32.41 -0.65 27.85
N ILE E 243 31.43 -0.42 28.70
CA ILE E 243 31.66 -0.04 30.08
C ILE E 243 31.10 -1.30 30.71
N VAL E 244 31.83 -1.93 31.62
CA VAL E 244 31.35 -3.17 32.20
C VAL E 244 31.01 -3.09 33.68
N HIS E 245 29.79 -3.52 34.00
CA HIS E 245 29.30 -3.51 35.37
C HIS E 245 28.65 -4.87 35.63
N PRO E 246 29.47 -5.88 36.00
CA PRO E 246 28.97 -7.22 36.29
C PRO E 246 27.97 -7.17 37.44
N TYR E 247 27.03 -8.10 37.50
CA TYR E 247 26.07 -8.02 38.58
C TYR E 247 26.01 -8.99 39.73
N THR E 248 25.76 -8.31 40.85
CA THR E 248 25.61 -8.74 42.23
C THR E 248 26.79 -9.50 42.79
N VAL E 249 27.83 -8.70 43.02
CA VAL E 249 29.10 -9.12 43.58
C VAL E 249 29.06 -8.68 45.04
N ASN E 250 28.99 -9.62 45.97
CA ASN E 250 28.95 -9.24 47.38
C ASN E 250 30.16 -9.72 48.18
N GLU E 251 31.08 -10.38 47.51
CA GLU E 251 32.29 -10.89 48.15
C GLU E 251 33.51 -10.04 47.84
N LYS E 252 34.16 -9.52 48.88
CA LYS E 252 35.35 -8.69 48.71
C LYS E 252 36.35 -9.31 47.74
N ALA E 253 36.54 -10.62 47.87
CA ALA E 253 37.48 -11.35 47.03
C ALA E 253 37.19 -11.15 45.56
N ASP E 254 35.93 -11.37 45.19
CA ASP E 254 35.49 -11.22 43.81
C ASP E 254 35.61 -9.77 43.36
N MET E 255 35.24 -8.85 44.26
CA MET E 255 35.31 -7.42 43.97
C MET E 255 36.73 -7.10 43.51
N LEU E 256 37.72 -7.54 44.28
CA LEU E 256 39.10 -7.28 43.94
C LEU E 256 39.48 -7.92 42.60
N ARG E 257 39.14 -9.20 42.45
CA ARG E 257 39.45 -9.92 41.23
C ARG E 257 38.96 -9.18 40.01
N LEU E 258 37.64 -8.94 39.99
CA LEU E 258 36.98 -8.24 38.90
C LEU E 258 37.61 -6.89 38.61
N ASN E 259 37.90 -6.10 39.64
CA ASN E 259 38.52 -4.80 39.44
C ASN E 259 39.81 -4.97 38.66
N LYS E 260 40.53 -6.05 38.97
CA LYS E 260 41.79 -6.35 38.32
C LYS E 260 41.55 -6.67 36.84
N TYR E 261 40.46 -7.39 36.56
CA TYR E 261 40.12 -7.72 35.18
C TYR E 261 40.00 -6.42 34.39
N GLY E 262 39.45 -5.38 35.03
CA GLY E 262 39.29 -4.10 34.38
C GLY E 262 37.88 -3.52 34.36
N VAL E 263 36.95 -4.17 35.07
CA VAL E 263 35.57 -3.68 35.11
C VAL E 263 35.53 -2.23 35.58
N ASP E 264 34.38 -1.60 35.41
CA ASP E 264 34.21 -0.20 35.78
C ASP E 264 33.37 -0.02 37.03
N GLY E 265 32.98 -1.14 37.63
CA GLY E 265 32.17 -1.06 38.83
C GLY E 265 31.36 -2.33 38.96
N VAL E 266 30.48 -2.38 39.96
CA VAL E 266 29.65 -3.56 40.14
C VAL E 266 28.34 -3.24 40.84
N PHE E 267 27.40 -4.16 40.70
CA PHE E 267 26.12 -4.05 41.36
C PHE E 267 26.41 -4.80 42.63
N THR E 268 26.00 -4.28 43.78
CA THR E 268 26.27 -5.00 45.02
C THR E 268 25.28 -4.66 46.11
N ASN E 269 25.05 -5.64 46.98
CA ASN E 269 24.14 -5.43 48.09
C ASN E 269 24.89 -4.90 49.30
N PHE E 270 26.20 -4.72 49.14
CA PHE E 270 27.07 -4.20 50.20
C PHE E 270 27.98 -3.11 49.65
N ALA E 271 27.40 -1.92 49.52
CA ALA E 271 28.11 -0.77 48.98
C ALA E 271 29.44 -0.52 49.66
N ASP E 272 29.45 -0.55 51.00
CA ASP E 272 30.68 -0.32 51.76
C ASP E 272 31.79 -1.30 51.42
N LYS E 273 31.47 -2.59 51.36
CA LYS E 273 32.50 -3.58 51.05
C LYS E 273 33.20 -3.22 49.76
N TYR E 274 32.43 -2.83 48.75
CA TYR E 274 33.04 -2.48 47.47
C TYR E 274 33.82 -1.18 47.54
N LYS E 275 33.28 -0.19 48.23
CA LYS E 275 33.98 1.09 48.34
C LYS E 275 35.32 0.90 49.07
N GLU E 276 35.35 -0.05 50.02
CA GLU E 276 36.58 -0.34 50.77
C GLU E 276 37.58 -1.01 49.84
N VAL E 277 37.11 -1.96 49.06
CA VAL E 277 37.98 -2.66 48.12
C VAL E 277 38.59 -1.67 47.15
N ILE E 278 37.87 -0.58 46.88
CA ILE E 278 38.36 0.45 45.96
C ILE E 278 39.41 1.30 46.68
N LYS E 279 39.13 1.60 47.94
CA LYS E 279 40.02 2.40 48.77
C LYS E 279 41.41 1.80 48.84
N GLU E 280 41.48 0.47 48.81
CA GLU E 280 42.75 -0.27 48.88
C GLU E 280 43.30 -0.63 47.50
N GLN F 14 -32.99 -4.40 -35.56
CA GLN F 14 -34.18 -3.54 -35.38
C GLN F 14 -35.22 -4.15 -34.43
N TRP F 15 -34.80 -5.13 -33.64
CA TRP F 15 -35.67 -5.79 -32.67
C TRP F 15 -35.51 -5.20 -31.29
N HIS F 16 -36.32 -5.65 -30.33
CA HIS F 16 -36.25 -5.15 -28.97
C HIS F 16 -35.39 -6.07 -28.10
N THR F 17 -34.62 -5.48 -27.19
CA THR F 17 -33.79 -6.27 -26.30
C THR F 17 -34.15 -5.98 -24.85
N ASN F 18 -33.92 -6.98 -24.00
CA ASN F 18 -34.23 -6.86 -22.57
C ASN F 18 -33.88 -5.48 -22.05
N LEU F 19 -34.70 -4.98 -21.13
CA LEU F 19 -34.48 -3.67 -20.56
C LEU F 19 -33.28 -3.68 -19.64
N THR F 20 -32.86 -4.88 -19.22
CA THR F 20 -31.72 -4.99 -18.34
C THR F 20 -30.43 -4.76 -19.12
N ASN F 21 -30.59 -4.66 -20.44
CA ASN F 21 -29.48 -4.45 -21.38
C ASN F 21 -28.69 -5.73 -21.61
N GLU F 22 -29.27 -6.87 -21.24
CA GLU F 22 -28.66 -8.16 -21.43
C GLU F 22 -29.19 -8.73 -22.74
N ARG F 23 -28.33 -9.40 -23.51
CA ARG F 23 -28.78 -9.99 -24.75
C ARG F 23 -29.67 -11.17 -24.35
N PHE F 24 -29.22 -11.92 -23.36
CA PHE F 24 -29.96 -13.08 -22.87
C PHE F 24 -30.16 -12.94 -21.36
N THR F 25 -31.41 -12.85 -20.94
CA THR F 25 -31.69 -12.70 -19.53
C THR F 25 -32.03 -14.06 -18.96
N THR F 26 -31.60 -14.31 -17.74
CA THR F 26 -31.83 -15.58 -17.06
C THR F 26 -32.87 -15.41 -15.95
N ILE F 27 -34.10 -15.86 -16.21
CA ILE F 27 -35.17 -15.76 -15.23
C ILE F 27 -35.25 -16.99 -14.32
N ALA F 28 -34.92 -16.78 -13.05
CA ALA F 28 -34.92 -17.86 -12.07
C ALA F 28 -36.32 -18.28 -11.66
N HIS F 29 -36.90 -19.20 -12.42
CA HIS F 29 -38.26 -19.69 -12.15
C HIS F 29 -38.46 -20.09 -10.69
N ARG F 30 -39.16 -19.25 -9.94
CA ARG F 30 -39.44 -19.51 -8.53
C ARG F 30 -38.17 -19.58 -7.71
N GLY F 31 -37.13 -18.90 -8.20
CA GLY F 31 -35.85 -18.89 -7.51
C GLY F 31 -34.99 -20.00 -8.05
N ALA F 32 -34.09 -20.53 -7.24
CA ALA F 32 -33.22 -21.63 -7.68
C ALA F 32 -34.09 -22.88 -7.49
N SER F 33 -35.25 -22.83 -8.10
CA SER F 33 -36.27 -23.87 -8.06
C SER F 33 -35.78 -25.31 -8.13
N GLY F 34 -34.85 -25.59 -9.05
CA GLY F 34 -34.34 -26.95 -9.18
C GLY F 34 -33.42 -27.45 -8.08
N TYR F 35 -32.87 -26.55 -7.28
CA TYR F 35 -31.94 -26.94 -6.22
C TYR F 35 -32.47 -26.69 -4.82
N ALA F 36 -33.47 -25.82 -4.74
CA ALA F 36 -34.05 -25.48 -3.44
C ALA F 36 -35.56 -25.39 -3.53
N PRO F 37 -36.23 -25.47 -2.38
CA PRO F 37 -37.70 -25.39 -2.37
C PRO F 37 -38.17 -24.07 -2.96
N GLU F 38 -38.89 -24.15 -4.09
CA GLU F 38 -39.42 -22.99 -4.78
C GLU F 38 -40.01 -21.94 -3.84
N HIS F 39 -39.89 -20.67 -4.25
CA HIS F 39 -40.43 -19.54 -3.48
C HIS F 39 -40.12 -19.49 -1.98
N THR F 40 -38.84 -19.57 -1.65
CA THR F 40 -38.36 -19.49 -0.27
C THR F 40 -37.09 -18.67 -0.32
N PHE F 41 -36.75 -18.03 0.81
CA PHE F 41 -35.52 -17.26 0.83
C PHE F 41 -34.36 -18.12 0.34
N GLN F 42 -34.39 -19.39 0.70
CA GLN F 42 -33.35 -20.31 0.26
C GLN F 42 -33.25 -20.30 -1.25
N ALA F 43 -34.36 -20.60 -1.92
CA ALA F 43 -34.36 -20.64 -3.37
C ALA F 43 -33.98 -19.30 -3.98
N TYR F 44 -34.44 -18.21 -3.39
CA TYR F 44 -34.11 -16.90 -3.93
C TYR F 44 -32.65 -16.55 -3.66
N ASP F 45 -32.18 -16.84 -2.44
CA ASP F 45 -30.80 -16.56 -2.10
C ASP F 45 -29.88 -17.27 -3.07
N LYS F 46 -30.19 -18.53 -3.36
CA LYS F 46 -29.39 -19.33 -4.25
C LYS F 46 -29.31 -18.77 -5.67
N SER F 47 -30.45 -18.52 -6.28
CA SER F 47 -30.44 -18.00 -7.65
C SER F 47 -29.92 -16.58 -7.78
N HIS F 48 -30.11 -15.78 -6.73
CA HIS F 48 -29.68 -14.39 -6.79
C HIS F 48 -28.23 -14.13 -6.39
N ASN F 49 -27.85 -14.69 -5.25
CA ASN F 49 -26.51 -14.50 -4.71
C ASN F 49 -25.49 -15.45 -5.32
N GLU F 50 -25.83 -16.72 -5.29
CA GLU F 50 -24.98 -17.80 -5.79
C GLU F 50 -24.91 -17.88 -7.30
N LEU F 51 -25.97 -18.37 -7.93
CA LEU F 51 -25.99 -18.52 -9.39
C LEU F 51 -26.02 -17.21 -10.15
N LYS F 52 -26.32 -16.12 -9.45
CA LYS F 52 -26.39 -14.79 -10.06
C LYS F 52 -27.25 -14.70 -11.33
N ALA F 53 -28.53 -15.06 -11.21
CA ALA F 53 -29.45 -15.00 -12.34
C ALA F 53 -30.01 -13.59 -12.46
N SER F 54 -30.51 -13.27 -13.65
CA SER F 54 -31.06 -11.94 -13.93
C SER F 54 -32.29 -11.52 -13.11
N TYR F 55 -33.26 -12.43 -12.97
CA TYR F 55 -34.48 -12.11 -12.24
C TYR F 55 -34.83 -13.07 -11.12
N ILE F 56 -35.59 -12.54 -10.16
CA ILE F 56 -36.11 -13.32 -9.05
C ILE F 56 -37.57 -13.44 -9.48
N GLU F 57 -37.99 -14.64 -9.90
CA GLU F 57 -39.36 -14.86 -10.37
C GLU F 57 -40.28 -15.18 -9.20
N ILE F 58 -41.34 -14.39 -9.06
CA ILE F 58 -42.28 -14.55 -7.95
C ILE F 58 -43.74 -14.80 -8.35
N ASP F 59 -44.39 -15.75 -7.69
CA ASP F 59 -45.79 -16.08 -7.93
C ASP F 59 -46.59 -15.58 -6.73
N LEU F 60 -47.58 -14.74 -6.99
CA LEU F 60 -48.38 -14.15 -5.91
C LEU F 60 -49.68 -14.85 -5.52
N GLN F 61 -49.91 -14.92 -4.21
CA GLN F 61 -51.13 -15.48 -3.64
C GLN F 61 -51.41 -14.53 -2.47
N ARG F 62 -52.59 -14.59 -1.87
CA ARG F 62 -52.87 -13.69 -0.77
C ARG F 62 -53.46 -14.42 0.41
N THR F 63 -53.11 -13.98 1.61
CA THR F 63 -53.59 -14.61 2.82
C THR F 63 -54.98 -14.09 3.18
N LYS F 64 -55.59 -14.76 4.16
CA LYS F 64 -56.92 -14.43 4.66
C LYS F 64 -56.96 -12.97 5.08
N ASP F 65 -55.89 -12.49 5.71
CA ASP F 65 -55.85 -11.10 6.12
C ASP F 65 -55.17 -10.20 5.09
N GLY F 66 -55.23 -10.63 3.83
CA GLY F 66 -54.71 -9.86 2.72
C GLY F 66 -53.24 -9.60 2.48
N HIS F 67 -52.36 -10.48 2.95
CA HIS F 67 -50.94 -10.27 2.70
C HIS F 67 -50.52 -10.94 1.40
N LEU F 68 -49.84 -10.21 0.54
CA LEU F 68 -49.37 -10.82 -0.69
C LEU F 68 -48.18 -11.71 -0.31
N VAL F 69 -48.21 -12.96 -0.72
CA VAL F 69 -47.14 -13.89 -0.44
C VAL F 69 -46.73 -14.63 -1.69
N ALA F 70 -45.55 -15.22 -1.66
CA ALA F 70 -45.06 -15.95 -2.82
C ALA F 70 -45.40 -17.43 -2.68
N MET F 71 -46.15 -17.94 -3.64
CA MET F 71 -46.53 -19.36 -3.69
C MET F 71 -47.17 -19.60 -5.05
N HIS F 72 -46.82 -20.72 -5.68
CA HIS F 72 -47.35 -21.03 -7.00
C HIS F 72 -48.82 -21.43 -7.02
N ASP F 73 -49.19 -22.42 -6.21
CA ASP F 73 -50.58 -22.89 -6.16
C ASP F 73 -51.45 -22.01 -5.26
N GLU F 74 -52.76 -22.17 -5.38
CA GLU F 74 -53.71 -21.41 -4.56
C GLU F 74 -53.87 -22.12 -3.23
N THR F 75 -53.31 -23.32 -3.15
CA THR F 75 -53.35 -24.14 -1.95
C THR F 75 -51.95 -24.49 -1.47
N VAL F 76 -51.80 -24.58 -0.15
CA VAL F 76 -50.52 -24.87 0.49
C VAL F 76 -50.11 -26.36 0.48
N ASN F 77 -51.03 -27.19 0.01
CA ASN F 77 -50.86 -28.63 -0.02
C ASN F 77 -49.54 -29.16 -0.58
N ARG F 78 -49.28 -28.84 -1.84
CA ARG F 78 -48.07 -29.32 -2.51
C ARG F 78 -46.73 -28.92 -1.88
N THR F 79 -46.62 -27.68 -1.43
CA THR F 79 -45.35 -27.21 -0.90
C THR F 79 -45.22 -26.99 0.61
N THR F 80 -46.16 -27.50 1.39
CA THR F 80 -46.06 -27.35 2.84
C THR F 80 -46.66 -28.53 3.58
N ASN F 81 -46.46 -28.52 4.89
CA ASN F 81 -46.98 -29.57 5.75
C ASN F 81 -48.41 -29.19 6.15
N GLY F 82 -49.06 -28.40 5.30
CA GLY F 82 -50.43 -27.98 5.59
C GLY F 82 -51.34 -28.20 4.40
N HIS F 83 -52.64 -28.02 4.64
CA HIS F 83 -53.66 -28.16 3.60
C HIS F 83 -54.61 -26.99 3.62
N GLY F 84 -55.18 -26.68 2.46
CA GLY F 84 -56.13 -25.58 2.39
C GLY F 84 -55.73 -24.50 1.41
N LYS F 85 -56.65 -23.55 1.19
CA LYS F 85 -56.40 -22.44 0.27
C LYS F 85 -55.57 -21.41 1.00
N VAL F 86 -54.63 -20.81 0.30
CA VAL F 86 -53.75 -19.82 0.92
C VAL F 86 -54.59 -18.79 1.65
N GLU F 87 -55.70 -18.40 1.04
CA GLU F 87 -56.55 -17.38 1.65
C GLU F 87 -57.32 -17.84 2.90
N ASP F 88 -57.22 -19.11 3.25
CA ASP F 88 -57.90 -19.56 4.46
C ASP F 88 -56.94 -19.41 5.62
N TYR F 89 -55.68 -19.11 5.31
CA TYR F 89 -54.66 -18.94 6.34
C TYR F 89 -54.38 -17.46 6.55
N THR F 90 -54.08 -17.09 7.79
CA THR F 90 -53.72 -15.70 8.07
C THR F 90 -52.21 -15.74 7.90
N LEU F 91 -51.59 -14.62 7.58
CA LEU F 91 -50.15 -14.59 7.40
C LEU F 91 -49.50 -15.32 8.56
N ASP F 92 -49.97 -15.02 9.75
CA ASP F 92 -49.43 -15.62 10.95
C ASP F 92 -49.49 -17.13 10.96
N GLU F 93 -50.63 -17.67 10.53
CA GLU F 93 -50.79 -19.11 10.49
C GLU F 93 -49.92 -19.69 9.38
N LEU F 94 -49.92 -19.04 8.23
CA LEU F 94 -49.14 -19.52 7.11
C LEU F 94 -47.66 -19.62 7.48
N LYS F 95 -47.22 -18.72 8.36
CA LYS F 95 -45.83 -18.69 8.80
C LYS F 95 -45.46 -19.88 9.68
N GLN F 96 -46.45 -20.63 10.12
CA GLN F 96 -46.19 -21.80 10.94
C GLN F 96 -45.81 -22.99 10.05
N LEU F 97 -46.29 -22.97 8.82
CA LEU F 97 -46.03 -24.05 7.90
C LEU F 97 -44.56 -24.26 7.61
N ASP F 98 -44.26 -25.46 7.11
CA ASP F 98 -42.91 -25.87 6.73
C ASP F 98 -42.98 -25.88 5.19
N ALA F 99 -42.31 -24.92 4.56
CA ALA F 99 -42.32 -24.80 3.11
C ALA F 99 -41.09 -25.40 2.45
N GLY F 100 -40.30 -26.14 3.23
CA GLY F 100 -39.09 -26.74 2.70
C GLY F 100 -39.00 -28.27 2.68
N SER F 101 -39.40 -28.91 3.77
CA SER F 101 -39.33 -30.36 3.85
C SER F 101 -39.80 -31.09 2.60
N TRP F 102 -40.96 -30.70 2.08
CA TRP F 102 -41.52 -31.33 0.89
C TRP F 102 -40.50 -31.47 -0.24
N PHE F 103 -39.59 -30.49 -0.34
CA PHE F 103 -38.57 -30.50 -1.39
C PHE F 103 -37.56 -31.65 -1.20
N ASN F 104 -37.12 -31.84 0.04
CA ASN F 104 -36.18 -32.91 0.35
C ASN F 104 -36.80 -34.23 -0.04
N LYS F 105 -38.06 -34.43 0.33
CA LYS F 105 -38.74 -35.68 0.03
C LYS F 105 -38.95 -35.93 -1.47
N LYS F 106 -39.23 -34.88 -2.23
CA LYS F 106 -39.47 -35.06 -3.65
C LYS F 106 -38.18 -35.14 -4.47
N TYR F 107 -37.15 -34.44 -4.02
CA TYR F 107 -35.87 -34.43 -4.73
C TYR F 107 -34.75 -34.80 -3.77
N PRO F 108 -34.70 -36.07 -3.35
CA PRO F 108 -33.68 -36.56 -2.42
C PRO F 108 -32.26 -36.21 -2.83
N LYS F 109 -32.03 -36.12 -4.14
CA LYS F 109 -30.67 -35.82 -4.58
C LYS F 109 -30.22 -34.38 -4.36
N TYR F 110 -31.15 -33.50 -4.00
CA TYR F 110 -30.79 -32.10 -3.76
C TYR F 110 -31.13 -31.73 -2.33
N ALA F 111 -31.78 -32.67 -1.64
CA ALA F 111 -32.19 -32.47 -0.26
C ALA F 111 -31.14 -31.74 0.55
N ARG F 112 -31.58 -31.13 1.65
CA ARG F 112 -30.67 -30.39 2.51
C ARG F 112 -31.36 -30.15 3.84
N ALA F 113 -30.64 -30.40 4.93
CA ALA F 113 -31.17 -30.24 6.28
C ALA F 113 -31.68 -28.84 6.56
N SER F 114 -30.98 -27.84 6.03
CA SER F 114 -31.37 -26.45 6.23
C SER F 114 -32.72 -26.11 5.59
N TYR F 115 -33.14 -26.91 4.61
CA TYR F 115 -34.41 -26.66 3.94
C TYR F 115 -35.60 -26.90 4.87
N LYS F 116 -35.40 -27.70 5.91
CA LYS F 116 -36.49 -27.97 6.81
C LYS F 116 -36.97 -26.70 7.47
N ASN F 117 -38.28 -26.58 7.58
CA ASN F 117 -38.93 -25.42 8.17
C ASN F 117 -38.68 -24.09 7.44
N ALA F 118 -38.45 -24.17 6.15
CA ALA F 118 -38.27 -22.96 5.34
C ALA F 118 -39.65 -22.32 5.42
N LYS F 119 -39.70 -21.00 5.39
CA LYS F 119 -40.98 -20.30 5.49
C LYS F 119 -41.47 -19.72 4.18
N VAL F 120 -42.77 -19.50 4.11
CA VAL F 120 -43.39 -18.87 2.96
C VAL F 120 -43.04 -17.39 3.11
N PRO F 121 -42.55 -16.75 2.05
CA PRO F 121 -42.21 -15.34 2.16
C PRO F 121 -43.31 -14.41 1.64
N THR F 122 -43.39 -13.22 2.22
CA THR F 122 -44.37 -12.24 1.76
C THR F 122 -43.66 -11.44 0.68
N LEU F 123 -44.42 -10.83 -0.21
CA LEU F 123 -43.84 -10.03 -1.27
C LEU F 123 -43.02 -8.92 -0.63
N ASP F 124 -43.51 -8.39 0.48
CA ASP F 124 -42.79 -7.32 1.14
C ASP F 124 -41.41 -7.80 1.58
N GLU F 125 -41.37 -8.95 2.26
CA GLU F 125 -40.11 -9.51 2.74
C GLU F 125 -39.14 -9.70 1.60
N ILE F 126 -39.63 -10.22 0.49
CA ILE F 126 -38.79 -10.45 -0.68
C ILE F 126 -38.17 -9.14 -1.16
N LEU F 127 -38.99 -8.14 -1.46
CA LEU F 127 -38.47 -6.86 -1.93
C LEU F 127 -37.51 -6.27 -0.90
N GLU F 128 -37.90 -6.42 0.36
CA GLU F 128 -37.12 -5.95 1.50
C GLU F 128 -35.72 -6.53 1.44
N ARG F 129 -35.68 -7.86 1.40
CA ARG F 129 -34.46 -8.63 1.39
C ARG F 129 -33.48 -8.41 0.26
N TYR F 130 -33.94 -8.49 -0.98
CA TYR F 130 -33.04 -8.32 -2.12
C TYR F 130 -32.83 -6.89 -2.59
N GLY F 131 -33.53 -5.96 -1.98
CA GLY F 131 -33.37 -4.56 -2.32
C GLY F 131 -33.78 -4.05 -3.70
N PRO F 132 -33.70 -2.73 -3.90
CA PRO F 132 -34.04 -2.02 -5.12
C PRO F 132 -33.08 -2.21 -6.27
N ASN F 133 -32.06 -3.03 -6.08
CA ASN F 133 -31.15 -3.23 -7.19
C ASN F 133 -31.33 -4.57 -7.87
N ALA F 134 -32.14 -5.43 -7.25
CA ALA F 134 -32.42 -6.72 -7.81
C ALA F 134 -33.42 -6.53 -8.96
N ASN F 135 -33.77 -7.60 -9.66
CA ASN F 135 -34.75 -7.51 -10.73
C ASN F 135 -35.82 -8.54 -10.44
N TYR F 136 -37.07 -8.09 -10.44
CA TYR F 136 -38.18 -8.96 -10.11
C TYR F 136 -39.13 -9.21 -11.26
N TYR F 137 -39.58 -10.45 -11.34
CA TYR F 137 -40.50 -10.87 -12.38
C TYR F 137 -41.68 -11.40 -11.58
N ILE F 138 -42.70 -10.57 -11.41
CA ILE F 138 -43.86 -10.93 -10.61
C ILE F 138 -45.11 -11.28 -11.40
N GLU F 139 -45.77 -12.36 -11.01
CA GLU F 139 -47.00 -12.85 -11.67
C GLU F 139 -48.29 -12.64 -10.87
N THR F 140 -49.32 -12.14 -11.55
CA THR F 140 -50.63 -11.88 -10.95
C THR F 140 -51.69 -12.84 -11.51
N LYS F 141 -52.77 -13.05 -10.74
CA LYS F 141 -53.90 -13.90 -11.16
C LYS F 141 -55.04 -12.99 -11.68
N SER F 142 -56.22 -13.55 -11.86
CA SER F 142 -57.37 -12.77 -12.37
C SER F 142 -57.90 -11.76 -11.34
N PRO F 143 -58.23 -10.55 -11.82
CA PRO F 143 -58.75 -9.45 -10.98
C PRO F 143 -59.98 -9.89 -10.17
N ASP F 144 -60.44 -11.10 -10.43
CA ASP F 144 -61.59 -11.66 -9.76
C ASP F 144 -61.16 -12.61 -8.63
N VAL F 145 -60.07 -13.33 -8.84
CA VAL F 145 -59.63 -14.27 -7.83
C VAL F 145 -59.13 -13.57 -6.56
N TYR F 146 -58.38 -12.49 -6.73
CA TYR F 146 -57.84 -11.73 -5.60
C TYR F 146 -58.01 -10.24 -5.84
N PRO F 147 -59.25 -9.73 -5.76
CA PRO F 147 -59.56 -8.31 -5.98
C PRO F 147 -58.66 -7.39 -5.18
N GLY F 148 -57.96 -6.50 -5.88
CA GLY F 148 -57.06 -5.57 -5.20
C GLY F 148 -55.59 -5.99 -5.31
N MET F 149 -55.34 -7.21 -5.81
CA MET F 149 -53.99 -7.70 -5.97
C MET F 149 -53.12 -6.69 -6.71
N GLU F 150 -53.56 -6.28 -7.90
CA GLU F 150 -52.80 -5.31 -8.69
C GLU F 150 -52.48 -4.03 -7.91
N GLU F 151 -53.52 -3.39 -7.36
CA GLU F 151 -53.33 -2.18 -6.58
C GLU F 151 -52.30 -2.42 -5.47
N GLN F 152 -52.36 -3.59 -4.86
CA GLN F 152 -51.42 -3.94 -3.78
C GLN F 152 -49.99 -4.13 -4.28
N LEU F 153 -49.85 -4.87 -5.37
CA LEU F 153 -48.54 -5.10 -5.94
C LEU F 153 -47.85 -3.76 -6.22
N LEU F 154 -48.52 -2.90 -6.97
CA LEU F 154 -47.98 -1.59 -7.30
C LEU F 154 -47.66 -0.77 -6.06
N ALA F 155 -48.53 -0.83 -5.06
CA ALA F 155 -48.28 -0.06 -3.85
C ALA F 155 -47.01 -0.58 -3.17
N SER F 156 -46.86 -1.89 -3.14
CA SER F 156 -45.70 -2.51 -2.53
C SER F 156 -44.43 -2.13 -3.32
N LEU F 157 -44.50 -2.24 -4.63
CA LEU F 157 -43.37 -1.89 -5.46
C LEU F 157 -42.95 -0.47 -5.18
N LYS F 158 -43.91 0.44 -5.12
CA LYS F 158 -43.61 1.84 -4.85
C LYS F 158 -42.95 2.03 -3.51
N LYS F 159 -43.47 1.33 -2.51
CA LYS F 159 -42.92 1.42 -1.17
C LYS F 159 -41.44 1.13 -1.19
N HIS F 160 -41.06 0.11 -1.97
CA HIS F 160 -39.67 -0.31 -2.10
C HIS F 160 -38.87 0.38 -3.20
N HIS F 161 -39.34 1.55 -3.61
CA HIS F 161 -38.65 2.36 -4.59
C HIS F 161 -38.41 1.70 -5.94
N LEU F 162 -39.20 0.69 -6.26
CA LEU F 162 -39.03 0.03 -7.55
C LEU F 162 -39.89 0.62 -8.65
N LEU F 163 -40.71 1.61 -8.32
CA LEU F 163 -41.55 2.21 -9.33
C LEU F 163 -40.96 3.46 -9.94
N ASN F 164 -39.82 3.90 -9.41
CA ASN F 164 -39.13 5.06 -9.94
C ASN F 164 -38.86 4.79 -11.43
N ASN F 165 -39.17 5.76 -12.29
CA ASN F 165 -38.98 5.59 -13.73
C ASN F 165 -37.63 5.04 -14.11
N ASN F 166 -36.61 5.45 -13.37
CA ASN F 166 -35.26 5.00 -13.66
C ASN F 166 -35.23 3.47 -13.54
N LYS F 167 -35.61 2.97 -12.37
CA LYS F 167 -35.65 1.53 -12.13
C LYS F 167 -36.51 0.80 -13.16
N LEU F 168 -37.63 1.39 -13.52
CA LEU F 168 -38.54 0.78 -14.49
C LEU F 168 -37.99 0.56 -15.88
N LYS F 169 -37.27 1.55 -16.42
CA LYS F 169 -36.74 1.38 -17.76
C LYS F 169 -35.42 0.62 -17.83
N ASN F 170 -34.93 0.19 -16.67
CA ASN F 170 -33.71 -0.62 -16.59
C ASN F 170 -34.07 -2.09 -16.36
N GLY F 171 -35.36 -2.39 -16.42
CA GLY F 171 -35.83 -3.75 -16.24
C GLY F 171 -35.91 -4.30 -14.83
N HIS F 172 -35.81 -3.45 -13.82
CA HIS F 172 -35.88 -3.92 -12.45
C HIS F 172 -37.24 -4.53 -12.12
N VAL F 173 -38.24 -4.25 -12.96
CA VAL F 173 -39.58 -4.78 -12.74
C VAL F 173 -40.23 -5.25 -14.03
N MET F 174 -40.73 -6.47 -13.99
CA MET F 174 -41.45 -7.06 -15.10
C MET F 174 -42.65 -7.77 -14.48
N ILE F 175 -43.86 -7.25 -14.73
CA ILE F 175 -45.06 -7.88 -14.19
C ILE F 175 -45.64 -8.77 -15.28
N GLN F 176 -45.87 -10.03 -14.93
CA GLN F 176 -46.37 -11.01 -15.88
C GLN F 176 -47.71 -11.58 -15.44
N SER F 177 -48.49 -12.04 -16.41
CA SER F 177 -49.78 -12.63 -16.11
C SER F 177 -50.41 -13.30 -17.32
N PHE F 178 -51.30 -14.26 -17.08
CA PHE F 178 -52.01 -14.95 -18.14
C PHE F 178 -53.28 -14.15 -18.39
N SER F 179 -53.68 -13.35 -17.40
CA SER F 179 -54.88 -12.54 -17.44
C SER F 179 -54.69 -11.20 -18.12
N ASP F 180 -55.22 -11.06 -19.33
CA ASP F 180 -55.12 -9.79 -20.06
C ASP F 180 -55.80 -8.71 -19.22
N GLU F 181 -56.84 -9.11 -18.52
CA GLU F 181 -57.59 -8.18 -17.69
C GLU F 181 -56.69 -7.57 -16.62
N SER F 182 -55.93 -8.42 -15.95
CA SER F 182 -55.03 -7.99 -14.90
C SER F 182 -53.96 -7.04 -15.45
N LEU F 183 -53.38 -7.41 -16.59
CA LEU F 183 -52.34 -6.58 -17.20
C LEU F 183 -52.90 -5.24 -17.63
N LYS F 184 -54.05 -5.25 -18.30
CA LYS F 184 -54.67 -4.02 -18.76
C LYS F 184 -55.02 -3.10 -17.58
N LYS F 185 -55.44 -3.69 -16.46
CA LYS F 185 -55.76 -2.90 -15.28
C LYS F 185 -54.49 -2.17 -14.83
N ILE F 186 -53.38 -2.90 -14.79
CA ILE F 186 -52.11 -2.33 -14.36
C ILE F 186 -51.62 -1.27 -15.34
N HIS F 187 -51.76 -1.57 -16.63
CA HIS F 187 -51.33 -0.63 -17.64
C HIS F 187 -52.03 0.72 -17.54
N ARG F 188 -53.33 0.67 -17.23
CA ARG F 188 -54.13 1.88 -17.07
C ARG F 188 -53.65 2.67 -15.86
N GLN F 189 -53.49 1.95 -14.76
CA GLN F 189 -53.06 2.54 -13.52
C GLN F 189 -51.62 3.08 -13.55
N ASN F 190 -50.76 2.45 -14.36
CA ASN F 190 -49.37 2.89 -14.51
C ASN F 190 -48.79 2.38 -15.83
N LYS F 191 -48.85 3.22 -16.86
CA LYS F 191 -48.37 2.86 -18.18
C LYS F 191 -46.88 2.56 -18.28
N HIS F 192 -46.13 2.92 -17.23
CA HIS F 192 -44.69 2.74 -17.22
C HIS F 192 -44.12 1.41 -16.73
N VAL F 193 -44.96 0.54 -16.18
CA VAL F 193 -44.48 -0.73 -15.70
C VAL F 193 -44.48 -1.72 -16.85
N PRO F 194 -43.32 -2.33 -17.15
CA PRO F 194 -43.21 -3.31 -18.24
C PRO F 194 -44.14 -4.49 -17.97
N LEU F 195 -44.96 -4.86 -18.95
CA LEU F 195 -45.87 -5.97 -18.74
C LEU F 195 -45.59 -7.13 -19.68
N VAL F 196 -45.80 -8.35 -19.18
CA VAL F 196 -45.54 -9.52 -19.98
C VAL F 196 -46.76 -10.41 -19.99
N LYS F 197 -47.23 -10.72 -21.19
CA LYS F 197 -48.40 -11.59 -21.37
C LYS F 197 -47.96 -13.05 -21.42
N LEU F 198 -48.46 -13.85 -20.49
CA LEU F 198 -48.13 -15.26 -20.45
C LEU F 198 -49.10 -16.02 -21.34
N VAL F 199 -48.54 -16.73 -22.31
CA VAL F 199 -49.36 -17.52 -23.23
C VAL F 199 -49.41 -18.96 -22.75
N ASP F 200 -50.55 -19.61 -22.93
CA ASP F 200 -50.68 -20.98 -22.48
C ASP F 200 -50.16 -21.98 -23.51
N LYS F 201 -50.10 -23.25 -23.09
CA LYS F 201 -49.63 -24.32 -23.96
C LYS F 201 -50.60 -24.52 -25.11
N GLY F 202 -50.10 -24.29 -26.32
CA GLY F 202 -50.94 -24.44 -27.49
C GLY F 202 -51.67 -23.17 -27.85
N GLU F 203 -51.90 -22.33 -26.85
CA GLU F 203 -52.61 -21.06 -27.06
C GLU F 203 -51.87 -20.08 -27.99
N LEU F 204 -50.54 -20.18 -28.06
CA LEU F 204 -49.76 -19.27 -28.89
C LEU F 204 -50.24 -19.24 -30.33
N GLN F 205 -50.43 -20.43 -30.91
CA GLN F 205 -50.90 -20.56 -32.29
C GLN F 205 -52.26 -19.91 -32.42
N GLN F 206 -53.18 -20.35 -31.56
CA GLN F 206 -54.55 -19.87 -31.55
C GLN F 206 -54.77 -18.40 -31.86
N PHE F 207 -53.86 -17.50 -31.51
CA PHE F 207 -54.17 -16.12 -31.86
C PHE F 207 -53.32 -15.41 -32.90
N ASN F 208 -54.06 -14.81 -33.83
CA ASN F 208 -53.59 -14.06 -35.00
C ASN F 208 -52.80 -12.80 -34.72
N ASP F 209 -52.56 -12.05 -35.79
CA ASP F 209 -51.82 -10.79 -35.74
C ASP F 209 -52.57 -9.67 -35.07
N GLN F 210 -53.87 -9.57 -35.34
CA GLN F 210 -54.65 -8.50 -34.71
C GLN F 210 -54.56 -8.70 -33.20
N ARG F 211 -54.67 -9.94 -32.76
CA ARG F 211 -54.58 -10.28 -31.35
C ARG F 211 -53.23 -9.82 -30.79
N LEU F 212 -52.16 -10.27 -31.44
CA LEU F 212 -50.82 -9.91 -31.02
C LEU F 212 -50.69 -8.39 -31.00
N LYS F 213 -51.20 -7.75 -32.04
CA LYS F 213 -51.12 -6.29 -32.14
C LYS F 213 -51.68 -5.59 -30.91
N GLU F 214 -52.80 -6.11 -30.42
CA GLU F 214 -53.41 -5.50 -29.26
C GLU F 214 -52.68 -5.89 -27.98
N ILE F 215 -52.24 -7.14 -27.87
CA ILE F 215 -51.51 -7.57 -26.68
C ILE F 215 -50.29 -6.66 -26.59
N ARG F 216 -49.69 -6.40 -27.74
CA ARG F 216 -48.51 -5.56 -27.82
C ARG F 216 -48.79 -4.11 -27.43
N SER F 217 -50.06 -3.73 -27.35
CA SER F 217 -50.37 -2.35 -26.99
C SER F 217 -50.22 -2.06 -25.49
N TYR F 218 -50.23 -3.13 -24.67
CA TYR F 218 -50.07 -2.96 -23.23
C TYR F 218 -48.91 -3.77 -22.65
N ALA F 219 -48.43 -4.77 -23.38
CA ALA F 219 -47.33 -5.61 -22.92
C ALA F 219 -46.11 -5.59 -23.88
N ILE F 220 -44.95 -5.23 -23.35
CA ILE F 220 -43.74 -5.20 -24.16
C ILE F 220 -43.24 -6.62 -24.38
N GLY F 221 -43.62 -7.52 -23.48
CA GLY F 221 -43.16 -8.88 -23.59
C GLY F 221 -44.23 -9.94 -23.68
N LEU F 222 -43.82 -11.09 -24.20
CA LEU F 222 -44.70 -12.23 -24.37
C LEU F 222 -43.99 -13.49 -23.87
N GLY F 223 -44.63 -14.22 -22.95
CA GLY F 223 -44.02 -15.43 -22.42
C GLY F 223 -44.81 -16.69 -22.71
N PRO F 224 -44.56 -17.34 -23.86
CA PRO F 224 -45.25 -18.57 -24.28
C PRO F 224 -44.60 -19.83 -23.76
N ASP F 225 -45.33 -20.94 -23.80
CA ASP F 225 -44.78 -22.22 -23.37
C ASP F 225 -43.68 -22.43 -24.41
N TYR F 226 -42.46 -22.73 -23.96
CA TYR F 226 -41.34 -22.90 -24.90
C TYR F 226 -41.55 -23.92 -26.03
N THR F 227 -42.36 -24.94 -25.78
CA THR F 227 -42.61 -25.97 -26.78
C THR F 227 -43.38 -25.47 -27.99
N ASP F 228 -44.11 -24.37 -27.84
CA ASP F 228 -44.88 -23.82 -28.96
C ASP F 228 -44.02 -22.95 -29.87
N LEU F 229 -42.79 -22.70 -29.45
CA LEU F 229 -41.91 -21.87 -30.25
C LEU F 229 -41.19 -22.63 -31.35
N THR F 230 -40.96 -21.92 -32.45
CA THR F 230 -40.26 -22.43 -33.62
C THR F 230 -39.54 -21.20 -34.16
N GLU F 231 -38.44 -21.41 -34.86
CA GLU F 231 -37.67 -20.27 -35.37
C GLU F 231 -38.51 -19.20 -36.09
N GLN F 232 -39.50 -19.64 -36.85
CA GLN F 232 -40.32 -18.68 -37.59
C GLN F 232 -41.25 -17.80 -36.74
N ASN F 233 -42.12 -18.43 -35.93
CA ASN F 233 -43.01 -17.63 -35.10
C ASN F 233 -42.22 -16.73 -34.16
N THR F 234 -41.09 -17.25 -33.68
CA THR F 234 -40.21 -16.49 -32.80
C THR F 234 -39.77 -15.22 -33.51
N HIS F 235 -39.37 -15.35 -34.76
CA HIS F 235 -38.93 -14.21 -35.55
C HIS F 235 -40.11 -13.27 -35.72
N HIS F 236 -41.26 -13.83 -36.05
CA HIS F 236 -42.47 -13.05 -36.24
C HIS F 236 -42.79 -12.19 -35.02
N LEU F 237 -42.81 -12.83 -33.84
CA LEU F 237 -43.08 -12.13 -32.59
C LEU F 237 -42.06 -11.03 -32.40
N LYS F 238 -40.79 -11.37 -32.57
CA LYS F 238 -39.72 -10.39 -32.41
C LYS F 238 -39.96 -9.22 -33.34
N ASP F 239 -40.48 -9.51 -34.53
CA ASP F 239 -40.77 -8.50 -35.54
C ASP F 239 -41.89 -7.58 -35.07
N LEU F 240 -42.86 -8.17 -34.38
CA LEU F 240 -43.99 -7.40 -33.87
C LEU F 240 -43.59 -6.54 -32.67
N GLY F 241 -42.29 -6.50 -32.37
CA GLY F 241 -41.79 -5.69 -31.27
C GLY F 241 -41.75 -6.36 -29.91
N PHE F 242 -42.10 -7.63 -29.86
CA PHE F 242 -42.09 -8.35 -28.60
C PHE F 242 -40.70 -8.73 -28.08
N ILE F 243 -40.67 -9.00 -26.78
CA ILE F 243 -39.49 -9.48 -26.12
C ILE F 243 -40.02 -10.85 -25.79
N VAL F 244 -39.25 -11.90 -26.09
CA VAL F 244 -39.75 -13.24 -25.84
C VAL F 244 -39.00 -14.00 -24.77
N HIS F 245 -39.76 -14.51 -23.80
CA HIS F 245 -39.20 -15.27 -22.70
C HIS F 245 -40.04 -16.53 -22.52
N PRO F 246 -39.76 -17.58 -23.30
CA PRO F 246 -40.51 -18.85 -23.22
C PRO F 246 -40.38 -19.44 -21.82
N TYR F 247 -41.36 -20.24 -21.38
CA TYR F 247 -41.23 -20.76 -20.03
C TYR F 247 -40.99 -22.22 -19.71
N THR F 248 -40.14 -22.28 -18.69
CA THR F 248 -39.56 -23.41 -18.02
C THR F 248 -38.83 -24.37 -18.92
N VAL F 249 -37.65 -23.89 -19.30
CA VAL F 249 -36.69 -24.57 -20.15
C VAL F 249 -35.59 -25.04 -19.21
N ASN F 250 -35.47 -26.35 -19.00
CA ASN F 250 -34.43 -26.82 -18.10
C ASN F 250 -33.38 -27.69 -18.77
N GLU F 251 -33.53 -27.89 -20.09
CA GLU F 251 -32.59 -28.70 -20.86
C GLU F 251 -31.64 -27.83 -21.67
N LYS F 252 -30.34 -28.02 -21.46
CA LYS F 252 -29.33 -27.26 -22.20
C LYS F 252 -29.60 -27.25 -23.70
N ALA F 253 -29.99 -28.41 -24.24
CA ALA F 253 -30.27 -28.56 -25.66
C ALA F 253 -31.31 -27.55 -26.13
N ASP F 254 -32.43 -27.49 -25.42
CA ASP F 254 -33.51 -26.57 -25.73
C ASP F 254 -33.04 -25.13 -25.56
N MET F 255 -32.30 -24.88 -24.49
CA MET F 255 -31.78 -23.55 -24.21
C MET F 255 -31.02 -23.06 -25.45
N LEU F 256 -30.13 -23.89 -25.96
CA LEU F 256 -29.36 -23.51 -27.14
C LEU F 256 -30.27 -23.28 -28.35
N ARG F 257 -31.17 -24.24 -28.60
CA ARG F 257 -32.07 -24.13 -29.74
C ARG F 257 -32.81 -22.81 -29.74
N LEU F 258 -33.52 -22.58 -28.64
CA LEU F 258 -34.31 -21.37 -28.45
C LEU F 258 -33.49 -20.10 -28.64
N ASN F 259 -32.30 -20.05 -28.05
CA ASN F 259 -31.45 -18.87 -28.19
C ASN F 259 -31.21 -18.60 -29.66
N LYS F 260 -31.06 -19.69 -30.43
CA LYS F 260 -30.83 -19.58 -31.86
C LYS F 260 -32.05 -19.00 -32.56
N TYR F 261 -33.23 -19.39 -32.11
CA TYR F 261 -34.47 -18.86 -32.68
C TYR F 261 -34.45 -17.34 -32.55
N GLY F 262 -33.91 -16.83 -31.44
CA GLY F 262 -33.83 -15.40 -31.21
C GLY F 262 -34.46 -14.88 -29.92
N VAL F 263 -34.92 -15.79 -29.05
CA VAL F 263 -35.53 -15.39 -27.79
C VAL F 263 -34.60 -14.47 -27.02
N ASP F 264 -35.13 -13.84 -25.99
CA ASP F 264 -34.35 -12.90 -25.18
C ASP F 264 -34.00 -13.45 -23.81
N GLY F 265 -34.38 -14.70 -23.56
CA GLY F 265 -34.10 -15.31 -22.28
C GLY F 265 -35.11 -16.39 -22.01
N VAL F 266 -35.03 -17.00 -20.83
CA VAL F 266 -35.97 -18.07 -20.48
C VAL F 266 -36.22 -18.18 -18.99
N PHE F 267 -37.32 -18.83 -18.65
CA PHE F 267 -37.64 -19.07 -17.26
C PHE F 267 -37.01 -20.44 -17.08
N THR F 268 -36.29 -20.65 -15.98
CA THR F 268 -35.68 -21.95 -15.80
C THR F 268 -35.45 -22.27 -14.36
N ASN F 269 -35.46 -23.57 -14.05
CA ASN F 269 -35.25 -23.99 -12.68
C ASN F 269 -33.78 -24.27 -12.45
N PHE F 270 -32.97 -24.05 -13.48
CA PHE F 270 -31.53 -24.26 -13.42
C PHE F 270 -30.80 -23.08 -14.04
N ALA F 271 -30.71 -22.02 -13.27
CA ALA F 271 -30.08 -20.79 -13.71
C ALA F 271 -28.69 -21.01 -14.31
N ASP F 272 -27.86 -21.78 -13.62
CA ASP F 272 -26.51 -22.04 -14.09
C ASP F 272 -26.46 -22.69 -15.47
N LYS F 273 -27.29 -23.70 -15.69
CA LYS F 273 -27.29 -24.36 -17.00
C LYS F 273 -27.52 -23.35 -18.10
N TYR F 274 -28.45 -22.42 -17.90
CA TYR F 274 -28.72 -21.43 -18.92
C TYR F 274 -27.60 -20.42 -19.03
N LYS F 275 -27.05 -19.99 -17.90
CA LYS F 275 -25.95 -19.02 -17.96
C LYS F 275 -24.75 -19.62 -18.69
N GLU F 276 -24.55 -20.92 -18.54
CA GLU F 276 -23.45 -21.62 -19.21
C GLU F 276 -23.72 -21.66 -20.71
N VAL F 277 -24.95 -22.00 -21.08
CA VAL F 277 -25.31 -22.05 -22.49
C VAL F 277 -25.08 -20.69 -23.13
N ILE F 278 -25.22 -19.63 -22.33
CA ILE F 278 -25.02 -18.28 -22.86
C ILE F 278 -23.53 -18.02 -23.02
N LYS F 279 -22.76 -18.49 -22.04
CA LYS F 279 -21.32 -18.34 -22.02
C LYS F 279 -20.68 -18.91 -23.28
N GLU F 280 -21.27 -19.99 -23.79
CA GLU F 280 -20.77 -20.65 -24.99
C GLU F 280 -21.46 -20.15 -26.26
N GLN G 14 23.24 -38.42 2.53
CA GLN G 14 22.12 -37.51 2.85
C GLN G 14 22.20 -36.18 2.09
N TRP G 15 22.98 -36.15 1.02
CA TRP G 15 23.13 -34.95 0.18
C TRP G 15 22.21 -35.02 -1.03
N HIS G 16 22.19 -33.95 -1.81
CA HIS G 16 21.35 -33.91 -3.01
C HIS G 16 22.15 -34.30 -4.25
N THR G 17 21.50 -35.03 -5.17
CA THR G 17 22.18 -35.43 -6.40
C THR G 17 21.42 -34.91 -7.61
N ASN G 18 22.16 -34.66 -8.68
CA ASN G 18 21.58 -34.15 -9.91
C ASN G 18 20.21 -34.76 -10.19
N LEU G 19 19.31 -33.97 -10.74
CA LEU G 19 17.97 -34.44 -11.04
C LEU G 19 17.98 -35.41 -12.20
N THR G 20 19.05 -35.37 -12.98
CA THR G 20 19.18 -36.26 -14.13
C THR G 20 19.49 -37.67 -13.66
N ASN G 21 19.73 -37.80 -12.35
CA ASN G 21 20.06 -39.06 -11.70
C ASN G 21 21.51 -39.49 -11.96
N GLU G 22 22.32 -38.54 -12.44
CA GLU G 22 23.73 -38.80 -12.70
C GLU G 22 24.49 -38.40 -11.46
N ARG G 23 25.53 -39.16 -11.11
CA ARG G 23 26.33 -38.79 -9.95
C ARG G 23 27.12 -37.54 -10.37
N PHE G 24 27.65 -37.57 -11.59
CA PHE G 24 28.41 -36.44 -12.12
C PHE G 24 27.81 -36.03 -13.45
N THR G 25 27.33 -34.79 -13.50
CA THR G 25 26.73 -34.30 -14.72
C THR G 25 27.76 -33.48 -15.51
N THR G 26 27.74 -33.62 -16.82
CA THR G 26 28.67 -32.90 -17.70
C THR G 26 27.95 -31.77 -18.46
N ILE G 27 28.15 -30.54 -17.99
CA ILE G 27 27.53 -29.38 -18.61
C ILE G 27 28.41 -28.79 -19.71
N ALA G 28 27.96 -28.94 -20.96
CA ALA G 28 28.68 -28.44 -22.13
C ALA G 28 28.63 -26.92 -22.26
N HIS G 29 29.57 -26.24 -21.60
CA HIS G 29 29.64 -24.78 -21.61
C HIS G 29 29.55 -24.22 -23.04
N ARG G 30 28.42 -23.62 -23.37
CA ARG G 30 28.18 -23.04 -24.69
C ARG G 30 28.29 -24.07 -25.79
N GLY G 31 28.04 -25.32 -25.44
CA GLY G 31 28.13 -26.41 -26.40
C GLY G 31 29.52 -27.02 -26.36
N ALA G 32 29.98 -27.56 -27.48
CA ALA G 32 31.33 -28.14 -27.55
C ALA G 32 32.24 -26.94 -27.78
N SER G 33 32.10 -25.97 -26.89
CA SER G 33 32.82 -24.71 -26.91
C SER G 33 34.30 -24.79 -27.31
N GLY G 34 35.04 -25.74 -26.73
CA GLY G 34 36.46 -25.87 -27.04
C GLY G 34 36.82 -26.39 -28.43
N TYR G 35 35.88 -27.02 -29.12
CA TYR G 35 36.15 -27.59 -30.44
C TYR G 35 35.39 -26.89 -31.56
N ALA G 36 34.32 -26.20 -31.20
CA ALA G 36 33.52 -25.50 -32.19
C ALA G 36 33.12 -24.13 -31.69
N PRO G 37 32.70 -23.25 -32.62
CA PRO G 37 32.29 -21.90 -32.24
C PRO G 37 31.11 -21.91 -31.27
N GLU G 38 31.37 -21.45 -30.06
CA GLU G 38 30.36 -21.39 -29.00
C GLU G 38 28.97 -20.98 -29.49
N HIS G 39 27.93 -21.52 -28.86
CA HIS G 39 26.55 -21.20 -29.19
C HIS G 39 26.15 -21.23 -30.66
N THR G 40 26.43 -22.35 -31.32
CA THR G 40 26.05 -22.55 -32.72
C THR G 40 25.59 -23.99 -32.82
N PHE G 41 24.75 -24.28 -33.81
CA PHE G 41 24.30 -25.66 -33.98
C PHE G 41 25.52 -26.60 -33.99
N GLN G 42 26.60 -26.17 -34.63
CA GLN G 42 27.81 -26.95 -34.69
C GLN G 42 28.26 -27.32 -33.28
N ALA G 43 28.48 -26.31 -32.45
CA ALA G 43 28.91 -26.54 -31.08
C ALA G 43 27.92 -27.40 -30.28
N TYR G 44 26.63 -27.19 -30.51
CA TYR G 44 25.63 -27.98 -29.78
C TYR G 44 25.56 -29.40 -30.32
N ASP G 45 25.56 -29.54 -31.64
CA ASP G 45 25.53 -30.86 -32.25
C ASP G 45 26.70 -31.69 -31.73
N LYS G 46 27.88 -31.10 -31.68
CA LYS G 46 29.07 -31.80 -31.22
C LYS G 46 28.95 -32.27 -29.78
N SER G 47 28.65 -31.37 -28.85
CA SER G 47 28.56 -31.77 -27.45
C SER G 47 27.38 -32.70 -27.14
N HIS G 48 26.29 -32.56 -27.87
CA HIS G 48 25.11 -33.36 -27.63
C HIS G 48 25.09 -34.74 -28.31
N ASN G 49 25.33 -34.74 -29.62
CA ASN G 49 25.34 -35.95 -30.42
C ASN G 49 26.64 -36.74 -30.32
N GLU G 50 27.76 -36.06 -30.53
CA GLU G 50 29.07 -36.65 -30.52
C GLU G 50 29.59 -36.96 -29.13
N LEU G 51 29.99 -35.95 -28.40
CA LEU G 51 30.54 -36.14 -27.06
C LEU G 51 29.52 -36.62 -26.02
N LYS G 52 28.25 -36.53 -26.37
CA LYS G 52 27.16 -36.96 -25.47
C LYS G 52 27.25 -36.42 -24.04
N ALA G 53 27.24 -35.09 -23.93
CA ALA G 53 27.30 -34.44 -22.63
C ALA G 53 25.90 -34.35 -22.02
N SER G 54 25.84 -34.18 -20.71
CA SER G 54 24.56 -34.08 -20.00
C SER G 54 23.64 -32.90 -20.37
N TYR G 55 24.23 -31.70 -20.47
CA TYR G 55 23.46 -30.51 -20.77
C TYR G 55 23.95 -29.69 -21.95
N ILE G 56 23.02 -28.96 -22.55
CA ILE G 56 23.31 -28.05 -23.63
C ILE G 56 23.21 -26.70 -22.88
N GLU G 57 24.35 -26.06 -22.64
CA GLU G 57 24.39 -24.79 -21.91
C GLU G 57 24.14 -23.62 -22.86
N ILE G 58 23.12 -22.82 -22.54
CA ILE G 58 22.74 -21.69 -23.40
C ILE G 58 22.76 -20.32 -22.70
N ASP G 59 23.32 -19.32 -23.38
CA ASP G 59 23.38 -17.95 -22.88
C ASP G 59 22.39 -17.12 -23.70
N LEU G 60 21.47 -16.45 -23.01
CA LEU G 60 20.43 -15.67 -23.68
C LEU G 60 20.68 -14.18 -23.86
N GLN G 61 20.31 -13.69 -25.04
CA GLN G 61 20.40 -12.27 -25.38
C GLN G 61 19.14 -12.09 -26.21
N ARG G 62 18.73 -10.85 -26.48
CA ARG G 62 17.52 -10.65 -27.26
C ARG G 62 17.72 -9.68 -28.41
N THR G 63 17.05 -9.94 -29.54
CA THR G 63 17.19 -9.07 -30.68
C THR G 63 16.30 -7.84 -30.56
N LYS G 64 16.51 -6.89 -31.49
CA LYS G 64 15.76 -5.65 -31.54
C LYS G 64 14.26 -5.94 -31.59
N ASP G 65 13.88 -6.97 -32.34
CA ASP G 65 12.47 -7.33 -32.42
C ASP G 65 12.09 -8.41 -31.42
N GLY G 66 12.83 -8.45 -30.31
CA GLY G 66 12.57 -9.36 -29.20
C GLY G 66 12.73 -10.87 -29.27
N HIS G 67 13.58 -11.37 -30.16
CA HIS G 67 13.77 -12.81 -30.24
C HIS G 67 14.88 -13.24 -29.29
N LEU G 68 14.61 -14.26 -28.48
CA LEU G 68 15.63 -14.76 -27.57
C LEU G 68 16.60 -15.56 -28.43
N VAL G 69 17.88 -15.24 -28.31
CA VAL G 69 18.91 -15.92 -29.09
C VAL G 69 20.07 -16.31 -28.17
N ALA G 70 20.86 -17.26 -28.62
CA ALA G 70 21.98 -17.72 -27.83
C ALA G 70 23.23 -16.95 -28.21
N MET G 71 23.81 -16.27 -27.22
CA MET G 71 25.06 -15.53 -27.39
C MET G 71 25.55 -15.10 -26.01
N HIS G 72 26.84 -15.25 -25.77
CA HIS G 72 27.39 -14.91 -24.47
C HIS G 72 27.44 -13.41 -24.17
N ASP G 73 28.03 -12.63 -25.07
CA ASP G 73 28.13 -11.18 -24.88
C ASP G 73 26.87 -10.45 -25.31
N GLU G 74 26.74 -9.19 -24.89
CA GLU G 74 25.59 -8.36 -25.25
C GLU G 74 25.84 -7.75 -26.62
N THR G 75 27.05 -7.94 -27.11
CA THR G 75 27.47 -7.44 -28.42
C THR G 75 27.97 -8.58 -29.30
N VAL G 76 27.71 -8.45 -30.59
CA VAL G 76 28.09 -9.45 -31.59
C VAL G 76 29.56 -9.41 -32.02
N ASN G 77 30.27 -8.38 -31.56
CA ASN G 77 31.68 -8.15 -31.90
C ASN G 77 32.65 -9.35 -31.82
N ARG G 78 32.77 -9.92 -30.62
CA ARG G 78 33.66 -11.03 -30.39
C ARG G 78 33.41 -12.29 -31.22
N THR G 79 32.15 -12.67 -31.39
CA THR G 79 31.85 -13.90 -32.12
C THR G 79 31.25 -13.80 -33.51
N THR G 80 31.30 -12.63 -34.12
CA THR G 80 30.76 -12.50 -35.48
C THR G 80 31.51 -11.47 -36.31
N ASN G 81 31.16 -11.41 -37.58
CA ASN G 81 31.78 -10.47 -38.48
C ASN G 81 31.00 -9.16 -38.42
N GLY G 82 30.37 -8.92 -37.29
CA GLY G 82 29.61 -7.69 -37.13
C GLY G 82 29.92 -6.99 -35.83
N HIS G 83 29.40 -5.77 -35.68
CA HIS G 83 29.59 -4.97 -34.47
C HIS G 83 28.27 -4.41 -33.97
N GLY G 84 28.19 -4.19 -32.67
CA GLY G 84 26.96 -3.63 -32.12
C GLY G 84 26.32 -4.49 -31.05
N LYS G 85 25.31 -3.94 -30.38
CA LYS G 85 24.60 -4.65 -29.33
C LYS G 85 23.63 -5.60 -30.03
N VAL G 86 23.46 -6.77 -29.44
CA VAL G 86 22.57 -7.76 -30.02
C VAL G 86 21.21 -7.11 -30.27
N GLU G 87 20.75 -6.32 -29.31
CA GLU G 87 19.46 -5.69 -29.45
C GLU G 87 19.35 -4.62 -30.53
N ASP G 88 20.46 -4.27 -31.18
CA ASP G 88 20.38 -3.29 -32.26
C ASP G 88 20.10 -4.01 -33.56
N TYR G 89 20.20 -5.33 -33.52
CA TYR G 89 19.97 -6.16 -34.71
C TYR G 89 18.59 -6.79 -34.63
N THR G 90 17.96 -6.96 -35.78
CA THR G 90 16.68 -7.65 -35.83
C THR G 90 17.09 -9.10 -36.07
N LEU G 91 16.27 -10.05 -35.66
CA LEU G 91 16.64 -11.44 -35.86
C LEU G 91 17.14 -11.64 -37.28
N ASP G 92 16.40 -11.08 -38.22
CA ASP G 92 16.75 -11.21 -39.61
C ASP G 92 18.15 -10.69 -39.94
N GLU G 93 18.51 -9.57 -39.35
CA GLU G 93 19.83 -9.00 -39.61
C GLU G 93 20.88 -9.86 -38.93
N LEU G 94 20.62 -10.24 -37.69
CA LEU G 94 21.56 -11.05 -36.93
C LEU G 94 21.87 -12.34 -37.68
N LYS G 95 20.89 -12.84 -38.43
CA LYS G 95 21.04 -14.08 -39.20
C LYS G 95 21.98 -13.94 -40.39
N GLN G 96 22.35 -12.71 -40.72
CA GLN G 96 23.26 -12.46 -41.83
C GLN G 96 24.68 -12.63 -41.36
N LEU G 97 24.91 -12.40 -40.07
CA LEU G 97 26.24 -12.53 -39.51
C LEU G 97 26.85 -13.92 -39.65
N ASP G 98 28.18 -13.96 -39.52
CA ASP G 98 28.98 -15.17 -39.58
C ASP G 98 29.42 -15.39 -38.13
N ALA G 99 28.86 -16.40 -37.49
CA ALA G 99 29.17 -16.68 -36.10
C ALA G 99 30.19 -17.78 -35.93
N GLY G 100 30.81 -18.19 -37.03
CA GLY G 100 31.81 -19.25 -36.98
C GLY G 100 33.26 -18.90 -37.31
N SER G 101 33.46 -18.16 -38.39
CA SER G 101 34.81 -17.78 -38.82
C SER G 101 35.73 -17.36 -37.69
N TRP G 102 35.23 -16.51 -36.80
CA TRP G 102 36.04 -16.01 -35.69
C TRP G 102 36.73 -17.14 -34.91
N PHE G 103 36.07 -18.30 -34.85
CA PHE G 103 36.61 -19.44 -34.11
C PHE G 103 37.85 -20.01 -34.80
N ASN G 104 37.76 -20.14 -36.12
CA ASN G 104 38.87 -20.67 -36.89
C ASN G 104 40.08 -19.78 -36.68
N LYS G 105 39.88 -18.46 -36.75
CA LYS G 105 40.98 -17.53 -36.57
C LYS G 105 41.57 -17.54 -35.16
N LYS G 106 40.74 -17.70 -34.14
CA LYS G 106 41.26 -17.70 -32.79
C LYS G 106 41.87 -19.03 -32.34
N TYR G 107 41.32 -20.12 -32.88
CA TYR G 107 41.81 -21.47 -32.53
C TYR G 107 42.14 -22.24 -33.80
N PRO G 108 43.22 -21.84 -34.50
CA PRO G 108 43.64 -22.49 -35.73
C PRO G 108 43.75 -24.01 -35.63
N LYS G 109 44.07 -24.50 -34.45
CA LYS G 109 44.23 -25.94 -34.29
C LYS G 109 42.92 -26.75 -34.28
N TYR G 110 41.79 -26.06 -34.19
CA TYR G 110 40.49 -26.73 -34.19
C TYR G 110 39.66 -26.23 -35.36
N ALA G 111 40.21 -25.25 -36.07
CA ALA G 111 39.53 -24.66 -37.21
C ALA G 111 38.86 -25.71 -38.09
N ARG G 112 37.88 -25.28 -38.88
CA ARG G 112 37.17 -26.18 -39.75
C ARG G 112 36.41 -25.35 -40.77
N ALA G 113 36.49 -25.77 -42.03
CA ALA G 113 35.84 -25.05 -43.12
C ALA G 113 34.33 -24.94 -42.94
N SER G 114 33.72 -25.97 -42.40
CA SER G 114 32.28 -25.97 -42.18
C SER G 114 31.84 -24.91 -41.16
N TYR G 115 32.76 -24.46 -40.30
CA TYR G 115 32.43 -23.46 -39.30
C TYR G 115 32.14 -22.10 -39.92
N LYS G 116 32.62 -21.88 -41.14
CA LYS G 116 32.36 -20.60 -41.79
C LYS G 116 30.89 -20.39 -42.00
N ASN G 117 30.45 -19.16 -41.73
CA ASN G 117 29.06 -18.78 -41.86
C ASN G 117 28.08 -19.52 -40.94
N ALA G 118 28.58 -19.95 -39.80
CA ALA G 118 27.72 -20.61 -38.82
C ALA G 118 26.77 -19.47 -38.41
N LYS G 119 25.54 -19.80 -38.06
CA LYS G 119 24.58 -18.78 -37.67
C LYS G 119 24.30 -18.73 -36.20
N VAL G 120 23.82 -17.58 -35.74
CA VAL G 120 23.44 -17.41 -34.35
C VAL G 120 22.09 -18.13 -34.25
N PRO G 121 21.92 -18.95 -33.23
CA PRO G 121 20.64 -19.65 -33.10
C PRO G 121 19.67 -18.98 -32.13
N THR G 122 18.37 -19.13 -32.38
CA THR G 122 17.37 -18.57 -31.48
C THR G 122 17.09 -19.67 -30.46
N LEU G 123 16.59 -19.30 -29.29
CA LEU G 123 16.29 -20.29 -28.26
C LEU G 123 15.26 -21.27 -28.80
N ASP G 124 14.35 -20.77 -29.62
CA ASP G 124 13.32 -21.61 -30.18
C ASP G 124 13.95 -22.68 -31.04
N GLU G 125 14.81 -22.27 -31.97
CA GLU G 125 15.50 -23.22 -32.86
C GLU G 125 16.24 -24.29 -32.07
N ILE G 126 16.91 -23.87 -31.00
CA ILE G 126 17.64 -24.80 -30.17
C ILE G 126 16.72 -25.86 -29.58
N LEU G 127 15.67 -25.42 -28.88
CA LEU G 127 14.72 -26.35 -28.27
C LEU G 127 14.11 -27.23 -29.35
N GLU G 128 13.78 -26.58 -30.46
CA GLU G 128 13.21 -27.25 -31.62
C GLU G 128 14.09 -28.41 -32.08
N ARG G 129 15.36 -28.09 -32.34
CA ARG G 129 16.35 -29.04 -32.82
C ARG G 129 16.69 -30.22 -31.94
N TYR G 130 17.02 -29.99 -30.68
CA TYR G 130 17.38 -31.08 -29.80
C TYR G 130 16.24 -31.78 -29.07
N GLY G 131 15.02 -31.29 -29.28
CA GLY G 131 13.85 -31.90 -28.69
C GLY G 131 13.69 -31.90 -27.19
N PRO G 132 12.55 -32.38 -26.72
CA PRO G 132 12.14 -32.49 -25.33
C PRO G 132 12.87 -33.53 -24.50
N ASN G 133 13.80 -34.23 -25.12
CA ASN G 133 14.52 -35.24 -24.36
C ASN G 133 15.90 -34.82 -23.97
N ALA G 134 16.35 -33.70 -24.55
CA ALA G 134 17.65 -33.16 -24.23
C ALA G 134 17.56 -32.48 -22.86
N ASN G 135 18.67 -31.97 -22.35
CA ASN G 135 18.67 -31.29 -21.07
C ASN G 135 19.29 -29.93 -21.31
N TYR G 136 18.60 -28.88 -20.89
CA TYR G 136 19.08 -27.54 -21.12
C TYR G 136 19.43 -26.80 -19.86
N TYR G 137 20.50 -26.03 -19.95
CA TYR G 137 20.98 -25.22 -18.82
C TYR G 137 20.98 -23.82 -19.39
N ILE G 138 19.92 -23.07 -19.10
CA ILE G 138 19.76 -21.72 -19.64
C ILE G 138 20.02 -20.57 -18.66
N GLU G 139 20.79 -19.58 -19.13
CA GLU G 139 21.17 -18.40 -18.34
C GLU G 139 20.46 -17.12 -18.72
N THR G 140 19.96 -16.41 -17.71
CA THR G 140 19.24 -15.14 -17.86
C THR G 140 20.04 -13.98 -17.27
N LYS G 141 19.78 -12.76 -17.77
CA LYS G 141 20.44 -11.53 -17.28
C LYS G 141 19.49 -10.81 -16.30
N SER G 142 19.79 -9.56 -15.96
CA SER G 142 18.96 -8.82 -15.03
C SER G 142 17.61 -8.43 -15.63
N PRO G 143 16.53 -8.52 -14.82
CA PRO G 143 15.15 -8.20 -15.22
C PRO G 143 15.03 -6.77 -15.78
N ASP G 144 16.14 -6.03 -15.69
CA ASP G 144 16.22 -4.66 -16.17
C ASP G 144 16.89 -4.59 -17.54
N VAL G 145 17.87 -5.46 -17.80
CA VAL G 145 18.55 -5.42 -19.07
C VAL G 145 17.65 -5.86 -20.23
N TYR G 146 16.87 -6.92 -20.01
CA TYR G 146 15.96 -7.44 -21.03
C TYR G 146 14.59 -7.74 -20.41
N PRO G 147 13.83 -6.70 -20.04
CA PRO G 147 12.50 -6.86 -19.44
C PRO G 147 11.61 -7.83 -20.23
N GLY G 148 11.13 -8.86 -19.56
CA GLY G 148 10.28 -9.84 -20.21
C GLY G 148 11.03 -11.12 -20.58
N MET G 149 12.35 -11.10 -20.43
CA MET G 149 13.17 -12.27 -20.76
C MET G 149 12.63 -13.51 -20.04
N GLU G 150 12.50 -13.44 -18.71
CA GLU G 150 12.00 -14.57 -17.95
C GLU G 150 10.65 -15.09 -18.47
N GLU G 151 9.66 -14.20 -18.58
CA GLU G 151 8.34 -14.59 -19.09
C GLU G 151 8.48 -15.28 -20.44
N GLN G 152 9.36 -14.77 -21.29
CA GLN G 152 9.59 -15.33 -22.60
C GLN G 152 10.25 -16.71 -22.53
N LEU G 153 11.27 -16.85 -21.69
CA LEU G 153 11.95 -18.12 -21.55
C LEU G 153 10.93 -19.19 -21.16
N LEU G 154 10.22 -18.95 -20.08
CA LEU G 154 9.21 -19.90 -19.62
C LEU G 154 8.16 -20.21 -20.70
N ALA G 155 7.70 -19.19 -21.41
CA ALA G 155 6.72 -19.43 -22.44
C ALA G 155 7.30 -20.36 -23.52
N SER G 156 8.56 -20.11 -23.87
CA SER G 156 9.24 -20.90 -24.88
C SER G 156 9.39 -22.34 -24.39
N LEU G 157 9.86 -22.49 -23.15
CA LEU G 157 10.02 -23.81 -22.60
C LEU G 157 8.69 -24.56 -22.64
N LYS G 158 7.62 -23.89 -22.27
CA LYS G 158 6.32 -24.53 -22.26
C LYS G 158 5.91 -24.95 -23.64
N LYS G 159 6.16 -24.08 -24.61
CA LYS G 159 5.81 -24.38 -25.98
C LYS G 159 6.41 -25.71 -26.41
N HIS G 160 7.66 -25.92 -26.01
CA HIS G 160 8.41 -27.13 -26.34
C HIS G 160 8.26 -28.28 -25.35
N HIS G 161 7.18 -28.23 -24.57
CA HIS G 161 6.87 -29.29 -23.63
C HIS G 161 7.91 -29.58 -22.59
N LEU G 162 8.76 -28.62 -22.29
CA LEU G 162 9.79 -28.83 -21.29
C LEU G 162 9.38 -28.39 -19.90
N LEU G 163 8.16 -27.84 -19.79
CA LEU G 163 7.69 -27.40 -18.48
C LEU G 163 6.84 -28.43 -17.78
N ASN G 164 6.55 -29.52 -18.47
CA ASN G 164 5.77 -30.60 -17.88
C ASN G 164 6.50 -31.05 -16.60
N ASN G 165 5.77 -31.19 -15.50
CA ASN G 165 6.38 -31.58 -14.24
C ASN G 165 7.31 -32.78 -14.35
N ASN G 166 6.94 -33.72 -15.19
CA ASN G 166 7.76 -34.91 -15.37
C ASN G 166 9.15 -34.48 -15.84
N LYS G 167 9.20 -33.76 -16.95
CA LYS G 167 10.45 -33.27 -17.49
C LYS G 167 11.23 -32.44 -16.46
N LEU G 168 10.53 -31.61 -15.71
CA LEU G 168 11.17 -30.76 -14.72
C LEU G 168 11.90 -31.47 -13.60
N LYS G 169 11.30 -32.52 -13.04
CA LYS G 169 11.97 -33.23 -11.95
C LYS G 169 12.98 -34.28 -12.40
N ASN G 170 13.17 -34.39 -13.72
CA ASN G 170 14.17 -35.30 -14.28
C ASN G 170 15.39 -34.51 -14.73
N GLY G 171 15.40 -33.22 -14.42
CA GLY G 171 16.51 -32.35 -14.78
C GLY G 171 16.61 -31.87 -16.22
N HIS G 172 15.54 -32.00 -17.00
CA HIS G 172 15.57 -31.55 -18.37
C HIS G 172 15.75 -30.04 -18.47
N VAL G 173 15.48 -29.35 -17.37
CA VAL G 173 15.63 -27.91 -17.35
C VAL G 173 16.29 -27.39 -16.08
N MET G 174 17.29 -26.54 -16.27
CA MET G 174 17.99 -25.91 -15.18
C MET G 174 18.21 -24.46 -15.63
N ILE G 175 17.52 -23.52 -14.99
CA ILE G 175 17.69 -22.11 -15.32
C ILE G 175 18.70 -21.53 -14.34
N GLN G 176 19.71 -20.87 -14.89
CA GLN G 176 20.78 -20.31 -14.10
C GLN G 176 20.90 -18.81 -14.31
N SER G 177 21.39 -18.12 -13.29
CA SER G 177 21.58 -16.68 -13.39
C SER G 177 22.41 -16.12 -12.24
N PHE G 178 23.05 -14.98 -12.48
CA PHE G 178 23.83 -14.29 -11.45
C PHE G 178 22.87 -13.36 -10.70
N SER G 179 21.75 -13.05 -11.36
CA SER G 179 20.73 -12.16 -10.83
C SER G 179 19.70 -12.85 -9.93
N ASP G 180 19.81 -12.62 -8.63
CA ASP G 180 18.86 -13.21 -7.68
C ASP G 180 17.47 -12.73 -8.04
N GLU G 181 17.41 -11.49 -8.54
CA GLU G 181 16.14 -10.89 -8.92
C GLU G 181 15.47 -11.69 -10.02
N SER G 182 16.25 -12.07 -11.03
CA SER G 182 15.75 -12.85 -12.15
C SER G 182 15.26 -14.21 -11.70
N LEU G 183 16.05 -14.88 -10.86
CA LEU G 183 15.69 -16.20 -10.36
C LEU G 183 14.43 -16.14 -9.50
N LYS G 184 14.39 -15.15 -8.60
CA LYS G 184 13.23 -15.00 -7.72
C LYS G 184 11.97 -14.73 -8.51
N LYS G 185 12.10 -13.97 -9.60
CA LYS G 185 10.95 -13.67 -10.44
C LYS G 185 10.43 -15.00 -11.01
N ILE G 186 11.35 -15.82 -11.52
CA ILE G 186 10.98 -17.10 -12.10
C ILE G 186 10.39 -18.04 -11.06
N HIS G 187 10.99 -18.05 -9.89
CA HIS G 187 10.51 -18.92 -8.84
C HIS G 187 9.06 -18.61 -8.46
N ARG G 188 8.73 -17.32 -8.44
CA ARG G 188 7.37 -16.89 -8.10
C ARG G 188 6.41 -17.34 -9.18
N GLN G 189 6.79 -17.10 -10.42
CA GLN G 189 5.98 -17.45 -11.57
C GLN G 189 5.81 -18.96 -11.75
N ASN G 190 6.82 -19.74 -11.36
CA ASN G 190 6.76 -21.19 -11.48
C ASN G 190 7.75 -21.83 -10.49
N LYS G 191 7.24 -22.21 -9.33
CA LYS G 191 8.08 -22.80 -8.28
C LYS G 191 8.71 -24.14 -8.64
N HIS G 192 8.25 -24.75 -9.73
CA HIS G 192 8.75 -26.06 -10.14
C HIS G 192 9.98 -26.13 -11.06
N VAL G 193 10.43 -24.99 -11.55
CA VAL G 193 11.59 -24.99 -12.42
C VAL G 193 12.84 -24.91 -11.56
N PRO G 194 13.76 -25.89 -11.70
CA PRO G 194 15.01 -25.92 -10.93
C PRO G 194 15.83 -24.66 -11.22
N LEU G 195 16.27 -23.97 -10.17
CA LEU G 195 17.04 -22.74 -10.38
C LEU G 195 18.43 -22.84 -9.82
N VAL G 196 19.37 -22.24 -10.54
CA VAL G 196 20.76 -22.27 -10.13
C VAL G 196 21.33 -20.87 -10.01
N LYS G 197 21.85 -20.56 -8.83
CA LYS G 197 22.45 -19.26 -8.55
C LYS G 197 23.93 -19.25 -8.95
N LEU G 198 24.29 -18.38 -9.88
CA LEU G 198 25.67 -18.28 -10.32
C LEU G 198 26.41 -17.31 -9.42
N VAL G 199 27.46 -17.81 -8.79
CA VAL G 199 28.27 -17.00 -7.90
C VAL G 199 29.48 -16.46 -8.67
N ASP G 200 29.87 -15.24 -8.37
CA ASP G 200 30.99 -14.64 -9.05
C ASP G 200 32.33 -15.01 -8.44
N LYS G 201 33.40 -14.65 -9.14
CA LYS G 201 34.75 -14.95 -8.69
C LYS G 201 35.05 -14.21 -7.39
N GLY G 202 35.30 -14.95 -6.32
CA GLY G 202 35.59 -14.35 -5.05
C GLY G 202 34.32 -14.07 -4.26
N GLU G 203 33.21 -13.94 -4.95
CA GLU G 203 31.94 -13.65 -4.28
C GLU G 203 31.46 -14.79 -3.38
N LEU G 204 31.87 -16.02 -3.68
CA LEU G 204 31.43 -17.16 -2.88
C LEU G 204 31.69 -16.99 -1.38
N GLN G 205 32.91 -16.59 -1.06
CA GLN G 205 33.32 -16.36 0.32
C GLN G 205 32.45 -15.28 0.96
N GLN G 206 32.41 -14.14 0.27
CA GLN G 206 31.66 -12.98 0.72
C GLN G 206 30.33 -13.24 1.39
N PHE G 207 29.60 -14.29 1.03
CA PHE G 207 28.35 -14.46 1.75
C PHE G 207 28.17 -15.66 2.67
N ASN G 208 27.72 -15.29 3.87
CA ASN G 208 27.46 -16.17 5.02
C ASN G 208 26.36 -17.23 4.83
N ASP G 209 26.02 -17.87 5.96
CA ASP G 209 25.01 -18.91 6.00
C ASP G 209 23.60 -18.40 5.82
N GLN G 210 23.28 -17.26 6.44
CA GLN G 210 21.93 -16.70 6.29
C GLN G 210 21.70 -16.43 4.79
N ARG G 211 22.73 -15.91 4.13
CA ARG G 211 22.66 -15.63 2.70
C ARG G 211 22.39 -16.94 1.94
N LEU G 212 23.23 -17.93 2.18
CA LEU G 212 23.07 -19.22 1.52
C LEU G 212 21.68 -19.79 1.82
N LYS G 213 21.26 -19.67 3.07
CA LYS G 213 19.96 -20.18 3.48
C LYS G 213 18.83 -19.63 2.62
N GLU G 214 18.91 -18.34 2.32
CA GLU G 214 17.88 -17.71 1.51
C GLU G 214 18.03 -18.05 0.03
N ILE G 215 19.27 -18.08 -0.46
CA ILE G 215 19.49 -18.44 -1.86
C ILE G 215 18.89 -19.83 -2.06
N ARG G 216 19.13 -20.68 -1.07
CA ARG G 216 18.63 -22.05 -1.10
C ARG G 216 17.11 -22.12 -1.07
N SER G 217 16.45 -21.02 -0.74
CA SER G 217 14.99 -21.04 -0.67
C SER G 217 14.35 -20.98 -2.06
N TYR G 218 15.10 -20.54 -3.06
CA TYR G 218 14.56 -20.47 -4.43
C TYR G 218 15.40 -21.23 -5.46
N ALA G 219 16.65 -21.53 -5.12
CA ALA G 219 17.54 -22.25 -6.02
C ALA G 219 18.05 -23.55 -5.42
N ILE G 220 17.88 -24.65 -6.13
CA ILE G 220 18.34 -25.95 -5.67
C ILE G 220 19.84 -26.06 -5.91
N GLY G 221 20.34 -25.30 -6.88
CA GLY G 221 21.74 -25.36 -7.20
C GLY G 221 22.51 -24.07 -7.09
N LEU G 222 23.82 -24.21 -6.94
CA LEU G 222 24.73 -23.10 -6.81
C LEU G 222 25.93 -23.32 -7.73
N GLY G 223 26.21 -22.34 -8.60
CA GLY G 223 27.31 -22.48 -9.52
C GLY G 223 28.39 -21.43 -9.34
N PRO G 224 29.37 -21.69 -8.47
CA PRO G 224 30.49 -20.77 -8.17
C PRO G 224 31.67 -20.93 -9.12
N ASP G 225 32.53 -19.92 -9.16
CA ASP G 225 33.72 -20.01 -10.00
C ASP G 225 34.47 -21.17 -9.34
N TYR G 226 34.91 -22.15 -10.13
CA TYR G 226 35.57 -23.32 -9.57
C TYR G 226 36.80 -23.06 -8.69
N THR G 227 37.49 -21.94 -8.93
CA THR G 227 38.68 -21.60 -8.17
C THR G 227 38.38 -21.22 -6.72
N ASP G 228 37.14 -20.83 -6.44
CA ASP G 228 36.79 -20.47 -5.07
C ASP G 228 36.44 -21.70 -4.23
N LEU G 229 36.36 -22.85 -4.87
CA LEU G 229 36.02 -24.06 -4.16
C LEU G 229 37.19 -24.73 -3.48
N THR G 230 36.90 -25.35 -2.35
CA THR G 230 37.86 -26.08 -1.53
C THR G 230 37.05 -27.22 -0.92
N GLU G 231 37.68 -28.34 -0.59
CA GLU G 231 36.93 -29.45 -0.05
C GLU G 231 35.96 -29.10 1.07
N GLN G 232 36.34 -28.17 1.93
CA GLN G 232 35.48 -27.81 3.06
C GLN G 232 34.21 -27.03 2.69
N ASN G 233 34.37 -25.89 2.02
CA ASN G 233 33.19 -25.11 1.65
C ASN G 233 32.28 -25.96 0.78
N THR G 234 32.87 -26.79 -0.07
CA THR G 234 32.11 -27.67 -0.96
C THR G 234 31.22 -28.57 -0.12
N HIS G 235 31.80 -29.15 0.92
CA HIS G 235 31.06 -30.02 1.80
C HIS G 235 29.96 -29.23 2.47
N HIS G 236 30.31 -28.03 2.94
CA HIS G 236 29.37 -27.14 3.61
C HIS G 236 28.16 -26.87 2.73
N LEU G 237 28.41 -26.44 1.49
CA LEU G 237 27.34 -26.15 0.54
C LEU G 237 26.49 -27.40 0.35
N LYS G 238 27.14 -28.53 0.10
CA LYS G 238 26.42 -29.78 -0.09
C LYS G 238 25.53 -30.06 1.12
N ASP G 239 26.03 -29.72 2.30
CA ASP G 239 25.30 -29.91 3.56
C ASP G 239 24.06 -29.03 3.61
N LEU G 240 24.19 -27.83 3.07
CA LEU G 240 23.09 -26.89 3.04
C LEU G 240 22.03 -27.29 2.00
N GLY G 241 22.21 -28.47 1.41
CA GLY G 241 21.25 -28.97 0.43
C GLY G 241 21.49 -28.57 -1.01
N PHE G 242 22.59 -27.88 -1.26
CA PHE G 242 22.89 -27.44 -2.62
C PHE G 242 23.41 -28.54 -3.51
N ILE G 243 23.31 -28.26 -4.81
CA ILE G 243 23.83 -29.12 -5.85
C ILE G 243 24.91 -28.16 -6.34
N VAL G 244 26.13 -28.64 -6.48
CA VAL G 244 27.20 -27.74 -6.90
C VAL G 244 27.77 -28.03 -8.29
N HIS G 245 27.80 -27.00 -9.12
CA HIS G 245 28.33 -27.10 -10.45
C HIS G 245 29.24 -25.91 -10.70
N PRO G 246 30.51 -26.00 -10.25
CA PRO G 246 31.51 -24.93 -10.43
C PRO G 246 31.69 -24.62 -11.92
N TYR G 247 32.08 -23.39 -12.26
CA TYR G 247 32.21 -23.13 -13.67
C TYR G 247 33.53 -22.89 -14.37
N THR G 248 33.50 -23.48 -15.56
CA THR G 248 34.49 -23.58 -16.61
C THR G 248 35.82 -24.18 -16.17
N VAL G 249 35.74 -25.50 -16.00
CA VAL G 249 36.84 -26.35 -15.59
C VAL G 249 37.24 -27.07 -16.87
N ASN G 250 38.42 -26.77 -17.40
CA ASN G 250 38.85 -27.45 -18.62
C ASN G 250 40.10 -28.31 -18.44
N GLU G 251 40.61 -28.36 -17.21
CA GLU G 251 41.80 -29.14 -16.89
C GLU G 251 41.46 -30.44 -16.16
N LYS G 252 41.85 -31.57 -16.75
CA LYS G 252 41.59 -32.87 -16.14
C LYS G 252 41.95 -32.90 -14.66
N ALA G 253 43.08 -32.29 -14.33
CA ALA G 253 43.56 -32.25 -12.94
C ALA G 253 42.52 -31.66 -12.00
N ASP G 254 42.01 -30.49 -12.37
CA ASP G 254 40.99 -29.79 -11.60
C ASP G 254 39.71 -30.61 -11.54
N MET G 255 39.34 -31.18 -12.69
CA MET G 255 38.14 -32.01 -12.77
C MET G 255 38.19 -33.08 -11.69
N LEU G 256 39.32 -33.78 -11.61
CA LEU G 256 39.46 -34.83 -10.62
C LEU G 256 39.40 -34.27 -9.20
N ARG G 257 40.15 -33.19 -8.97
CA ARG G 257 40.18 -32.58 -7.64
C ARG G 257 38.78 -32.27 -7.14
N LEU G 258 38.09 -31.46 -7.94
CA LEU G 258 36.73 -31.02 -7.64
C LEU G 258 35.78 -32.19 -7.39
N ASN G 259 35.85 -33.22 -8.24
CA ASN G 259 34.98 -34.37 -8.05
C ASN G 259 35.22 -34.95 -6.68
N LYS G 260 36.48 -34.93 -6.24
CA LYS G 260 36.84 -35.44 -4.92
C LYS G 260 36.22 -34.58 -3.82
N TYR G 261 36.18 -33.28 -4.06
CA TYR G 261 35.58 -32.36 -3.08
C TYR G 261 34.13 -32.79 -2.86
N GLY G 262 33.47 -33.21 -3.93
CA GLY G 262 32.08 -33.65 -3.83
C GLY G 262 31.09 -32.98 -4.77
N VAL G 263 31.59 -32.14 -5.68
CA VAL G 263 30.71 -31.45 -6.63
C VAL G 263 29.84 -32.46 -7.38
N ASP G 264 28.84 -31.95 -8.08
CA ASP G 264 27.91 -32.80 -8.81
C ASP G 264 28.12 -32.72 -10.30
N GLY G 265 29.13 -31.96 -10.71
CA GLY G 265 29.40 -31.82 -12.12
C GLY G 265 30.11 -30.51 -12.39
N VAL G 266 30.33 -30.18 -13.66
CA VAL G 266 31.00 -28.94 -14.00
C VAL G 266 30.63 -28.41 -15.37
N PHE G 267 30.90 -27.12 -15.57
CA PHE G 267 30.66 -26.49 -16.83
C PHE G 267 32.03 -26.68 -17.48
N THR G 268 32.08 -27.09 -18.74
CA THR G 268 33.38 -27.26 -19.34
C THR G 268 33.32 -27.12 -20.84
N ASN G 269 34.42 -26.67 -21.42
CA ASN G 269 34.48 -26.50 -22.85
C ASN G 269 35.01 -27.75 -23.51
N PHE G 270 35.29 -28.77 -22.69
CA PHE G 270 35.79 -30.05 -23.16
C PHE G 270 35.02 -31.18 -22.49
N ALA G 271 33.84 -31.44 -23.02
CA ALA G 271 32.96 -32.46 -22.48
C ALA G 271 33.64 -33.81 -22.30
N ASP G 272 34.34 -34.25 -23.33
CA ASP G 272 35.04 -35.53 -23.28
C ASP G 272 36.04 -35.65 -22.13
N LYS G 273 36.88 -34.64 -21.96
CA LYS G 273 37.86 -34.68 -20.88
C LYS G 273 37.16 -34.94 -19.56
N TYR G 274 36.03 -34.28 -19.32
CA TYR G 274 35.35 -34.50 -18.06
C TYR G 274 34.69 -35.87 -18.01
N LYS G 275 34.10 -36.31 -19.11
CA LYS G 275 33.45 -37.62 -19.10
C LYS G 275 34.49 -38.72 -18.85
N GLU G 276 35.72 -38.52 -19.34
CA GLU G 276 36.80 -39.47 -19.14
C GLU G 276 37.20 -39.47 -17.68
N VAL G 277 37.34 -38.29 -17.10
CA VAL G 277 37.71 -38.19 -15.70
C VAL G 277 36.68 -38.91 -14.83
N ILE G 278 35.43 -38.95 -15.29
CA ILE G 278 34.36 -39.62 -14.56
C ILE G 278 34.50 -41.12 -14.73
N LYS G 279 34.83 -41.54 -15.94
CA LYS G 279 35.01 -42.94 -16.30
C LYS G 279 36.05 -43.61 -15.40
N GLU G 280 37.06 -42.84 -15.01
CA GLU G 280 38.14 -43.33 -14.16
C GLU G 280 37.89 -43.06 -12.68
N GLN H 14 -3.62 -64.60 25.38
CA GLN H 14 -3.77 -64.06 26.76
C GLN H 14 -3.70 -62.52 26.80
N TRP H 15 -3.87 -61.88 25.66
CA TRP H 15 -3.84 -60.43 25.56
C TRP H 15 -5.25 -59.86 25.60
N HIS H 16 -5.36 -58.55 25.57
CA HIS H 16 -6.66 -57.89 25.60
C HIS H 16 -7.11 -57.53 24.19
N THR H 17 -8.40 -57.63 23.92
CA THR H 17 -8.93 -57.26 22.62
C THR H 17 -9.99 -56.19 22.75
N ASN H 18 -10.13 -55.38 21.71
CA ASN H 18 -11.09 -54.30 21.68
C ASN H 18 -12.40 -54.71 22.34
N LEU H 19 -13.02 -53.77 23.04
CA LEU H 19 -14.27 -54.05 23.72
C LEU H 19 -15.39 -54.21 22.73
N THR H 20 -15.19 -53.73 21.52
CA THR H 20 -16.20 -53.83 20.47
C THR H 20 -16.28 -55.26 19.98
N ASN H 21 -15.31 -56.08 20.42
CA ASN H 21 -15.20 -57.49 20.05
C ASN H 21 -14.60 -57.65 18.65
N GLU H 22 -13.99 -56.58 18.14
CA GLU H 22 -13.36 -56.58 16.83
C GLU H 22 -11.89 -56.91 17.03
N ARG H 23 -11.30 -57.71 16.16
CA ARG H 23 -9.89 -58.01 16.29
C ARG H 23 -9.16 -56.72 15.93
N PHE H 24 -9.61 -56.06 14.88
CA PHE H 24 -9.03 -54.80 14.43
C PHE H 24 -10.11 -53.74 14.34
N THR H 25 -9.98 -52.70 15.15
CA THR H 25 -10.97 -51.63 15.14
C THR H 25 -10.47 -50.48 14.27
N THR H 26 -11.39 -49.89 13.52
CA THR H 26 -11.06 -48.78 12.62
C THR H 26 -11.55 -47.44 13.19
N ILE H 27 -10.62 -46.66 13.72
CA ILE H 27 -10.96 -45.38 14.30
C ILE H 27 -10.87 -44.25 13.27
N ALA H 28 -12.04 -43.71 12.91
CA ALA H 28 -12.13 -42.64 11.93
C ALA H 28 -11.64 -41.30 12.48
N HIS H 29 -10.34 -41.06 12.36
CA HIS H 29 -9.72 -39.82 12.84
C HIS H 29 -10.48 -38.58 12.36
N ARG H 30 -11.21 -37.95 13.27
CA ARG H 30 -11.97 -36.74 12.95
C ARG H 30 -13.02 -37.01 11.90
N GLY H 31 -13.49 -38.25 11.84
CA GLY H 31 -14.48 -38.62 10.84
C GLY H 31 -13.79 -39.10 9.59
N ALA H 32 -14.45 -38.94 8.45
CA ALA H 32 -13.85 -39.34 7.17
C ALA H 32 -12.91 -38.20 6.79
N SER H 33 -12.04 -37.85 7.74
CA SER H 33 -11.07 -36.78 7.64
C SER H 33 -10.40 -36.57 6.26
N GLY H 34 -9.94 -37.67 5.65
CA GLY H 34 -9.28 -37.57 4.37
C GLY H 34 -10.14 -37.24 3.18
N TYR H 35 -11.44 -37.43 3.29
CA TYR H 35 -12.37 -37.16 2.17
C TYR H 35 -13.32 -35.99 2.42
N ALA H 36 -13.48 -35.62 3.67
CA ALA H 36 -14.37 -34.52 4.02
C ALA H 36 -13.75 -33.65 5.10
N PRO H 37 -14.27 -32.43 5.25
CA PRO H 37 -13.74 -31.50 6.26
C PRO H 37 -13.89 -32.09 7.67
N GLU H 38 -12.75 -32.32 8.31
CA GLU H 38 -12.70 -32.90 9.65
C GLU H 38 -13.76 -32.32 10.61
N HIS H 39 -14.24 -33.16 11.51
CA HIS H 39 -15.22 -32.75 12.52
C HIS H 39 -16.44 -32.00 12.03
N THR H 40 -17.14 -32.58 11.06
CA THR H 40 -18.37 -32.00 10.53
C THR H 40 -19.30 -33.17 10.28
N PHE H 41 -20.60 -32.92 10.28
CA PHE H 41 -21.55 -33.99 10.04
C PHE H 41 -21.15 -34.71 8.75
N GLN H 42 -20.68 -33.96 7.77
CA GLN H 42 -20.26 -34.56 6.51
C GLN H 42 -19.22 -35.63 6.78
N ALA H 43 -18.12 -35.22 7.41
CA ALA H 43 -17.03 -36.17 7.71
C ALA H 43 -17.50 -37.34 8.55
N TYR H 44 -18.39 -37.08 9.51
CA TYR H 44 -18.89 -38.16 10.36
C TYR H 44 -19.84 -39.05 9.60
N ASP H 45 -20.74 -38.45 8.83
CA ASP H 45 -21.70 -39.23 8.06
C ASP H 45 -20.96 -40.18 7.13
N LYS H 46 -19.92 -39.66 6.48
CA LYS H 46 -19.15 -40.46 5.56
C LYS H 46 -18.48 -41.67 6.22
N SER H 47 -17.70 -41.44 7.28
CA SER H 47 -17.02 -42.54 7.95
C SER H 47 -17.94 -43.52 8.68
N HIS H 48 -19.08 -43.02 9.14
CA HIS H 48 -20.00 -43.87 9.88
C HIS H 48 -21.00 -44.63 9.04
N ASN H 49 -21.67 -43.91 8.15
CA ASN H 49 -22.68 -44.49 7.28
C ASN H 49 -22.10 -45.18 6.05
N GLU H 50 -21.24 -44.46 5.35
CA GLU H 50 -20.61 -44.90 4.13
C GLU H 50 -19.50 -45.92 4.35
N LEU H 51 -18.35 -45.45 4.81
CA LEU H 51 -17.20 -46.34 5.03
C LEU H 51 -17.37 -47.35 6.15
N LYS H 52 -18.38 -47.12 6.99
CA LYS H 52 -18.69 -47.99 8.12
C LYS H 52 -17.49 -48.32 9.03
N ALA H 53 -16.87 -47.27 9.58
CA ALA H 53 -15.73 -47.44 10.48
C ALA H 53 -16.22 -47.71 11.90
N SER H 54 -15.34 -48.30 12.71
CA SER H 54 -15.68 -48.65 14.09
C SER H 54 -16.03 -47.48 15.01
N TYR H 55 -15.24 -46.41 14.97
CA TYR H 55 -15.48 -45.28 15.85
C TYR H 55 -15.58 -43.94 15.17
N ILE H 56 -16.28 -43.03 15.85
CA ILE H 56 -16.43 -41.66 15.40
C ILE H 56 -15.48 -40.93 16.35
N GLU H 57 -14.32 -40.50 15.85
CA GLU H 57 -13.33 -39.82 16.68
C GLU H 57 -13.62 -38.33 16.79
N ILE H 58 -13.78 -37.87 18.04
CA ILE H 58 -14.11 -36.47 18.30
C ILE H 58 -13.11 -35.71 19.18
N ASP H 59 -12.79 -34.48 18.78
CA ASP H 59 -11.87 -33.62 19.52
C ASP H 59 -12.70 -32.52 20.13
N LEU H 60 -12.60 -32.37 21.44
CA LEU H 60 -13.40 -31.38 22.15
C LEU H 60 -12.77 -30.01 22.42
N GLN H 61 -13.58 -28.98 22.25
CA GLN H 61 -13.19 -27.58 22.54
C GLN H 61 -14.46 -27.01 23.14
N ARG H 62 -14.41 -25.84 23.77
CA ARG H 62 -15.61 -25.29 24.36
C ARG H 62 -15.82 -23.85 23.97
N THR H 63 -17.07 -23.47 23.78
CA THR H 63 -17.40 -22.10 23.39
C THR H 63 -17.41 -21.17 24.59
N LYS H 64 -17.50 -19.87 24.30
CA LYS H 64 -17.54 -18.82 25.32
C LYS H 64 -18.64 -19.09 26.32
N ASP H 65 -19.78 -19.55 25.83
CA ASP H 65 -20.90 -19.84 26.71
C ASP H 65 -20.93 -21.31 27.13
N GLY H 66 -19.75 -21.93 27.16
CA GLY H 66 -19.59 -23.30 27.60
C GLY H 66 -20.11 -24.51 26.86
N HIS H 67 -20.34 -24.42 25.56
CA HIS H 67 -20.83 -25.58 24.83
C HIS H 67 -19.67 -26.43 24.35
N LEU H 68 -19.74 -27.73 24.60
CA LEU H 68 -18.70 -28.62 24.11
C LEU H 68 -18.93 -28.80 22.59
N VAL H 69 -17.90 -28.55 21.80
CA VAL H 69 -17.99 -28.68 20.36
C VAL H 69 -16.81 -29.47 19.83
N ALA H 70 -16.95 -29.98 18.63
CA ALA H 70 -15.90 -30.77 18.03
C ALA H 70 -15.02 -29.89 17.17
N MET H 71 -13.73 -29.83 17.50
CA MET H 71 -12.75 -29.08 16.73
C MET H 71 -11.38 -29.47 17.24
N HIS H 72 -10.43 -29.65 16.33
CA HIS H 72 -9.10 -30.06 16.74
C HIS H 72 -8.28 -28.97 17.41
N ASP H 73 -8.17 -27.81 16.78
CA ASP H 73 -7.39 -26.71 17.35
C ASP H 73 -8.20 -25.90 18.36
N GLU H 74 -7.51 -25.08 19.15
CA GLU H 74 -8.17 -24.24 20.15
C GLU H 74 -8.66 -22.97 19.46
N THR H 75 -8.25 -22.81 18.20
CA THR H 75 -8.62 -21.67 17.37
C THR H 75 -9.32 -22.13 16.10
N VAL H 76 -10.28 -21.32 15.66
CA VAL H 76 -11.07 -21.60 14.47
C VAL H 76 -10.38 -21.30 13.14
N ASN H 77 -9.21 -20.67 13.24
CA ASN H 77 -8.41 -20.24 12.08
C ASN H 77 -8.23 -21.24 10.94
N ARG H 78 -7.62 -22.38 11.27
CA ARG H 78 -7.34 -23.40 10.29
C ARG H 78 -8.54 -23.98 9.56
N THR H 79 -9.62 -24.26 10.29
CA THR H 79 -10.77 -24.90 9.68
C THR H 79 -12.03 -24.07 9.44
N THR H 80 -11.93 -22.76 9.54
CA THR H 80 -13.10 -21.93 9.27
C THR H 80 -12.71 -20.59 8.65
N ASN H 81 -13.75 -19.86 8.26
CA ASN H 81 -13.58 -18.54 7.65
C ASN H 81 -13.52 -17.51 8.76
N GLY H 82 -13.12 -17.96 9.94
CA GLY H 82 -13.02 -17.07 11.09
C GLY H 82 -11.68 -17.16 11.78
N HIS H 83 -11.45 -16.25 12.71
CA HIS H 83 -10.21 -16.21 13.49
C HIS H 83 -10.51 -16.06 14.97
N GLY H 84 -9.60 -16.56 15.81
CA GLY H 84 -9.79 -16.45 17.25
C GLY H 84 -9.86 -17.78 17.98
N LYS H 85 -9.88 -17.71 19.30
CA LYS H 85 -9.96 -18.90 20.13
C LYS H 85 -11.41 -19.36 20.16
N VAL H 86 -11.63 -20.67 20.12
CA VAL H 86 -12.98 -21.21 20.14
C VAL H 86 -13.76 -20.58 21.28
N GLU H 87 -13.11 -20.43 22.43
CA GLU H 87 -13.79 -19.87 23.59
C GLU H 87 -14.15 -18.39 23.49
N ASP H 88 -13.71 -17.72 22.43
CA ASP H 88 -14.05 -16.30 22.26
C ASP H 88 -15.37 -16.19 21.48
N TYR H 89 -15.81 -17.33 20.96
CA TYR H 89 -17.06 -17.40 20.21
C TYR H 89 -18.16 -18.01 21.06
N THR H 90 -19.38 -17.53 20.90
CA THR H 90 -20.51 -18.14 21.59
C THR H 90 -20.95 -19.21 20.61
N LEU H 91 -21.63 -20.24 21.08
CA LEU H 91 -22.07 -21.30 20.17
C LEU H 91 -22.74 -20.68 18.97
N ASP H 92 -23.60 -19.70 19.25
CA ASP H 92 -24.33 -19.03 18.19
C ASP H 92 -23.43 -18.38 17.15
N GLU H 93 -22.38 -17.73 17.61
CA GLU H 93 -21.47 -17.08 16.69
C GLU H 93 -20.68 -18.14 15.93
N LEU H 94 -20.20 -19.15 16.65
CA LEU H 94 -19.43 -20.20 16.04
C LEU H 94 -20.23 -20.87 14.91
N LYS H 95 -21.56 -20.92 15.07
CA LYS H 95 -22.44 -21.54 14.08
C LYS H 95 -22.55 -20.74 12.78
N GLN H 96 -22.02 -19.52 12.79
CA GLN H 96 -22.07 -18.68 11.60
C GLN H 96 -20.90 -19.04 10.69
N LEU H 97 -19.82 -19.54 11.29
CA LEU H 97 -18.64 -19.90 10.53
C LEU H 97 -18.87 -20.99 9.48
N ASP H 98 -17.94 -21.03 8.52
CA ASP H 98 -17.96 -21.98 7.44
C ASP H 98 -16.83 -22.93 7.80
N ALA H 99 -17.20 -24.15 8.19
CA ALA H 99 -16.20 -25.14 8.58
C ALA H 99 -15.87 -26.13 7.48
N GLY H 100 -16.32 -25.83 6.26
CA GLY H 100 -16.08 -26.73 5.13
C GLY H 100 -15.23 -26.20 3.99
N SER H 101 -15.50 -24.98 3.55
CA SER H 101 -14.75 -24.39 2.43
C SER H 101 -13.25 -24.63 2.49
N TRP H 102 -12.65 -24.40 3.64
CA TRP H 102 -11.21 -24.58 3.79
C TRP H 102 -10.73 -25.93 3.28
N PHE H 103 -11.57 -26.95 3.38
CA PHE H 103 -11.20 -28.30 2.93
C PHE H 103 -11.08 -28.36 1.41
N ASN H 104 -12.04 -27.78 0.71
CA ASN H 104 -12.01 -27.76 -0.75
C ASN H 104 -10.73 -27.08 -1.22
N LYS H 105 -10.38 -25.96 -0.61
CA LYS H 105 -9.19 -25.24 -0.99
C LYS H 105 -7.90 -26.01 -0.72
N LYS H 106 -7.84 -26.72 0.39
CA LYS H 106 -6.62 -27.45 0.72
C LYS H 106 -6.48 -28.78 0.01
N TYR H 107 -7.60 -29.41 -0.30
CA TYR H 107 -7.61 -30.72 -0.97
C TYR H 107 -8.53 -30.66 -2.19
N PRO H 108 -8.13 -29.91 -3.21
CA PRO H 108 -8.92 -29.76 -4.44
C PRO H 108 -9.38 -31.08 -5.03
N LYS H 109 -8.59 -32.13 -4.83
CA LYS H 109 -8.97 -33.41 -5.41
C LYS H 109 -10.12 -34.12 -4.71
N TYR H 110 -10.51 -33.62 -3.54
CA TYR H 110 -11.63 -34.22 -2.81
C TYR H 110 -12.74 -33.22 -2.60
N ALA H 111 -12.47 -31.98 -3.02
CA ALA H 111 -13.41 -30.89 -2.88
C ALA H 111 -14.83 -31.30 -3.23
N ARG H 112 -15.79 -30.55 -2.74
CA ARG H 112 -17.19 -30.84 -2.99
C ARG H 112 -18.00 -29.61 -2.66
N ALA H 113 -18.93 -29.28 -3.54
CA ALA H 113 -19.77 -28.10 -3.37
C ALA H 113 -20.57 -28.15 -2.08
N SER H 114 -21.04 -29.34 -1.71
CA SER H 114 -21.83 -29.51 -0.50
C SER H 114 -21.02 -29.21 0.78
N TYR H 115 -19.70 -29.25 0.68
CA TYR H 115 -18.86 -28.96 1.84
C TYR H 115 -18.90 -27.50 2.23
N LYS H 116 -19.31 -26.63 1.31
CA LYS H 116 -19.38 -25.23 1.65
C LYS H 116 -20.39 -24.99 2.75
N ASN H 117 -20.01 -24.11 3.67
CA ASN H 117 -20.84 -23.76 4.80
C ASN H 117 -21.17 -24.91 5.77
N ALA H 118 -20.29 -25.90 5.83
CA ALA H 118 -20.47 -27.00 6.76
C ALA H 118 -20.36 -26.30 8.12
N LYS H 119 -21.07 -26.80 9.11
CA LYS H 119 -21.04 -26.19 10.43
C LYS H 119 -20.21 -26.97 11.45
N VAL H 120 -19.78 -26.27 12.49
CA VAL H 120 -19.05 -26.89 13.58
C VAL H 120 -20.15 -27.57 14.39
N PRO H 121 -19.95 -28.84 14.75
CA PRO H 121 -20.97 -29.55 15.52
C PRO H 121 -20.71 -29.55 17.02
N THR H 122 -21.77 -29.58 17.82
CA THR H 122 -21.62 -29.63 19.27
C THR H 122 -21.58 -31.11 19.61
N LEU H 123 -20.99 -31.45 20.76
CA LEU H 123 -20.91 -32.85 21.17
C LEU H 123 -22.30 -33.40 21.29
N ASP H 124 -23.22 -32.58 21.77
CA ASP H 124 -24.59 -33.00 21.92
C ASP H 124 -25.17 -33.41 20.58
N GLU H 125 -25.03 -32.54 19.58
CA GLU H 125 -25.55 -32.82 18.24
C GLU H 125 -25.01 -34.12 17.71
N ILE H 126 -23.70 -34.32 17.89
CA ILE H 126 -23.07 -35.55 17.42
C ILE H 126 -23.70 -36.79 18.06
N LEU H 127 -23.74 -36.84 19.39
CA LEU H 127 -24.32 -37.98 20.08
C LEU H 127 -25.77 -38.13 19.65
N GLU H 128 -26.44 -37.00 19.54
CA GLU H 128 -27.84 -36.94 19.12
C GLU H 128 -28.02 -37.64 17.77
N ARG H 129 -27.25 -37.18 16.79
CA ARG H 129 -27.30 -37.67 15.43
C ARG H 129 -26.98 -39.14 15.19
N TYR H 130 -25.87 -39.64 15.73
CA TYR H 130 -25.50 -41.03 15.49
C TYR H 130 -26.04 -42.04 16.47
N GLY H 131 -26.75 -41.56 17.48
CA GLY H 131 -27.38 -42.44 18.44
C GLY H 131 -26.51 -43.26 19.35
N PRO H 132 -27.15 -43.96 20.30
CA PRO H 132 -26.55 -44.82 21.31
C PRO H 132 -25.97 -46.11 20.80
N ASN H 133 -26.04 -46.33 19.50
CA ASN H 133 -25.47 -47.57 18.98
C ASN H 133 -24.14 -47.38 18.28
N ALA H 134 -23.78 -46.12 18.08
CA ALA H 134 -22.52 -45.78 17.46
C ALA H 134 -21.42 -45.98 18.50
N ASN H 135 -20.18 -45.78 18.10
CA ASN H 135 -19.06 -45.89 19.04
C ASN H 135 -18.27 -44.61 18.94
N TYR H 136 -18.02 -43.99 20.09
CA TYR H 136 -17.34 -42.72 20.09
C TYR H 136 -15.99 -42.77 20.77
N TYR H 137 -15.04 -42.05 20.20
CA TYR H 137 -13.69 -41.97 20.73
C TYR H 137 -13.49 -40.49 20.95
N ILE H 138 -13.73 -40.04 22.19
CA ILE H 138 -13.64 -38.61 22.53
C ILE H 138 -12.39 -38.18 23.28
N GLU H 139 -11.78 -37.08 22.83
CA GLU H 139 -10.55 -36.53 23.41
C GLU H 139 -10.74 -35.26 24.24
N THR H 140 -10.11 -35.25 25.42
CA THR H 140 -10.18 -34.12 26.34
C THR H 140 -8.82 -33.45 26.46
N LYS H 141 -8.82 -32.17 26.87
CA LYS H 141 -7.60 -31.38 27.09
C LYS H 141 -7.29 -31.34 28.61
N SER H 142 -6.36 -30.47 29.02
CA SER H 142 -5.99 -30.38 30.43
C SER H 142 -7.11 -29.76 31.28
N PRO H 143 -7.31 -30.33 32.50
CA PRO H 143 -8.34 -29.87 33.46
C PRO H 143 -8.20 -28.39 33.79
N ASP H 144 -7.15 -27.78 33.25
CA ASP H 144 -6.86 -26.36 33.46
C ASP H 144 -7.29 -25.54 32.25
N VAL H 145 -7.17 -26.10 31.05
CA VAL H 145 -7.54 -25.36 29.87
C VAL H 145 -9.05 -25.12 29.78
N TYR H 146 -9.84 -26.15 30.10
CA TYR H 146 -11.29 -26.03 30.05
C TYR H 146 -11.90 -26.67 31.31
N PRO H 147 -11.74 -26.02 32.48
CA PRO H 147 -12.28 -26.53 33.75
C PRO H 147 -13.75 -26.94 33.65
N GLY H 148 -14.03 -28.20 33.97
CA GLY H 148 -15.39 -28.69 33.91
C GLY H 148 -15.65 -29.56 32.67
N MET H 149 -14.72 -29.55 31.72
CA MET H 149 -14.88 -30.34 30.51
C MET H 149 -15.24 -31.77 30.85
N GLU H 150 -14.43 -32.44 31.66
CA GLU H 150 -14.70 -33.82 32.03
C GLU H 150 -16.11 -34.01 32.57
N GLU H 151 -16.47 -33.24 33.60
CA GLU H 151 -17.80 -33.34 34.21
C GLU H 151 -18.88 -33.19 33.13
N GLN H 152 -18.66 -32.26 32.20
CA GLN H 152 -19.61 -32.01 31.11
C GLN H 152 -19.67 -33.20 30.14
N LEU H 153 -18.52 -33.71 29.74
CA LEU H 153 -18.50 -34.83 28.83
C LEU H 153 -19.32 -35.97 29.40
N LEU H 154 -19.00 -36.38 30.63
CA LEU H 154 -19.73 -37.45 31.27
C LEU H 154 -21.21 -37.16 31.37
N ALA H 155 -21.56 -35.93 31.72
CA ALA H 155 -22.98 -35.61 31.84
C ALA H 155 -23.68 -35.79 30.49
N SER H 156 -23.01 -35.33 29.44
CA SER H 156 -23.54 -35.43 28.09
C SER H 156 -23.68 -36.90 27.68
N LEU H 157 -22.65 -37.69 27.94
CA LEU H 157 -22.69 -39.11 27.62
C LEU H 157 -23.86 -39.74 28.33
N LYS H 158 -24.04 -39.42 29.61
CA LYS H 158 -25.15 -40.00 30.36
C LYS H 158 -26.48 -39.61 29.76
N LYS H 159 -26.60 -38.34 29.41
CA LYS H 159 -27.85 -37.86 28.82
C LYS H 159 -28.25 -38.72 27.63
N HIS H 160 -27.25 -39.08 26.82
CA HIS H 160 -27.48 -39.88 25.62
C HIS H 160 -27.40 -41.39 25.83
N HIS H 161 -27.58 -41.81 27.06
CA HIS H 161 -27.59 -43.24 27.40
C HIS H 161 -26.33 -44.02 27.07
N LEU H 162 -25.20 -43.33 26.94
CA LEU H 162 -23.98 -44.01 26.62
C LEU H 162 -23.18 -44.41 27.84
N LEU H 163 -23.67 -44.04 29.02
CA LEU H 163 -22.95 -44.40 30.23
C LEU H 163 -23.45 -45.68 30.87
N ASN H 164 -24.52 -46.23 30.32
CA ASN H 164 -25.08 -47.48 30.83
C ASN H 164 -23.95 -48.52 30.78
N ASN H 165 -23.77 -49.27 31.85
CA ASN H 165 -22.71 -50.26 31.91
C ASN H 165 -22.65 -51.19 30.71
N ASN H 166 -23.81 -51.53 30.18
CA ASN H 166 -23.88 -52.40 29.03
C ASN H 166 -23.11 -51.73 27.88
N LYS H 167 -23.50 -50.51 27.52
CA LYS H 167 -22.85 -49.77 26.45
C LYS H 167 -21.35 -49.61 26.71
N LEU H 168 -20.98 -49.37 27.96
CA LEU H 168 -19.58 -49.17 28.31
C LEU H 168 -18.67 -50.35 28.09
N LYS H 169 -19.12 -51.55 28.44
CA LYS H 169 -18.26 -52.72 28.25
C LYS H 169 -18.30 -53.30 26.84
N ASN H 170 -19.10 -52.70 25.97
CA ASN H 170 -19.18 -53.12 24.57
C ASN H 170 -18.37 -52.17 23.69
N GLY H 171 -17.65 -51.26 24.33
CA GLY H 171 -16.81 -50.32 23.62
C GLY H 171 -17.49 -49.12 22.99
N HIS H 172 -18.74 -48.84 23.34
CA HIS H 172 -19.44 -47.70 22.76
C HIS H 172 -18.78 -46.38 23.13
N VAL H 173 -17.96 -46.41 24.17
CA VAL H 173 -17.27 -45.20 24.62
C VAL H 173 -15.82 -45.45 24.98
N MET H 174 -14.95 -44.61 24.42
CA MET H 174 -13.53 -44.66 24.70
C MET H 174 -13.11 -43.19 24.84
N ILE H 175 -12.75 -42.78 26.05
CA ILE H 175 -12.30 -41.40 26.27
C ILE H 175 -10.78 -41.41 26.24
N GLN H 176 -10.23 -40.53 25.40
CA GLN H 176 -8.79 -40.45 25.21
C GLN H 176 -8.26 -39.08 25.59
N SER H 177 -6.99 -39.03 25.97
CA SER H 177 -6.36 -37.76 26.33
C SER H 177 -4.86 -37.91 26.52
N PHE H 178 -4.16 -36.80 26.35
CA PHE H 178 -2.71 -36.77 26.57
C PHE H 178 -2.48 -36.44 28.04
N SER H 179 -3.50 -35.84 28.66
CA SER H 179 -3.46 -35.42 30.06
C SER H 179 -3.81 -36.51 31.04
N ASP H 180 -2.81 -37.02 31.75
CA ASP H 180 -3.03 -38.06 32.75
C ASP H 180 -3.98 -37.50 33.80
N GLU H 181 -3.86 -36.20 34.03
CA GLU H 181 -4.68 -35.54 35.03
C GLU H 181 -6.15 -35.63 34.67
N SER H 182 -6.45 -35.37 33.40
CA SER H 182 -7.80 -35.42 32.89
C SER H 182 -8.37 -36.84 32.99
N LEU H 183 -7.57 -37.83 32.58
CA LEU H 183 -8.02 -39.21 32.64
C LEU H 183 -8.25 -39.67 34.09
N LYS H 184 -7.31 -39.36 34.97
CA LYS H 184 -7.42 -39.74 36.37
C LYS H 184 -8.65 -39.10 37.01
N LYS H 185 -8.97 -37.88 36.60
CA LYS H 185 -10.15 -37.22 37.14
C LYS H 185 -11.39 -38.01 36.73
N ILE H 186 -11.45 -38.40 35.46
CA ILE H 186 -12.59 -39.16 34.96
C ILE H 186 -12.66 -40.53 35.62
N HIS H 187 -11.50 -41.17 35.76
CA HIS H 187 -11.47 -42.50 36.37
C HIS H 187 -12.02 -42.49 37.80
N ARG H 188 -11.71 -41.42 38.54
CA ARG H 188 -12.20 -41.29 39.91
C ARG H 188 -13.72 -41.11 39.91
N GLN H 189 -14.18 -40.23 39.03
CA GLN H 189 -15.59 -39.93 38.92
C GLN H 189 -16.41 -41.10 38.40
N ASN H 190 -15.82 -41.92 37.52
CA ASN H 190 -16.53 -43.09 36.97
C ASN H 190 -15.51 -44.11 36.50
N LYS H 191 -15.23 -45.09 37.35
CA LYS H 191 -14.25 -46.12 37.06
C LYS H 191 -14.60 -47.03 35.89
N HIS H 192 -15.84 -46.96 35.44
CA HIS H 192 -16.30 -47.81 34.35
C HIS H 192 -16.11 -47.33 32.92
N VAL H 193 -15.70 -46.09 32.73
CA VAL H 193 -15.51 -45.57 31.39
C VAL H 193 -14.11 -45.94 30.91
N PRO H 194 -14.02 -46.66 29.78
CA PRO H 194 -12.71 -47.04 29.22
C PRO H 194 -11.89 -45.80 28.93
N LEU H 195 -10.65 -45.79 29.39
CA LEU H 195 -9.79 -44.63 29.16
C LEU H 195 -8.57 -44.98 28.34
N VAL H 196 -8.17 -44.06 27.47
CA VAL H 196 -7.01 -44.26 26.62
C VAL H 196 -6.02 -43.13 26.78
N LYS H 197 -4.79 -43.50 27.12
CA LYS H 197 -3.72 -42.53 27.30
C LYS H 197 -3.02 -42.28 25.96
N LEU H 198 -3.04 -41.03 25.52
CA LEU H 198 -2.39 -40.66 24.27
C LEU H 198 -0.92 -40.33 24.55
N VAL H 199 -0.03 -41.04 23.88
CA VAL H 199 1.40 -40.83 24.06
C VAL H 199 1.87 -39.92 22.95
N ASP H 200 2.83 -39.05 23.27
CA ASP H 200 3.35 -38.14 22.27
C ASP H 200 4.47 -38.75 21.43
N LYS H 201 4.85 -38.03 20.38
CA LYS H 201 5.90 -38.47 19.48
C LYS H 201 7.24 -38.55 20.21
N GLY H 202 7.79 -39.76 20.31
CA GLY H 202 9.06 -39.94 20.98
C GLY H 202 8.86 -40.18 22.47
N GLU H 203 7.73 -39.72 23.01
CA GLU H 203 7.45 -39.89 24.43
C GLU H 203 7.27 -41.36 24.86
N LEU H 204 6.85 -42.21 23.93
CA LEU H 204 6.63 -43.61 24.26
C LEU H 204 7.85 -44.26 24.91
N GLN H 205 9.01 -44.07 24.29
CA GLN H 205 10.26 -44.62 24.80
C GLN H 205 10.53 -44.08 26.19
N GLN H 206 10.52 -42.76 26.29
CA GLN H 206 10.78 -42.05 27.53
C GLN H 206 10.26 -42.68 28.82
N PHE H 207 9.13 -43.39 28.80
CA PHE H 207 8.71 -43.97 30.07
C PHE H 207 8.72 -45.48 30.25
N ASN H 208 9.36 -45.86 31.37
CA ASN H 208 9.58 -47.22 31.84
C ASN H 208 8.34 -48.04 32.18
N ASP H 209 8.60 -49.19 32.79
CA ASP H 209 7.56 -50.13 33.19
C ASP H 209 6.73 -49.64 34.37
N GLN H 210 7.38 -49.03 35.35
CA GLN H 210 6.63 -48.52 36.51
C GLN H 210 5.61 -47.51 35.99
N ARG H 211 6.05 -46.68 35.04
CA ARG H 211 5.19 -45.67 34.45
C ARG H 211 4.00 -46.35 33.77
N LEU H 212 4.31 -47.28 32.89
CA LEU H 212 3.27 -48.00 32.17
C LEU H 212 2.33 -48.67 33.17
N LYS H 213 2.91 -49.28 34.20
CA LYS H 213 2.13 -49.97 35.22
C LYS H 213 1.07 -49.06 35.83
N GLU H 214 1.43 -47.82 36.10
CA GLU H 214 0.50 -46.88 36.69
C GLU H 214 -0.49 -46.36 35.66
N ILE H 215 -0.03 -46.07 34.45
CA ILE H 215 -0.93 -45.60 33.40
C ILE H 215 -2.01 -46.67 33.24
N ARG H 216 -1.57 -47.93 33.26
CA ARG H 216 -2.45 -49.07 33.10
C ARG H 216 -3.45 -49.20 34.25
N SER H 217 -3.21 -48.48 35.34
CA SER H 217 -4.13 -48.57 36.47
C SER H 217 -5.41 -47.80 36.26
N TYR H 218 -5.40 -46.85 35.31
CA TYR H 218 -6.61 -46.07 35.03
C TYR H 218 -7.03 -46.11 33.57
N ALA H 219 -6.12 -46.51 32.69
CA ALA H 219 -6.41 -46.59 31.26
C ALA H 219 -6.20 -47.99 30.70
N ILE H 220 -7.24 -48.53 30.05
CA ILE H 220 -7.14 -49.86 29.45
C ILE H 220 -6.38 -49.77 28.15
N GLY H 221 -6.40 -48.59 27.53
CA GLY H 221 -5.73 -48.42 26.27
C GLY H 221 -4.63 -47.38 26.22
N LEU H 222 -3.76 -47.53 25.24
CA LEU H 222 -2.63 -46.65 25.04
C LEU H 222 -2.56 -46.28 23.55
N GLY H 223 -2.54 -44.99 23.26
CA GLY H 223 -2.48 -44.56 21.87
C GLY H 223 -1.23 -43.75 21.56
N PRO H 224 -0.13 -44.41 21.15
CA PRO H 224 1.15 -43.77 20.81
C PRO H 224 1.23 -43.35 19.35
N ASP H 225 2.17 -42.45 19.06
CA ASP H 225 2.37 -42.03 17.68
C ASP H 225 2.81 -43.34 17.01
N TYR H 226 2.18 -43.71 15.90
CA TYR H 226 2.52 -44.98 15.26
C TYR H 226 3.99 -45.20 14.89
N THR H 227 4.72 -44.11 14.63
CA THR H 227 6.12 -44.22 14.26
C THR H 227 7.00 -44.70 15.40
N ASP H 228 6.56 -44.56 16.64
CA ASP H 228 7.38 -45.02 17.77
C ASP H 228 7.18 -46.51 18.02
N LEU H 229 6.26 -47.13 17.30
CA LEU H 229 6.01 -48.55 17.50
C LEU H 229 6.95 -49.44 16.72
N THR H 230 7.24 -50.58 17.32
CA THR H 230 8.11 -51.61 16.74
C THR H 230 7.51 -52.91 17.24
N GLU H 231 7.70 -54.01 16.52
CA GLU H 231 7.13 -55.27 16.96
C GLU H 231 7.37 -55.61 18.43
N GLN H 232 8.56 -55.32 18.95
CA GLN H 232 8.87 -55.65 20.34
C GLN H 232 8.12 -54.82 21.38
N ASN H 233 8.24 -53.49 21.35
CA ASN H 233 7.54 -52.69 22.34
C ASN H 233 6.03 -52.94 22.25
N THR H 234 5.55 -53.15 21.04
CA THR H 234 4.13 -53.42 20.82
C THR H 234 3.75 -54.65 21.61
N HIS H 235 4.56 -55.69 21.48
CA HIS H 235 4.31 -56.94 22.21
C HIS H 235 4.36 -56.66 23.70
N HIS H 236 5.38 -55.91 24.11
CA HIS H 236 5.55 -55.58 25.52
C HIS H 236 4.30 -54.90 26.09
N LEU H 237 3.83 -53.87 25.39
CA LEU H 237 2.63 -53.14 25.81
C LEU H 237 1.45 -54.09 25.90
N LYS H 238 1.25 -54.89 24.85
CA LYS H 238 0.16 -55.86 24.82
C LYS H 238 0.25 -56.78 26.03
N ASP H 239 1.50 -57.12 26.42
CA ASP H 239 1.76 -57.99 27.56
C ASP H 239 1.34 -57.32 28.85
N LEU H 240 1.56 -56.02 28.92
CA LEU H 240 1.21 -55.25 30.10
C LEU H 240 -0.31 -55.05 30.20
N GLY H 241 -1.06 -55.71 29.32
CA GLY H 241 -2.51 -55.63 29.35
C GLY H 241 -3.14 -54.49 28.55
N PHE H 242 -2.31 -53.74 27.84
CA PHE H 242 -2.82 -52.63 27.04
C PHE H 242 -3.51 -53.04 25.76
N ILE H 243 -4.31 -52.11 25.26
CA ILE H 243 -5.00 -52.23 23.98
C ILE H 243 -4.24 -51.13 23.26
N VAL H 244 -3.71 -51.42 22.08
CA VAL H 244 -2.93 -50.41 21.39
C VAL H 244 -3.55 -49.88 20.11
N HIS H 245 -3.69 -48.55 20.05
CA HIS H 245 -4.26 -47.89 18.89
C HIS H 245 -3.33 -46.74 18.50
N PRO H 246 -2.29 -47.02 17.71
CA PRO H 246 -1.34 -46.00 17.27
C PRO H 246 -2.07 -44.92 16.46
N TYR H 247 -1.55 -43.69 16.44
CA TYR H 247 -2.27 -42.68 15.70
C TYR H 247 -1.77 -42.07 14.43
N THR H 248 -2.80 -41.92 13.60
CA THR H 248 -2.87 -41.41 12.25
C THR H 248 -1.96 -42.10 11.26
N VAL H 249 -2.42 -43.30 10.91
CA VAL H 249 -1.78 -44.20 9.97
C VAL H 249 -2.63 -44.11 8.71
N ASN H 250 -2.11 -43.52 7.64
CA ASN H 250 -2.89 -43.40 6.42
C ASN H 250 -2.32 -44.20 5.24
N GLU H 251 -1.19 -44.87 5.48
CA GLU H 251 -0.54 -45.67 4.44
C GLU H 251 -0.80 -47.16 4.61
N LYS H 252 -1.37 -47.78 3.57
CA LYS H 252 -1.67 -49.21 3.60
C LYS H 252 -0.47 -50.04 4.11
N ALA H 253 0.72 -49.68 3.65
CA ALA H 253 1.94 -50.40 4.05
C ALA H 253 2.10 -50.44 5.55
N ASP H 254 2.01 -49.27 6.19
CA ASP H 254 2.14 -49.15 7.64
C ASP H 254 1.01 -49.90 8.34
N MET H 255 -0.20 -49.77 7.80
CA MET H 255 -1.37 -50.43 8.37
C MET H 255 -1.06 -51.92 8.50
N LEU H 256 -0.56 -52.52 7.42
CA LEU H 256 -0.24 -53.93 7.45
C LEU H 256 0.86 -54.23 8.45
N ARG H 257 1.94 -53.44 8.39
CA ARG H 257 3.07 -53.66 9.29
C ARG H 257 2.60 -53.69 10.73
N LEU H 258 1.96 -52.59 11.14
CA LEU H 258 1.45 -52.43 12.50
C LEU H 258 0.53 -53.59 12.92
N ASN H 259 -0.39 -53.99 12.04
CA ASN H 259 -1.29 -55.09 12.36
C ASN H 259 -0.48 -56.32 12.70
N LYS H 260 0.63 -56.50 11.98
CA LYS H 260 1.51 -57.64 12.22
C LYS H 260 2.17 -57.53 13.59
N TYR H 261 2.51 -56.31 13.99
CA TYR H 261 3.12 -56.10 15.30
C TYR H 261 2.17 -56.61 16.37
N GLY H 262 0.87 -56.41 16.13
CA GLY H 262 -0.14 -56.87 17.08
C GLY H 262 -1.12 -55.83 17.58
N VAL H 263 -1.07 -54.62 17.02
CA VAL H 263 -1.97 -53.56 17.44
C VAL H 263 -3.43 -54.01 17.31
N ASP H 264 -4.32 -53.24 17.94
CA ASP H 264 -5.72 -53.57 17.93
C ASP H 264 -6.54 -52.68 17.02
N GLY H 265 -5.85 -51.79 16.32
CA GLY H 265 -6.55 -50.89 15.42
C GLY H 265 -5.73 -49.64 15.23
N VAL H 266 -6.28 -48.67 14.49
CA VAL H 266 -5.57 -47.43 14.27
C VAL H 266 -6.48 -46.24 14.04
N PHE H 267 -5.94 -45.05 14.23
CA PHE H 267 -6.65 -43.82 13.97
C PHE H 267 -6.25 -43.59 12.53
N THR H 268 -7.20 -43.26 11.65
CA THR H 268 -6.83 -43.02 10.26
C THR H 268 -7.78 -42.08 9.57
N ASN H 269 -7.25 -41.37 8.60
CA ASN H 269 -8.07 -40.43 7.85
C ASN H 269 -8.68 -41.12 6.63
N PHE H 270 -8.37 -42.40 6.48
CA PHE H 270 -8.87 -43.20 5.36
C PHE H 270 -9.38 -44.53 5.88
N ALA H 271 -10.60 -44.50 6.41
CA ALA H 271 -11.22 -45.68 6.98
C ALA H 271 -11.20 -46.88 6.06
N ASP H 272 -11.60 -46.66 4.80
CA ASP H 272 -11.63 -47.74 3.83
C ASP H 272 -10.28 -48.44 3.62
N LYS H 273 -9.21 -47.66 3.48
CA LYS H 273 -7.88 -48.24 3.28
C LYS H 273 -7.57 -49.23 4.40
N TYR H 274 -7.88 -48.84 5.64
CA TYR H 274 -7.61 -49.73 6.76
C TYR H 274 -8.55 -50.93 6.77
N LYS H 275 -9.83 -50.70 6.50
CA LYS H 275 -10.76 -51.81 6.48
C LYS H 275 -10.35 -52.85 5.41
N GLU H 276 -9.81 -52.37 4.29
CA GLU H 276 -9.35 -53.24 3.22
C GLU H 276 -8.15 -54.05 3.69
N VAL H 277 -7.20 -53.36 4.31
CA VAL H 277 -6.01 -54.04 4.81
C VAL H 277 -6.41 -55.14 5.79
N ILE H 278 -7.54 -54.95 6.46
CA ILE H 278 -8.01 -55.94 7.42
C ILE H 278 -8.64 -57.10 6.66
N LYS H 279 -9.37 -56.77 5.61
CA LYS H 279 -10.05 -57.77 4.78
C LYS H 279 -9.07 -58.78 4.22
N GLU H 280 -7.85 -58.33 3.94
CA GLU H 280 -6.78 -59.17 3.38
C GLU H 280 -5.88 -59.75 4.48
NA NA I . 34.36 19.42 -13.75
C1 GOL J . 37.58 19.16 -12.18
O1 GOL J . 36.78 20.05 -12.94
C2 GOL J . 36.66 18.27 -11.38
O2 GOL J . 35.46 18.98 -11.15
C3 GOL J . 36.37 16.98 -12.14
O3 GOL J . 35.21 16.34 -11.58
NA NA K . -14.46 8.05 18.48
C1 GOL L . -16.22 10.85 20.12
O1 GOL L . -15.01 10.81 19.36
C2 GOL L . -17.26 9.80 19.64
O2 GOL L . -17.03 9.48 18.26
C3 GOL L . -17.18 8.52 20.50
O3 GOL L . -17.18 7.33 19.69
NA NA M . -5.96 47.70 -4.37
C1 GOL N . -7.87 48.72 -1.61
O1 GOL N . -7.63 47.43 -2.16
C2 GOL N . -6.56 49.41 -1.26
O2 GOL N . -5.48 48.63 -1.75
C3 GOL N . -6.54 50.83 -1.88
O3 GOL N . -5.46 50.94 -2.83
NA NA O . -6.14 3.10 -25.63
C1 GOL P . -8.17 2.18 -28.50
O1 GOL P . -7.85 1.78 -27.15
C2 GOL P . -8.05 3.70 -28.68
O2 GOL P . -8.13 4.34 -27.40
C3 GOL P . -6.72 4.07 -29.37
O3 GOL P . -6.12 5.21 -28.73
NA NA Q . 17.84 -5.15 38.89
C1 GOL R . 20.53 -6.25 36.84
O1 GOL R . 20.35 -5.00 37.53
C2 GOL R . 20.58 -7.40 37.85
O2 GOL R . 20.09 -6.97 39.13
C3 GOL R . 19.75 -8.59 37.34
O3 GOL R . 18.43 -8.57 37.93
NA NA S . -44.86 -18.30 -12.60
C1 GOL T . -44.79 -18.50 -16.25
O1 GOL T . -44.19 -17.70 -15.23
C2 GOL T . -45.18 -19.89 -15.70
O2 GOL T . -44.39 -20.21 -14.54
C3 GOL T . -46.66 -19.90 -15.33
O3 GOL T . -46.95 -21.02 -14.48
NA NA U . 26.96 -18.95 -19.32
C1 GOL V . 27.93 -20.13 -15.91
O1 GOL V . 27.00 -20.29 -16.99
C2 GOL V . 29.17 -19.38 -16.38
O2 GOL V . 29.30 -19.49 -17.80
C3 GOL V . 29.08 -17.91 -15.97
O3 GOL V . 30.17 -17.17 -16.52
NA NA W . -7.54 -36.47 18.12
C1 GOL X . -4.81 -38.94 18.72
O1 GOL X . -6.24 -38.93 18.79
C2 GOL X . -4.28 -37.77 17.86
O2 GOL X . -5.17 -37.48 16.78
C3 GOL X . -4.10 -36.53 18.73
O3 GOL X . -3.15 -35.65 18.12
#